data_9CD4
#
_entry.id   9CD4
#
_cell.length_a   1.00
_cell.length_b   1.00
_cell.length_c   1.00
_cell.angle_alpha   90.00
_cell.angle_beta   90.00
_cell.angle_gamma   90.00
#
_symmetry.space_group_name_H-M   'P 1'
#
loop_
_entity.id
_entity.type
_entity.pdbx_description
1 polymer 'Phosphoketolase family protein'
2 non-polymer '2-ACETYL-THIAMINE DIPHOSPHATE'
#
_entity_poly.entity_id   1
_entity_poly.type   'polypeptide(L)'
_entity_poly.pdbx_seq_one_letter_code
;MWSHPQFEKGGSGNSGQNLENIKKFIRAANYLTVSQIFLQDNFLLERPLTFEDIKPRLLGHWGSCPGVNWVYAHLLNIQK
QLEFAKSGLKAAFMLGPGHAFPALQANLFMEETLSKVDKKATRNAQGIEYISKNFSWPGGFPSSASPFTPGVILEGGELG
YSLSTAFGAILDNPNLVMTTLIGDGEAETGSIAAAWHLSKLIDPVKNGVVLPVLHLNGYKISGPTIFGSMSDFELIQFFH
GAGWEPKIVDEYSAEDFDLELSNAFSNAFRDISRIKFGRNSKFIRLPMIIMRSKKGSSGVKENNGQKIEGNSLAHQVPLL
KAKTDKNELEKLENWMKSYKFDELFDYERGEFKWWINDFLPENSSRIGRNRFVDANLNFKELKLPEITEGFGEKSLAMNA
VGSLLEKVFEKNPDNFRFFSPDETYSNKLDAIFEATSRSWQREIKPWEKDLAKNGRVTEILSENCLQGLLQGYILTGRYG
VLTSYEAFAPVISSMMDQYAKFLAQSKEVKWRGDLASLNYILTSTGWRQDHNGFNHQNPSFIDEVLRRENGIGQIFLPAD
DNSAVAAISKMLKTRNNINVLVAGKTPEPRYFSLESAQKQLENGGIFVFDSWKNQKITDWDSISEDDEPDLILAASGDYV
FKETVAALQVLLHDVAQVKIRLVYIQALCGKGIGTFENTLSKSDFVKIFTKDKPVIFAFHGYAKTLKSILFDYENPARIQ
INGYEEKGSTTTPFDMLARNKVSRYDITVRALKSVSEGDKVFGSLVKEYRKRQDDALRFAQENSVDAPEIENWDYLRFF
;
_entity_poly.pdbx_strand_id   C,D
#
loop_
_chem_comp.id
_chem_comp.type
_chem_comp.name
_chem_comp.formula
HTL non-polymer '2-ACETYL-THIAMINE DIPHOSPHATE' 'C14 H21 N4 O8 P2 S 1'
#
# COMPACT_ATOMS: atom_id res chain seq x y z
N SER A 15 8.20 -49.14 -2.19
CA SER A 15 7.07 -48.24 -1.97
C SER A 15 6.56 -48.36 -0.54
N GLY A 16 6.35 -49.61 -0.10
CA GLY A 16 5.89 -49.84 1.26
C GLY A 16 6.89 -49.40 2.30
N GLN A 17 8.17 -49.77 2.11
CA GLN A 17 9.22 -49.28 3.01
C GLN A 17 9.35 -47.77 2.90
N ASN A 18 9.23 -47.24 1.68
CA ASN A 18 9.24 -45.80 1.48
C ASN A 18 8.12 -45.13 2.25
N LEU A 19 6.89 -45.65 2.12
CA LEU A 19 5.74 -45.06 2.80
C LEU A 19 5.89 -45.15 4.31
N GLU A 20 6.42 -46.26 4.82
CA GLU A 20 6.69 -46.38 6.24
C GLU A 20 7.69 -45.32 6.71
N ASN A 21 8.71 -45.07 5.89
CA ASN A 21 9.69 -44.04 6.25
C ASN A 21 9.08 -42.64 6.27
N ILE A 22 8.20 -42.33 5.30
CA ILE A 22 7.50 -41.03 5.35
C ILE A 22 6.63 -40.93 6.60
N LYS A 23 5.94 -42.01 6.95
CA LYS A 23 5.08 -41.97 8.13
C LYS A 23 5.90 -41.77 9.40
N LYS A 24 7.05 -42.43 9.50
CA LYS A 24 7.92 -42.25 10.66
C LYS A 24 8.47 -40.83 10.72
N PHE A 25 8.87 -40.27 9.57
CA PHE A 25 9.37 -38.90 9.52
C PHE A 25 8.30 -37.91 9.96
N ILE A 26 7.07 -38.11 9.49
CA ILE A 26 5.96 -37.22 9.86
C ILE A 26 5.66 -37.32 11.34
N ARG A 27 5.66 -38.55 11.89
CA ARG A 27 5.42 -38.73 13.32
C ARG A 27 6.49 -38.03 14.16
N ALA A 28 7.76 -38.18 13.78
CA ALA A 28 8.83 -37.52 14.51
C ALA A 28 8.73 -36.00 14.41
N ALA A 29 8.41 -35.48 13.22
CA ALA A 29 8.26 -34.04 13.06
C ALA A 29 7.12 -33.49 13.91
N ASN A 30 6.00 -34.22 13.97
CA ASN A 30 4.89 -33.80 14.81
C ASN A 30 5.27 -33.83 16.29
N TYR A 31 6.01 -34.86 16.71
CA TYR A 31 6.43 -34.96 18.11
C TYR A 31 7.31 -33.78 18.50
N LEU A 32 8.32 -33.46 17.66
CA LEU A 32 9.16 -32.31 17.97
C LEU A 32 8.41 -30.99 17.86
N THR A 33 7.39 -30.90 17.01
CA THR A 33 6.59 -29.68 16.95
C THR A 33 5.82 -29.46 18.25
N VAL A 34 5.17 -30.52 18.75
CA VAL A 34 4.42 -30.40 20.00
C VAL A 34 5.37 -30.13 21.17
N SER A 35 6.55 -30.79 21.16
CA SER A 35 7.53 -30.56 22.22
C SER A 35 8.06 -29.14 22.20
N GLN A 36 8.23 -28.56 21.00
CA GLN A 36 8.62 -27.16 20.90
C GLN A 36 7.52 -26.25 21.43
N ILE A 37 6.27 -26.57 21.13
CA ILE A 37 5.16 -25.69 21.50
C ILE A 37 4.96 -25.68 23.01
N PHE A 38 4.96 -26.86 23.64
CA PHE A 38 4.52 -26.97 25.03
C PHE A 38 5.66 -27.13 26.03
N LEU A 39 6.49 -28.16 25.86
CA LEU A 39 7.35 -28.62 26.93
C LEU A 39 8.56 -27.72 27.15
N GLN A 40 8.95 -27.60 28.43
CA GLN A 40 10.21 -27.00 28.83
C GLN A 40 11.11 -27.97 29.58
N ASP A 41 10.62 -29.17 29.90
CA ASP A 41 11.40 -30.20 30.57
C ASP A 41 10.73 -31.53 30.28
N ASN A 42 11.48 -32.61 30.53
CA ASN A 42 11.01 -33.99 30.30
C ASN A 42 10.57 -34.18 28.85
N PHE A 43 11.44 -33.79 27.91
CA PHE A 43 11.08 -33.81 26.51
C PHE A 43 10.88 -35.23 25.97
N LEU A 44 11.57 -36.20 26.56
CA LEU A 44 11.46 -37.59 26.11
C LEU A 44 10.33 -38.36 26.77
N LEU A 45 9.66 -37.75 27.75
CA LEU A 45 8.52 -38.36 28.45
C LEU A 45 8.89 -39.69 29.09
N GLU A 46 10.07 -39.75 29.71
CA GLU A 46 10.49 -40.96 30.40
C GLU A 46 9.70 -41.18 31.69
N ARG A 47 9.17 -40.11 32.29
CA ARG A 47 8.38 -40.15 33.50
C ARG A 47 7.05 -39.47 33.22
N PRO A 48 6.01 -39.78 34.00
CA PRO A 48 4.70 -39.14 33.77
C PRO A 48 4.75 -37.63 33.89
N LEU A 49 4.00 -36.96 33.02
CA LEU A 49 4.04 -35.51 32.92
C LEU A 49 3.43 -34.85 34.16
N THR A 50 4.09 -33.81 34.66
CA THR A 50 3.61 -33.04 35.81
C THR A 50 3.37 -31.59 35.37
N PHE A 51 3.04 -30.75 36.35
CA PHE A 51 2.77 -29.34 36.07
C PHE A 51 4.04 -28.51 35.96
N GLU A 52 5.19 -29.03 36.38
CA GLU A 52 6.43 -28.27 36.35
C GLU A 52 7.18 -28.36 35.03
N ASP A 53 6.74 -29.23 34.11
CA ASP A 53 7.37 -29.40 32.82
C ASP A 53 6.60 -28.72 31.69
N ILE A 54 5.88 -27.64 32.01
CA ILE A 54 5.10 -26.89 31.03
C ILE A 54 5.61 -25.46 31.03
N LYS A 55 5.68 -24.86 29.85
CA LYS A 55 6.17 -23.49 29.72
C LYS A 55 5.21 -22.53 30.42
N PRO A 56 5.72 -21.48 31.06
CA PRO A 56 4.82 -20.50 31.70
C PRO A 56 3.90 -19.79 30.71
N ARG A 57 4.36 -19.55 29.49
CA ARG A 57 3.55 -18.93 28.44
C ARG A 57 3.52 -19.85 27.24
N LEU A 58 2.32 -20.20 26.79
CA LEU A 58 2.14 -21.15 25.69
C LEU A 58 1.89 -20.37 24.40
N LEU A 59 2.98 -19.84 23.85
CA LEU A 59 2.94 -19.13 22.58
C LEU A 59 3.16 -20.12 21.42
N GLY A 60 2.68 -19.73 20.25
CA GLY A 60 2.86 -20.51 19.04
C GLY A 60 1.54 -20.85 18.37
N HIS A 61 1.66 -21.55 17.25
CA HIS A 61 0.53 -21.98 16.45
C HIS A 61 0.67 -23.46 16.10
N TRP A 62 -0.46 -24.09 15.84
CA TRP A 62 -0.49 -25.53 15.61
C TRP A 62 -1.26 -25.97 14.36
N GLY A 63 -2.24 -25.19 13.89
CA GLY A 63 -3.20 -25.71 12.92
C GLY A 63 -2.59 -26.07 11.58
N SER A 64 -1.59 -25.32 11.13
CA SER A 64 -1.01 -25.52 9.81
C SER A 64 0.22 -26.43 9.82
N CYS A 65 0.68 -26.86 10.99
CA CYS A 65 1.91 -27.65 11.08
C CYS A 65 1.84 -29.02 10.39
N PRO A 66 0.79 -29.84 10.56
CA PRO A 66 0.79 -31.17 9.90
C PRO A 66 0.92 -31.10 8.38
N GLY A 67 0.29 -30.12 7.73
CA GLY A 67 0.44 -29.99 6.30
C GLY A 67 1.86 -29.67 5.88
N VAL A 68 2.53 -28.80 6.65
CA VAL A 68 3.93 -28.49 6.40
C VAL A 68 4.78 -29.76 6.53
N ASN A 69 4.52 -30.55 7.57
CA ASN A 69 5.31 -31.77 7.77
C ASN A 69 5.09 -32.76 6.64
N TRP A 70 3.84 -32.95 6.20
CA TRP A 70 3.55 -33.87 5.10
C TRP A 70 4.23 -33.42 3.82
N VAL A 71 4.14 -32.12 3.51
CA VAL A 71 4.72 -31.61 2.27
C VAL A 71 6.24 -31.74 2.29
N TYR A 72 6.87 -31.40 3.42
CA TYR A 72 8.33 -31.52 3.51
C TYR A 72 8.80 -32.96 3.38
N ALA A 73 8.12 -33.90 4.05
CA ALA A 73 8.55 -35.30 3.97
C ALA A 73 8.36 -35.86 2.57
N HIS A 74 7.25 -35.54 1.92
CA HIS A 74 7.04 -36.00 0.55
C HIS A 74 8.03 -35.35 -0.42
N LEU A 75 8.41 -34.09 -0.16
CA LEU A 75 9.42 -33.44 -0.98
C LEU A 75 10.77 -34.12 -0.83
N LEU A 76 11.13 -34.52 0.40
CA LEU A 76 12.38 -35.24 0.61
C LEU A 76 12.39 -36.59 -0.11
N ASN A 77 11.26 -37.30 -0.06
CA ASN A 77 11.17 -38.58 -0.77
C ASN A 77 11.28 -38.38 -2.29
N ILE A 78 10.63 -37.34 -2.81
CA ILE A 78 10.68 -37.06 -4.25
C ILE A 78 12.10 -36.69 -4.66
N GLN A 79 12.79 -35.89 -3.84
CA GLN A 79 14.17 -35.52 -4.14
C GLN A 79 15.08 -36.74 -4.13
N LYS A 80 14.88 -37.66 -3.18
CA LYS A 80 15.67 -38.89 -3.18
C LYS A 80 15.43 -39.72 -4.44
N GLN A 81 14.17 -39.82 -4.87
CA GLN A 81 13.87 -40.56 -6.10
C GLN A 81 14.50 -39.90 -7.32
N LEU A 82 14.46 -38.56 -7.39
CA LEU A 82 15.07 -37.84 -8.50
C LEU A 82 16.58 -38.02 -8.52
N GLU A 83 17.21 -38.00 -7.35
CA GLU A 83 18.65 -38.24 -7.26
C GLU A 83 18.98 -39.66 -7.71
N PHE A 84 18.13 -40.63 -7.37
CA PHE A 84 18.34 -41.99 -7.87
C PHE A 84 18.19 -42.05 -9.39
N ALA A 85 17.29 -41.25 -9.95
CA ALA A 85 17.09 -41.24 -11.39
C ALA A 85 18.18 -40.49 -12.16
N LYS A 86 19.14 -39.89 -11.45
CA LYS A 86 20.23 -39.11 -12.05
C LYS A 86 19.70 -37.95 -12.88
N SER A 87 18.80 -37.17 -12.30
CA SER A 87 18.27 -35.96 -12.91
C SER A 87 18.89 -34.74 -12.25
N GLY A 88 18.98 -33.66 -13.01
CA GLY A 88 19.58 -32.43 -12.51
C GLY A 88 18.66 -31.53 -11.73
N LEU A 89 17.40 -31.92 -11.55
CA LEU A 89 16.44 -31.07 -10.87
C LEU A 89 16.73 -31.00 -9.37
N LYS A 90 16.70 -29.80 -8.82
CA LYS A 90 16.90 -29.56 -7.39
C LYS A 90 15.68 -28.86 -6.83
N ALA A 91 15.15 -29.38 -5.73
CA ALA A 91 13.91 -28.87 -5.15
C ALA A 91 14.20 -27.96 -3.95
N ALA A 92 13.34 -26.96 -3.78
CA ALA A 92 13.42 -26.04 -2.66
C ALA A 92 12.03 -25.81 -2.11
N PHE A 93 11.97 -25.38 -0.85
CA PHE A 93 10.72 -25.24 -0.12
C PHE A 93 10.52 -23.79 0.32
N MET A 94 9.30 -23.28 0.12
CA MET A 94 8.93 -21.93 0.53
C MET A 94 7.69 -21.99 1.41
N LEU A 95 7.75 -21.32 2.55
CA LEU A 95 6.70 -21.36 3.57
C LEU A 95 5.95 -20.03 3.58
N GLY A 96 4.76 -20.02 3.01
CA GLY A 96 3.87 -18.88 3.06
C GLY A 96 3.35 -18.58 4.45
N PRO A 97 2.67 -19.56 5.08
CA PRO A 97 2.23 -19.36 6.46
C PRO A 97 3.37 -19.34 7.46
N GLY A 98 4.01 -18.17 7.61
CA GLY A 98 5.16 -18.03 8.48
C GLY A 98 4.89 -18.28 9.95
N HIS A 99 3.63 -18.31 10.35
CA HIS A 99 3.28 -18.66 11.73
C HIS A 99 3.44 -20.15 12.02
N ALA A 100 3.64 -20.97 11.00
CA ALA A 100 3.92 -22.39 11.16
C ALA A 100 5.40 -22.70 11.22
N PHE A 101 6.20 -21.77 11.74
CA PHE A 101 7.65 -21.92 11.77
C PHE A 101 8.18 -23.14 12.53
N PRO A 102 7.70 -23.49 13.74
CA PRO A 102 8.36 -24.60 14.47
C PRO A 102 8.38 -25.93 13.73
N ALA A 103 7.30 -26.28 13.03
CA ALA A 103 7.26 -27.55 12.32
C ALA A 103 8.36 -27.63 11.26
N LEU A 104 8.50 -26.56 10.47
CA LEU A 104 9.61 -26.46 9.53
C LEU A 104 10.95 -26.63 10.24
N GLN A 105 11.07 -26.04 11.44
CA GLN A 105 12.29 -26.18 12.22
C GLN A 105 12.57 -27.65 12.51
N ALA A 106 11.53 -28.41 12.88
CA ALA A 106 11.70 -29.84 13.08
C ALA A 106 12.18 -30.52 11.81
N ASN A 107 11.60 -30.13 10.67
CA ASN A 107 12.00 -30.71 9.39
C ASN A 107 13.44 -30.38 9.05
N LEU A 108 14.03 -29.36 9.66
CA LEU A 108 15.45 -29.13 9.47
C LEU A 108 16.29 -29.93 10.46
N PHE A 109 15.80 -30.09 11.69
CA PHE A 109 16.61 -30.72 12.74
C PHE A 109 16.92 -32.16 12.42
N MET A 110 15.95 -32.91 11.91
CA MET A 110 16.17 -34.28 11.51
C MET A 110 16.84 -34.39 10.15
N GLU A 111 17.01 -33.27 9.45
CA GLU A 111 17.70 -33.26 8.16
C GLU A 111 19.19 -32.95 8.30
N GLU A 112 19.60 -32.42 9.46
CA GLU A 112 20.95 -31.99 9.83
C GLU A 112 21.40 -30.74 9.07
N THR A 113 20.47 -30.02 8.44
CA THR A 113 20.82 -28.72 7.87
C THR A 113 21.15 -27.71 8.96
N LEU A 114 20.37 -27.72 10.05
CA LEU A 114 20.61 -26.79 11.15
C LEU A 114 21.90 -27.10 11.89
N SER A 115 22.36 -28.36 11.84
CA SER A 115 23.62 -28.71 12.49
C SER A 115 24.82 -28.11 11.78
N LYS A 116 24.70 -27.85 10.48
CA LYS A 116 25.79 -27.22 9.74
C LYS A 116 25.95 -25.74 10.08
N VAL A 117 24.93 -25.12 10.66
CA VAL A 117 24.99 -23.72 11.05
C VAL A 117 25.23 -23.56 12.55
N ASP A 118 24.48 -24.31 13.36
CA ASP A 118 24.62 -24.25 14.81
C ASP A 118 25.13 -25.59 15.31
N LYS A 119 26.18 -25.56 16.13
CA LYS A 119 26.79 -26.79 16.63
C LYS A 119 25.93 -27.45 17.70
N LYS A 120 25.16 -26.66 18.45
CA LYS A 120 24.32 -27.20 19.52
C LYS A 120 23.07 -27.90 18.99
N ALA A 121 22.77 -27.78 17.70
CA ALA A 121 21.60 -28.39 17.10
C ALA A 121 21.89 -29.76 16.49
N THR A 122 22.86 -30.48 17.05
CA THR A 122 23.18 -31.82 16.57
C THR A 122 22.01 -32.77 16.81
N ARG A 123 21.86 -33.74 15.91
CA ARG A 123 20.72 -34.64 15.94
C ARG A 123 20.85 -35.68 17.06
N ASN A 124 20.70 -35.23 18.31
CA ASN A 124 20.74 -36.13 19.46
C ASN A 124 19.82 -35.55 20.54
N ALA A 125 19.91 -36.12 21.74
CA ALA A 125 19.04 -35.71 22.84
C ALA A 125 19.31 -34.27 23.27
N GLN A 126 20.60 -33.88 23.32
CA GLN A 126 20.94 -32.49 23.65
C GLN A 126 20.39 -31.53 22.61
N GLY A 127 20.46 -31.90 21.34
CA GLY A 127 19.88 -31.06 20.30
C GLY A 127 18.37 -30.97 20.40
N ILE A 128 17.71 -32.09 20.77
CA ILE A 128 16.27 -32.07 20.95
C ILE A 128 15.88 -31.12 22.08
N GLU A 129 16.61 -31.20 23.20
CA GLU A 129 16.35 -30.28 24.31
C GLU A 129 16.61 -28.84 23.91
N TYR A 130 17.69 -28.60 23.16
CA TYR A 130 18.04 -27.24 22.74
C TYR A 130 16.99 -26.64 21.82
N ILE A 131 16.48 -27.42 20.86
CA ILE A 131 15.47 -26.88 19.96
C ILE A 131 14.09 -26.85 20.59
N SER A 132 13.84 -27.63 21.64
CA SER A 132 12.51 -27.61 22.25
C SER A 132 12.38 -26.50 23.28
N LYS A 133 13.40 -26.30 24.12
CA LYS A 133 13.30 -25.31 25.19
C LYS A 133 13.39 -23.89 24.65
N ASN A 134 14.18 -23.67 23.60
CA ASN A 134 14.48 -22.32 23.13
C ASN A 134 13.48 -21.79 22.11
N PHE A 135 12.43 -22.54 21.79
CA PHE A 135 11.40 -22.02 20.90
C PHE A 135 10.56 -20.99 21.63
N SER A 136 10.45 -19.80 21.03
CA SER A 136 9.71 -18.65 21.56
C SER A 136 10.24 -18.16 22.90
N TRP A 137 11.40 -18.64 23.34
CA TRP A 137 12.04 -18.17 24.55
C TRP A 137 12.72 -16.83 24.31
N PRO A 138 12.79 -15.96 25.32
CA PRO A 138 13.58 -14.73 25.18
C PRO A 138 15.06 -15.03 24.99
N GLY A 139 15.58 -14.73 23.81
CA GLY A 139 16.95 -15.05 23.46
C GLY A 139 17.12 -16.31 22.65
N GLY A 140 16.04 -17.04 22.38
CA GLY A 140 16.07 -18.26 21.60
C GLY A 140 15.57 -18.05 20.18
N PHE A 141 15.03 -19.11 19.60
CA PHE A 141 14.49 -19.01 18.25
C PHE A 141 13.18 -18.22 18.26
N PRO A 142 12.94 -17.39 17.26
CA PRO A 142 11.68 -16.65 17.19
C PRO A 142 10.52 -17.58 16.84
N SER A 143 9.31 -17.05 17.03
CA SER A 143 8.10 -17.81 16.74
C SER A 143 7.74 -17.82 15.27
N SER A 144 8.38 -17.00 14.45
CA SER A 144 8.09 -16.90 13.03
C SER A 144 9.37 -17.10 12.23
N ALA A 145 9.21 -17.27 10.92
CA ALA A 145 10.34 -17.46 10.03
C ALA A 145 11.20 -16.20 9.97
N SER A 146 12.50 -16.40 9.83
CA SER A 146 13.46 -15.30 9.91
C SER A 146 14.67 -15.69 9.08
N PRO A 147 15.53 -14.71 8.74
CA PRO A 147 16.80 -15.05 8.07
C PRO A 147 17.74 -15.92 8.90
N PHE A 148 17.49 -16.06 10.21
CA PHE A 148 18.29 -16.97 11.03
C PHE A 148 18.09 -18.43 10.62
N THR A 149 16.99 -18.74 9.94
CA THR A 149 16.70 -20.08 9.44
C THR A 149 17.37 -20.30 8.10
N PRO A 150 18.15 -21.37 7.93
CA PRO A 150 18.79 -21.63 6.63
C PRO A 150 17.77 -21.92 5.54
N GLY A 151 18.11 -21.47 4.33
CA GLY A 151 17.25 -21.72 3.18
C GLY A 151 15.97 -20.91 3.16
N VAL A 152 15.91 -19.79 3.86
CA VAL A 152 14.71 -18.98 3.98
C VAL A 152 14.97 -17.63 3.32
N ILE A 153 14.11 -17.26 2.39
CA ILE A 153 14.16 -15.94 1.77
C ILE A 153 12.86 -15.16 1.93
N LEU A 154 11.78 -15.79 2.36
CA LEU A 154 10.49 -15.14 2.54
C LEU A 154 10.11 -15.22 4.02
N GLU A 155 9.77 -14.07 4.60
CA GLU A 155 9.40 -14.03 6.01
C GLU A 155 8.08 -14.73 6.26
N GLY A 156 7.05 -14.42 5.47
CA GLY A 156 5.74 -14.98 5.67
C GLY A 156 4.92 -14.32 6.76
N GLY A 157 5.42 -13.26 7.38
CA GLY A 157 4.68 -12.55 8.41
C GLY A 157 3.46 -11.86 7.86
N GLU A 158 3.66 -10.86 7.01
CA GLU A 158 2.55 -10.25 6.29
C GLU A 158 2.10 -11.21 5.20
N LEU A 159 0.83 -11.61 5.24
CA LEU A 159 0.32 -12.63 4.34
C LEU A 159 0.32 -12.13 2.90
N GLY A 160 0.49 -13.07 1.97
CA GLY A 160 0.70 -12.73 0.58
C GLY A 160 2.17 -12.66 0.24
N TYR A 161 2.42 -12.17 -0.98
CA TYR A 161 3.77 -12.01 -1.53
C TYR A 161 4.55 -13.31 -1.55
N SER A 162 3.86 -14.43 -1.80
CA SER A 162 4.48 -15.74 -1.80
C SER A 162 4.67 -16.32 -3.20
N LEU A 163 3.69 -16.15 -4.08
CA LEU A 163 3.82 -16.65 -5.44
C LEU A 163 4.74 -15.77 -6.28
N SER A 164 4.67 -14.45 -6.07
CA SER A 164 5.50 -13.53 -6.85
C SER A 164 6.98 -13.70 -6.51
N THR A 165 7.31 -13.89 -5.24
CA THR A 165 8.70 -14.12 -4.86
C THR A 165 9.20 -15.45 -5.39
N ALA A 166 8.33 -16.47 -5.41
CA ALA A 166 8.70 -17.76 -5.97
C ALA A 166 8.97 -17.65 -7.47
N PHE A 167 8.17 -16.85 -8.18
CA PHE A 167 8.43 -16.64 -9.60
C PHE A 167 9.69 -15.81 -9.82
N GLY A 168 9.98 -14.86 -8.93
CA GLY A 168 11.17 -14.05 -9.08
C GLY A 168 12.45 -14.79 -8.77
N ALA A 169 12.38 -15.79 -7.89
CA ALA A 169 13.55 -16.61 -7.58
C ALA A 169 13.81 -17.70 -8.62
N ILE A 170 12.90 -17.90 -9.57
CA ILE A 170 13.06 -18.96 -10.55
C ILE A 170 13.71 -18.50 -11.85
N LEU A 171 13.85 -17.19 -12.06
CA LEU A 171 14.41 -16.68 -13.31
C LEU A 171 15.90 -16.98 -13.40
N ASP A 172 16.34 -17.36 -14.60
CA ASP A 172 17.74 -17.63 -14.93
C ASP A 172 18.36 -18.73 -14.06
N ASN A 173 17.54 -19.58 -13.47
CA ASN A 173 18.01 -20.67 -12.61
C ASN A 173 17.35 -21.98 -13.02
N PRO A 174 17.74 -22.55 -14.15
CA PRO A 174 17.12 -23.81 -14.60
C PRO A 174 17.49 -24.96 -13.68
N ASN A 175 16.70 -26.03 -13.81
CA ASN A 175 16.77 -27.22 -12.96
C ASN A 175 16.52 -26.90 -11.48
N LEU A 176 15.76 -25.85 -11.21
CA LEU A 176 15.35 -25.50 -9.85
C LEU A 176 13.83 -25.52 -9.79
N VAL A 177 13.28 -26.30 -8.87
CA VAL A 177 11.85 -26.41 -8.67
C VAL A 177 11.54 -25.90 -7.27
N MET A 178 10.84 -24.78 -7.18
CA MET A 178 10.49 -24.16 -5.91
C MET A 178 9.04 -24.50 -5.58
N THR A 179 8.84 -25.32 -4.55
CA THR A 179 7.50 -25.67 -4.07
C THR A 179 7.14 -24.72 -2.94
N THR A 180 6.09 -23.93 -3.15
CA THR A 180 5.66 -22.94 -2.19
C THR A 180 4.31 -23.35 -1.60
N LEU A 181 4.14 -23.12 -0.30
CA LEU A 181 2.91 -23.46 0.41
C LEU A 181 2.12 -22.18 0.64
N ILE A 182 0.88 -22.15 0.16
CA ILE A 182 0.00 -21.00 0.28
C ILE A 182 -1.24 -21.40 1.06
N GLY A 183 -1.56 -20.64 2.10
CA GLY A 183 -2.78 -20.90 2.85
C GLY A 183 -4.01 -20.38 2.14
N ASP A 184 -5.14 -21.05 2.38
CA ASP A 184 -6.38 -20.69 1.71
C ASP A 184 -6.91 -19.34 2.17
N GLY A 185 -6.71 -18.99 3.44
CA GLY A 185 -7.03 -17.64 3.88
C GLY A 185 -6.12 -16.61 3.26
N GLU A 186 -4.82 -16.93 3.15
CA GLU A 186 -3.86 -16.04 2.52
C GLU A 186 -4.16 -15.84 1.04
N ALA A 187 -4.77 -16.83 0.40
CA ALA A 187 -5.10 -16.75 -1.03
C ALA A 187 -6.18 -15.72 -1.33
N GLU A 188 -6.87 -15.19 -0.32
CA GLU A 188 -7.89 -14.17 -0.55
C GLU A 188 -7.30 -12.78 -0.75
N THR A 189 -6.01 -12.61 -0.52
CA THR A 189 -5.38 -11.30 -0.70
C THR A 189 -5.28 -10.95 -2.18
N GLY A 190 -5.07 -9.66 -2.44
CA GLY A 190 -4.97 -9.20 -3.82
C GLY A 190 -3.72 -9.69 -4.53
N SER A 191 -2.59 -9.73 -3.83
CA SER A 191 -1.33 -10.11 -4.45
C SER A 191 -1.35 -11.56 -4.91
N ILE A 192 -1.85 -12.46 -4.08
CA ILE A 192 -1.91 -13.87 -4.44
C ILE A 192 -2.89 -14.08 -5.60
N ALA A 193 -4.01 -13.36 -5.58
CA ALA A 193 -5.00 -13.48 -6.65
C ALA A 193 -4.45 -12.96 -7.97
N ALA A 194 -3.63 -11.90 -7.92
CA ALA A 194 -3.04 -11.36 -9.14
C ALA A 194 -1.88 -12.21 -9.66
N ALA A 195 -1.17 -12.88 -8.76
CA ALA A 195 0.04 -13.61 -9.16
C ALA A 195 -0.25 -14.90 -9.92
N TRP A 196 -1.50 -15.34 -10.01
CA TRP A 196 -1.82 -16.57 -10.75
C TRP A 196 -1.57 -16.45 -12.24
N HIS A 197 -1.46 -15.23 -12.77
CA HIS A 197 -1.29 -15.00 -14.20
C HIS A 197 0.17 -14.79 -14.58
N LEU A 198 1.10 -14.95 -13.64
CA LEU A 198 2.51 -14.72 -13.94
C LEU A 198 3.13 -15.80 -14.80
N SER A 199 2.43 -16.92 -15.02
CA SER A 199 2.93 -17.97 -15.90
C SER A 199 2.82 -17.59 -17.38
N LYS A 200 2.11 -16.52 -17.71
CA LYS A 200 1.97 -16.05 -19.08
C LYS A 200 3.10 -15.14 -19.51
N LEU A 201 4.05 -14.85 -18.63
CA LEU A 201 5.17 -13.97 -18.95
C LEU A 201 6.54 -14.60 -18.76
N ILE A 202 6.62 -15.78 -18.14
CA ILE A 202 7.88 -16.43 -17.82
C ILE A 202 7.94 -17.77 -18.54
N ASP A 203 9.04 -18.02 -19.25
CA ASP A 203 9.25 -19.30 -19.91
C ASP A 203 9.87 -20.29 -18.94
N PRO A 204 9.21 -21.42 -18.65
CA PRO A 204 9.76 -22.36 -17.65
C PRO A 204 10.89 -23.22 -18.17
N VAL A 205 11.02 -23.40 -19.48
CA VAL A 205 12.07 -24.27 -20.02
C VAL A 205 13.45 -23.66 -19.78
N LYS A 206 13.59 -22.35 -20.01
CA LYS A 206 14.88 -21.69 -19.83
C LYS A 206 15.04 -21.04 -18.46
N ASN A 207 13.99 -20.99 -17.64
CA ASN A 207 14.08 -20.37 -16.32
C ASN A 207 13.82 -21.37 -15.20
N GLY A 208 12.70 -22.05 -15.20
CA GLY A 208 12.39 -23.00 -14.13
C GLY A 208 10.91 -23.05 -13.86
N VAL A 209 10.55 -23.98 -12.98
CA VAL A 209 9.16 -24.31 -12.69
C VAL A 209 8.85 -23.96 -11.24
N VAL A 210 7.69 -23.35 -11.01
CA VAL A 210 7.18 -23.07 -9.67
C VAL A 210 6.01 -24.01 -9.42
N LEU A 211 6.08 -24.76 -8.32
CA LEU A 211 5.05 -25.73 -7.98
C LEU A 211 4.21 -25.21 -6.82
N PRO A 212 2.98 -24.79 -7.04
CA PRO A 212 2.16 -24.27 -5.93
C PRO A 212 1.31 -25.34 -5.28
N VAL A 213 1.31 -25.32 -3.94
CA VAL A 213 0.49 -26.19 -3.11
C VAL A 213 -0.41 -25.30 -2.25
N LEU A 214 -1.72 -25.52 -2.34
CA LEU A 214 -2.70 -24.74 -1.60
C LEU A 214 -3.20 -25.56 -0.41
N HIS A 215 -2.93 -25.06 0.79
CA HIS A 215 -3.33 -25.70 2.03
C HIS A 215 -4.76 -25.30 2.35
N LEU A 216 -5.72 -26.11 1.89
CA LEU A 216 -7.14 -25.82 2.03
C LEU A 216 -7.65 -26.49 3.30
N ASN A 217 -7.20 -25.98 4.45
CA ASN A 217 -7.73 -26.46 5.72
C ASN A 217 -9.17 -26.01 5.95
N GLY A 218 -9.53 -24.85 5.42
CA GLY A 218 -10.91 -24.38 5.45
C GLY A 218 -11.22 -23.30 6.47
N TYR A 219 -10.26 -22.91 7.30
CA TYR A 219 -10.55 -21.96 8.37
C TYR A 219 -9.45 -20.91 8.46
N LYS A 220 -9.88 -19.69 8.75
CA LYS A 220 -9.00 -18.57 9.08
C LYS A 220 -8.79 -18.55 10.59
N ILE A 221 -8.33 -17.46 11.19
CA ILE A 221 -8.15 -17.37 12.64
C ILE A 221 -9.45 -17.70 13.37
N SER A 222 -10.56 -17.07 12.97
CA SER A 222 -11.81 -17.25 13.68
C SER A 222 -13.01 -17.39 12.74
N GLY A 223 -12.85 -18.13 11.65
CA GLY A 223 -13.96 -18.36 10.74
C GLY A 223 -13.56 -19.11 9.50
N PRO A 224 -14.55 -19.52 8.70
CA PRO A 224 -14.26 -20.25 7.45
C PRO A 224 -13.69 -19.32 6.39
N THR A 225 -13.18 -19.93 5.33
CA THR A 225 -12.53 -19.22 4.23
C THR A 225 -13.43 -19.16 3.01
N ILE A 226 -13.11 -18.22 2.11
CA ILE A 226 -13.82 -18.13 0.85
C ILE A 226 -13.58 -19.37 0.00
N PHE A 227 -12.32 -19.80 -0.10
CA PHE A 227 -11.98 -20.95 -0.94
C PHE A 227 -12.46 -22.26 -0.33
N GLY A 228 -12.55 -22.33 1.00
CA GLY A 228 -13.08 -23.53 1.64
C GLY A 228 -14.56 -23.72 1.40
N SER A 229 -15.29 -22.64 1.15
CA SER A 229 -16.71 -22.73 0.85
C SER A 229 -16.96 -23.25 -0.56
N MET A 230 -16.05 -22.98 -1.50
CA MET A 230 -16.21 -23.44 -2.87
C MET A 230 -16.07 -24.95 -2.94
N SER A 231 -16.83 -25.55 -3.87
CA SER A 231 -16.75 -26.99 -4.09
C SER A 231 -15.52 -27.32 -4.92
N ASP A 232 -15.33 -28.61 -5.19
CA ASP A 232 -14.21 -29.05 -6.02
C ASP A 232 -14.36 -28.56 -7.45
N PHE A 233 -15.59 -28.58 -7.97
CA PHE A 233 -15.84 -28.17 -9.35
C PHE A 233 -15.51 -26.70 -9.56
N GLU A 234 -15.91 -25.84 -8.62
CA GLU A 234 -15.62 -24.42 -8.71
C GLU A 234 -14.12 -24.14 -8.63
N LEU A 235 -13.42 -24.85 -7.73
CA LEU A 235 -11.97 -24.67 -7.63
C LEU A 235 -11.27 -25.12 -8.89
N ILE A 236 -11.71 -26.23 -9.48
CA ILE A 236 -11.10 -26.74 -10.71
C ILE A 236 -11.30 -25.73 -11.84
N GLN A 237 -12.51 -25.19 -11.99
CA GLN A 237 -12.75 -24.19 -13.03
C GLN A 237 -11.96 -22.91 -12.78
N PHE A 238 -11.88 -22.47 -11.53
CA PHE A 238 -11.17 -21.22 -11.24
C PHE A 238 -9.68 -21.36 -11.53
N PHE A 239 -9.07 -22.48 -11.13
CA PHE A 239 -7.64 -22.65 -11.33
C PHE A 239 -7.28 -23.16 -12.72
N HIS A 240 -8.24 -23.65 -13.49
CA HIS A 240 -8.00 -23.95 -14.89
C HIS A 240 -8.31 -22.78 -15.81
N GLY A 241 -9.06 -21.78 -15.32
CA GLY A 241 -9.26 -20.57 -16.09
C GLY A 241 -8.00 -19.76 -16.25
N ALA A 242 -7.07 -19.89 -15.31
CA ALA A 242 -5.73 -19.34 -15.46
C ALA A 242 -4.85 -20.40 -16.11
N GLY A 243 -3.54 -20.18 -16.13
CA GLY A 243 -2.64 -21.13 -16.74
C GLY A 243 -2.09 -22.15 -15.77
N TRP A 244 -2.95 -22.99 -15.20
CA TRP A 244 -2.54 -23.99 -14.23
C TRP A 244 -3.32 -25.28 -14.46
N GLU A 245 -2.73 -26.38 -13.99
CA GLU A 245 -3.36 -27.69 -14.03
C GLU A 245 -3.51 -28.20 -12.60
N PRO A 246 -4.70 -28.11 -12.00
CA PRO A 246 -4.83 -28.46 -10.58
C PRO A 246 -5.22 -29.90 -10.32
N LYS A 247 -4.64 -30.46 -9.26
CA LYS A 247 -5.02 -31.78 -8.75
C LYS A 247 -5.36 -31.66 -7.28
N ILE A 248 -6.50 -32.23 -6.88
CA ILE A 248 -7.05 -32.06 -5.54
C ILE A 248 -6.94 -33.38 -4.79
N VAL A 249 -6.38 -33.33 -3.58
CA VAL A 249 -6.35 -34.48 -2.67
C VAL A 249 -6.92 -34.04 -1.33
N ASP A 250 -7.89 -34.81 -0.83
CA ASP A 250 -8.61 -34.45 0.39
C ASP A 250 -8.49 -35.56 1.42
N GLU A 251 -8.30 -35.16 2.69
CA GLU A 251 -8.19 -36.11 3.79
C GLU A 251 -9.52 -36.74 4.17
N TYR A 252 -10.63 -36.05 3.90
CA TYR A 252 -11.93 -36.51 4.40
C TYR A 252 -12.41 -37.78 3.71
N SER A 253 -11.99 -38.01 2.46
CA SER A 253 -12.48 -39.14 1.69
C SER A 253 -11.39 -40.10 1.24
N ALA A 254 -10.12 -39.84 1.57
CA ALA A 254 -9.03 -40.69 1.14
C ALA A 254 -8.84 -41.83 2.12
N GLU A 255 -8.75 -43.06 1.60
CA GLU A 255 -8.43 -44.21 2.44
C GLU A 255 -7.03 -44.09 3.02
N ASP A 256 -6.06 -43.67 2.21
CA ASP A 256 -4.68 -43.45 2.65
C ASP A 256 -4.24 -42.09 2.11
N PHE A 257 -4.02 -41.15 3.02
CA PHE A 257 -3.68 -39.79 2.60
C PHE A 257 -2.27 -39.71 2.03
N ASP A 258 -1.32 -40.42 2.65
CA ASP A 258 0.07 -40.34 2.23
C ASP A 258 0.30 -40.94 0.85
N LEU A 259 -0.43 -42.02 0.53
CA LEU A 259 -0.33 -42.61 -0.80
C LEU A 259 -0.80 -41.63 -1.88
N GLU A 260 -1.92 -40.94 -1.63
CA GLU A 260 -2.41 -39.95 -2.58
C GLU A 260 -1.44 -38.79 -2.71
N LEU A 261 -0.86 -38.33 -1.60
CA LEU A 261 0.12 -37.25 -1.66
C LEU A 261 1.36 -37.67 -2.45
N SER A 262 1.84 -38.90 -2.26
CA SER A 262 2.98 -39.40 -3.00
C SER A 262 2.67 -39.49 -4.49
N ASN A 263 1.48 -39.99 -4.84
CA ASN A 263 1.08 -40.06 -6.24
C ASN A 263 1.02 -38.69 -6.88
N ALA A 264 0.45 -37.71 -6.16
CA ALA A 264 0.33 -36.36 -6.71
C ALA A 264 1.71 -35.72 -6.92
N PHE A 265 2.60 -35.85 -5.94
CA PHE A 265 3.94 -35.28 -6.08
C PHE A 265 4.73 -35.95 -7.20
N SER A 266 4.64 -37.28 -7.30
CA SER A 266 5.34 -37.99 -8.37
C SER A 266 4.82 -37.60 -9.74
N ASN A 267 3.50 -37.47 -9.89
CA ASN A 267 2.93 -37.07 -11.17
C ASN A 267 3.33 -35.64 -11.53
N ALA A 268 3.32 -34.73 -10.56
CA ALA A 268 3.71 -33.35 -10.83
C ALA A 268 5.17 -33.26 -11.26
N PHE A 269 6.07 -33.98 -10.58
CA PHE A 269 7.47 -33.90 -10.96
C PHE A 269 7.74 -34.63 -12.28
N ARG A 270 6.99 -35.69 -12.58
CA ARG A 270 7.11 -36.34 -13.88
C ARG A 270 6.68 -35.39 -15.00
N ASP A 271 5.59 -34.65 -14.79
CA ASP A 271 5.15 -33.67 -15.79
C ASP A 271 6.16 -32.54 -15.94
N ILE A 272 6.77 -32.11 -14.83
CA ILE A 272 7.80 -31.07 -14.90
C ILE A 272 9.00 -31.56 -15.71
N SER A 273 9.43 -32.79 -15.47
CA SER A 273 10.55 -33.36 -16.21
C SER A 273 10.22 -33.52 -17.68
N ARG A 274 8.97 -33.90 -18.01
CA ARG A 274 8.56 -34.00 -19.40
C ARG A 274 8.56 -32.63 -20.07
N ILE A 275 8.12 -31.60 -19.37
CA ILE A 275 8.10 -30.25 -19.93
C ILE A 275 9.53 -29.75 -20.17
N LYS A 276 10.44 -30.02 -19.23
CA LYS A 276 11.81 -29.56 -19.39
C LYS A 276 12.53 -30.25 -20.55
N PHE A 277 12.29 -31.54 -20.73
CA PHE A 277 12.93 -32.31 -21.80
C PHE A 277 12.09 -32.20 -23.05
N GLY A 278 12.43 -31.23 -23.89
CA GLY A 278 11.72 -30.98 -25.13
C GLY A 278 11.26 -29.54 -25.22
N ARG A 279 10.62 -29.23 -26.35
CA ARG A 279 10.11 -27.90 -26.60
C ARG A 279 8.73 -27.99 -27.23
N ASN A 280 7.92 -26.96 -27.00
CA ASN A 280 6.59 -26.87 -27.57
C ASN A 280 6.34 -25.43 -28.02
N SER A 281 5.75 -25.28 -29.21
CA SER A 281 5.46 -23.95 -29.76
C SER A 281 4.06 -23.49 -29.37
N LYS A 282 3.75 -23.54 -28.09
CA LYS A 282 2.44 -23.17 -27.57
C LYS A 282 2.62 -22.57 -26.19
N PHE A 283 1.51 -22.44 -25.46
CA PHE A 283 1.54 -22.01 -24.07
C PHE A 283 1.62 -23.23 -23.16
N ILE A 284 2.27 -23.06 -22.01
CA ILE A 284 2.49 -24.13 -21.07
C ILE A 284 1.46 -24.06 -19.93
N ARG A 285 1.27 -25.19 -19.26
CA ARG A 285 0.33 -25.30 -18.14
C ARG A 285 1.04 -26.00 -17.00
N LEU A 286 1.54 -25.22 -16.05
CA LEU A 286 2.25 -25.79 -14.92
C LEU A 286 1.27 -26.49 -13.97
N PRO A 287 1.66 -27.59 -13.34
CA PRO A 287 0.76 -28.26 -12.41
C PRO A 287 0.75 -27.61 -11.04
N MET A 288 -0.31 -27.88 -10.30
CA MET A 288 -0.45 -27.39 -8.94
C MET A 288 -1.29 -28.38 -8.14
N ILE A 289 -1.09 -28.35 -6.81
CA ILE A 289 -1.70 -29.30 -5.90
C ILE A 289 -2.53 -28.55 -4.89
N ILE A 290 -3.78 -28.97 -4.71
CA ILE A 290 -4.65 -28.49 -3.65
C ILE A 290 -4.81 -29.62 -2.64
N MET A 291 -4.48 -29.33 -1.39
CA MET A 291 -4.47 -30.34 -0.32
C MET A 291 -5.46 -29.91 0.75
N ARG A 292 -6.56 -30.65 0.85
CA ARG A 292 -7.62 -30.37 1.81
C ARG A 292 -7.50 -31.32 2.99
N SER A 293 -7.43 -30.75 4.20
CA SER A 293 -7.26 -31.55 5.40
C SER A 293 -7.91 -30.83 6.58
N LYS A 294 -8.16 -31.59 7.65
CA LYS A 294 -8.69 -30.99 8.86
C LYS A 294 -7.63 -30.13 9.52
N LYS A 295 -8.02 -28.92 9.93
CA LYS A 295 -7.09 -28.01 10.57
C LYS A 295 -6.69 -28.53 11.94
N GLY A 296 -5.38 -28.56 12.20
CA GLY A 296 -4.88 -29.14 13.43
C GLY A 296 -5.08 -30.62 13.55
N SER A 297 -4.81 -31.37 12.47
CA SER A 297 -5.05 -32.80 12.45
C SER A 297 -4.12 -33.53 13.42
N SER A 298 -4.58 -34.71 13.86
CA SER A 298 -3.87 -35.55 14.83
C SER A 298 -3.59 -34.82 16.14
N GLY A 299 -4.53 -33.98 16.57
CA GLY A 299 -4.40 -33.28 17.83
C GLY A 299 -5.54 -33.57 18.78
N VAL A 300 -5.80 -32.66 19.72
CA VAL A 300 -6.93 -32.82 20.62
C VAL A 300 -8.23 -32.63 19.84
N LYS A 301 -9.17 -33.56 20.04
CA LYS A 301 -10.41 -33.53 19.27
C LYS A 301 -11.42 -32.57 19.89
N GLU A 302 -11.64 -32.66 21.21
CA GLU A 302 -12.61 -31.82 21.89
C GLU A 302 -12.03 -31.33 23.20
N ASN A 303 -12.53 -30.17 23.63
CA ASN A 303 -12.11 -29.59 24.91
C ASN A 303 -13.22 -28.68 25.40
N ASN A 304 -13.75 -28.96 26.59
CA ASN A 304 -14.84 -28.20 27.21
C ASN A 304 -16.08 -28.17 26.32
N GLY A 305 -16.34 -29.25 25.60
CA GLY A 305 -17.51 -29.36 24.76
C GLY A 305 -17.39 -28.70 23.40
N GLN A 306 -16.28 -28.05 23.10
CA GLN A 306 -16.08 -27.39 21.82
C GLN A 306 -15.33 -28.29 20.86
N LYS A 307 -15.32 -27.91 19.59
CA LYS A 307 -14.61 -28.62 18.54
C LYS A 307 -13.26 -27.95 18.30
N ILE A 308 -12.19 -28.75 18.32
CA ILE A 308 -10.83 -28.27 18.11
C ILE A 308 -10.29 -28.71 16.75
N GLU A 309 -10.19 -30.02 16.53
CA GLU A 309 -9.73 -30.53 15.25
C GLU A 309 -10.82 -30.34 14.20
N GLY A 310 -10.44 -29.83 13.03
CA GLY A 310 -11.42 -29.49 12.02
C GLY A 310 -12.18 -28.22 12.28
N ASN A 311 -11.63 -27.31 13.08
CA ASN A 311 -12.31 -26.08 13.45
C ASN A 311 -11.25 -24.99 13.63
N SER A 312 -11.70 -23.74 13.55
CA SER A 312 -10.82 -22.59 13.62
C SER A 312 -10.24 -22.37 15.01
N LEU A 313 -10.72 -23.08 16.03
CA LEU A 313 -10.19 -22.93 17.38
C LEU A 313 -8.82 -23.57 17.55
N ALA A 314 -8.34 -24.32 16.56
CA ALA A 314 -7.02 -24.93 16.59
C ALA A 314 -5.94 -24.04 15.98
N HIS A 315 -6.26 -22.77 15.71
CA HIS A 315 -5.29 -21.86 15.11
C HIS A 315 -4.10 -21.62 16.04
N GLN A 316 -4.37 -21.10 17.24
CA GLN A 316 -3.36 -20.94 18.26
C GLN A 316 -3.24 -22.24 19.06
N VAL A 317 -2.60 -22.18 20.22
CA VAL A 317 -2.47 -23.38 21.05
C VAL A 317 -3.86 -23.84 21.50
N PRO A 318 -4.14 -25.14 21.55
CA PRO A 318 -5.50 -25.59 21.87
C PRO A 318 -5.75 -25.92 23.33
N LEU A 319 -4.73 -25.92 24.18
CA LEU A 319 -4.86 -26.18 25.62
C LEU A 319 -4.18 -25.03 26.35
N LEU A 320 -4.92 -23.94 26.57
CA LEU A 320 -4.35 -22.74 27.16
C LEU A 320 -4.15 -22.85 28.67
N LYS A 321 -4.76 -23.84 29.32
CA LYS A 321 -4.70 -23.99 30.76
C LYS A 321 -4.12 -25.34 31.16
N ALA A 322 -3.11 -25.80 30.41
CA ALA A 322 -2.47 -27.08 30.70
C ALA A 322 -1.55 -27.03 31.91
N LYS A 323 -1.19 -25.83 32.37
CA LYS A 323 -0.33 -25.69 33.53
C LYS A 323 -1.09 -25.63 34.85
N THR A 324 -2.42 -25.58 34.80
CA THR A 324 -3.23 -25.48 36.01
C THR A 324 -4.40 -26.46 36.06
N ASP A 325 -4.82 -27.05 34.95
CA ASP A 325 -5.96 -27.95 34.90
C ASP A 325 -5.45 -29.36 34.68
N LYS A 326 -5.93 -30.30 35.49
CA LYS A 326 -5.44 -31.67 35.43
C LYS A 326 -5.89 -32.38 34.16
N ASN A 327 -7.14 -32.17 33.73
CA ASN A 327 -7.64 -32.83 32.54
C ASN A 327 -6.91 -32.34 31.29
N GLU A 328 -6.57 -31.05 31.25
CA GLU A 328 -5.80 -30.52 30.13
C GLU A 328 -4.40 -31.14 30.09
N LEU A 329 -3.77 -31.32 31.25
CA LEU A 329 -2.47 -31.97 31.30
C LEU A 329 -2.55 -33.43 30.85
N GLU A 330 -3.62 -34.13 31.25
CA GLU A 330 -3.81 -35.51 30.81
C GLU A 330 -4.03 -35.58 29.30
N LYS A 331 -4.80 -34.63 28.75
CA LYS A 331 -5.01 -34.59 27.31
C LYS A 331 -3.71 -34.33 26.57
N LEU A 332 -2.89 -33.41 27.08
CA LEU A 332 -1.59 -33.13 26.46
C LEU A 332 -0.68 -34.34 26.51
N GLU A 333 -0.65 -35.04 27.65
CA GLU A 333 0.20 -36.22 27.78
C GLU A 333 -0.24 -37.33 26.84
N ASN A 334 -1.56 -37.56 26.72
CA ASN A 334 -2.06 -38.58 25.81
C ASN A 334 -1.78 -38.19 24.36
N TRP A 335 -1.91 -36.90 24.03
CA TRP A 335 -1.62 -36.42 22.69
C TRP A 335 -0.16 -36.66 22.32
N MET A 336 0.76 -36.36 23.24
CA MET A 336 2.17 -36.59 22.94
C MET A 336 2.50 -38.08 22.90
N LYS A 337 1.90 -38.88 23.77
CA LYS A 337 2.17 -40.31 23.78
C LYS A 337 1.53 -41.03 22.61
N SER A 338 0.61 -40.39 21.89
CA SER A 338 0.01 -41.02 20.71
C SER A 338 1.01 -41.16 19.55
N TYR A 339 2.11 -40.41 19.57
CA TYR A 339 3.06 -40.43 18.46
C TYR A 339 4.07 -41.57 18.55
N LYS A 340 4.24 -42.17 19.74
CA LYS A 340 5.11 -43.33 19.96
C LYS A 340 6.55 -43.03 19.54
N PHE A 341 7.15 -42.08 20.27
CA PHE A 341 8.53 -41.68 20.01
C PHE A 341 9.55 -42.76 20.35
N ASP A 342 9.16 -43.81 21.08
CA ASP A 342 10.10 -44.86 21.45
C ASP A 342 10.48 -45.74 20.27
N GLU A 343 9.57 -45.89 19.30
CA GLU A 343 9.85 -46.73 18.13
C GLU A 343 10.74 -46.03 17.11
N LEU A 344 10.94 -44.72 17.21
CA LEU A 344 11.79 -43.97 16.30
C LEU A 344 13.13 -43.62 16.92
N PHE A 345 13.12 -42.96 18.07
CA PHE A 345 14.34 -42.62 18.78
C PHE A 345 14.88 -43.84 19.51
N ASP A 346 16.16 -43.79 19.85
CA ASP A 346 16.82 -44.80 20.66
C ASP A 346 17.22 -44.15 21.98
N TYR A 347 16.50 -44.48 23.05
CA TYR A 347 16.70 -43.81 24.33
C TYR A 347 18.01 -44.21 24.99
N GLU A 348 18.59 -45.36 24.63
CA GLU A 348 19.82 -45.81 25.25
C GLU A 348 21.01 -44.93 24.83
N ARG A 349 21.14 -44.67 23.53
CA ARG A 349 22.26 -43.90 23.00
C ARG A 349 21.91 -42.46 22.70
N GLY A 350 20.63 -42.10 22.69
CA GLY A 350 20.24 -40.73 22.42
C GLY A 350 20.32 -40.32 20.97
N GLU A 351 20.27 -41.28 20.03
CA GLU A 351 20.29 -40.99 18.61
C GLU A 351 19.09 -41.63 17.94
N PHE A 352 18.82 -41.20 16.71
CA PHE A 352 17.77 -41.80 15.91
C PHE A 352 18.19 -43.20 15.46
N LYS A 353 17.20 -43.98 15.03
CA LYS A 353 17.43 -45.36 14.61
C LYS A 353 17.99 -45.38 13.18
N TRP A 354 18.04 -46.58 12.59
CA TRP A 354 18.66 -46.76 11.28
C TRP A 354 17.75 -46.31 10.13
N TRP A 355 16.46 -46.12 10.38
CA TRP A 355 15.53 -45.75 9.32
C TRP A 355 15.82 -44.35 8.77
N ILE A 356 16.29 -43.44 9.61
CA ILE A 356 16.46 -42.05 9.19
C ILE A 356 17.61 -41.92 8.20
N ASN A 357 18.64 -42.77 8.30
CA ASN A 357 19.73 -42.74 7.34
C ASN A 357 19.32 -43.37 6.01
N ASP A 358 18.46 -44.39 6.05
CA ASP A 358 17.93 -44.97 4.83
C ASP A 358 17.04 -43.96 4.10
N PHE A 359 16.22 -43.21 4.85
CA PHE A 359 15.27 -42.29 4.24
C PHE A 359 15.98 -41.10 3.59
N LEU A 360 16.92 -40.48 4.30
CA LEU A 360 17.52 -39.25 3.83
C LEU A 360 18.50 -39.50 2.68
N PRO A 361 18.60 -38.58 1.73
CA PRO A 361 19.63 -38.65 0.70
C PRO A 361 20.94 -38.05 1.22
N GLU A 362 21.91 -37.95 0.32
CA GLU A 362 23.19 -37.35 0.68
C GLU A 362 23.05 -35.85 0.90
N ASN A 363 24.09 -35.27 1.50
CA ASN A 363 24.03 -33.89 1.99
C ASN A 363 23.89 -32.88 0.86
N SER A 364 24.53 -33.14 -0.29
CA SER A 364 24.49 -32.19 -1.39
C SER A 364 23.12 -32.12 -2.06
N SER A 365 22.26 -33.11 -1.84
CA SER A 365 20.97 -33.18 -2.51
C SER A 365 19.82 -33.15 -1.52
N ARG A 366 19.86 -32.24 -0.56
CA ARG A 366 18.80 -32.08 0.42
C ARG A 366 18.09 -30.74 0.23
N ILE A 367 16.84 -30.69 0.68
CA ILE A 367 15.96 -29.58 0.36
C ILE A 367 16.45 -28.28 0.99
N GLY A 368 16.94 -28.34 2.22
CA GLY A 368 17.35 -27.14 2.92
C GLY A 368 18.70 -26.59 2.54
N ARG A 369 19.41 -27.25 1.63
CA ARG A 369 20.75 -26.83 1.22
C ARG A 369 20.83 -26.76 -0.30
N ASN A 370 19.82 -26.14 -0.92
CA ASN A 370 19.82 -25.98 -2.36
C ASN A 370 20.85 -24.94 -2.79
N ARG A 371 21.63 -25.26 -3.82
CA ARG A 371 22.69 -24.36 -4.28
C ARG A 371 22.14 -23.20 -5.10
N PHE A 372 21.04 -23.42 -5.83
CA PHE A 372 20.50 -22.36 -6.67
C PHE A 372 19.88 -21.24 -5.85
N VAL A 373 19.34 -21.55 -4.67
CA VAL A 373 18.68 -20.54 -3.86
C VAL A 373 19.69 -19.72 -3.04
N ASP A 374 20.82 -20.32 -2.67
CA ASP A 374 21.80 -19.62 -1.85
C ASP A 374 22.46 -18.49 -2.62
N ALA A 375 22.61 -17.34 -1.97
CA ALA A 375 23.22 -16.17 -2.59
C ALA A 375 24.74 -16.16 -2.48
N ASN A 376 25.32 -17.04 -1.68
CA ASN A 376 26.77 -17.11 -1.57
C ASN A 376 27.41 -17.79 -2.78
N LEU A 377 26.70 -18.74 -3.39
CA LEU A 377 27.22 -19.49 -4.53
C LEU A 377 26.79 -18.91 -5.87
N ASN A 378 26.08 -17.79 -5.87
CA ASN A 378 25.55 -17.23 -7.12
C ASN A 378 25.80 -15.74 -7.30
N PHE A 379 26.29 -15.04 -6.28
CA PHE A 379 26.51 -13.61 -6.40
C PHE A 379 27.76 -13.32 -7.22
N LYS A 380 27.66 -12.34 -8.12
CA LYS A 380 28.77 -11.90 -8.94
C LYS A 380 28.73 -10.38 -9.04
N GLU A 381 29.89 -9.79 -9.31
CA GLU A 381 29.96 -8.35 -9.49
C GLU A 381 29.35 -7.94 -10.82
N LEU A 382 28.89 -6.70 -10.88
CA LEU A 382 28.27 -6.14 -12.09
C LEU A 382 29.31 -5.36 -12.87
N LYS A 383 29.40 -5.64 -14.17
CA LYS A 383 30.36 -4.98 -15.04
C LYS A 383 29.78 -3.65 -15.51
N LEU A 384 30.34 -2.55 -15.03
CA LEU A 384 29.82 -1.23 -15.37
C LEU A 384 30.49 -0.71 -16.63
N PRO A 385 29.73 -0.38 -17.67
CA PRO A 385 30.33 0.23 -18.86
C PRO A 385 30.80 1.65 -18.57
N GLU A 386 31.68 2.14 -19.45
CA GLU A 386 32.18 3.49 -19.31
C GLU A 386 31.05 4.50 -19.53
N ILE A 387 30.93 5.45 -18.61
CA ILE A 387 29.82 6.41 -18.65
C ILE A 387 30.15 7.47 -19.69
N THR A 388 29.37 7.50 -20.77
CA THR A 388 29.50 8.54 -21.79
C THR A 388 28.46 9.63 -21.50
N GLU A 389 28.95 10.81 -21.14
CA GLU A 389 28.06 11.93 -20.82
C GLU A 389 27.82 12.77 -22.06
N GLY A 390 27.04 12.19 -22.97
CA GLY A 390 26.68 12.88 -24.19
C GLY A 390 25.75 14.05 -23.92
N PHE A 391 25.80 15.03 -24.82
CA PHE A 391 25.07 16.28 -24.65
C PHE A 391 24.42 16.69 -25.96
N GLY A 392 23.33 17.44 -25.84
CA GLY A 392 22.67 18.04 -26.97
C GLY A 392 22.47 19.53 -26.73
N GLU A 393 21.22 19.98 -26.77
CA GLU A 393 20.88 21.35 -26.40
C GLU A 393 20.10 21.44 -25.10
N LYS A 394 19.25 20.47 -24.80
CA LYS A 394 18.48 20.42 -23.57
C LYS A 394 18.67 19.06 -22.91
N SER A 395 18.55 19.04 -21.58
CA SER A 395 18.77 17.81 -20.83
C SER A 395 17.58 16.87 -20.98
N LEU A 396 17.88 15.61 -21.29
CA LEU A 396 16.89 14.53 -21.35
C LEU A 396 17.45 13.39 -20.51
N ALA A 397 17.16 13.42 -19.21
CA ALA A 397 17.78 12.48 -18.27
C ALA A 397 17.32 11.05 -18.51
N MET A 398 16.05 10.87 -18.86
CA MET A 398 15.52 9.52 -19.03
C MET A 398 16.13 8.81 -20.24
N ASN A 399 16.37 9.55 -21.33
CA ASN A 399 17.00 8.96 -22.50
C ASN A 399 18.43 8.54 -22.21
N ALA A 400 19.18 9.37 -21.50
CA ALA A 400 20.55 9.01 -21.12
C ALA A 400 20.57 7.80 -20.18
N VAL A 401 19.63 7.76 -19.23
CA VAL A 401 19.53 6.62 -18.33
C VAL A 401 19.19 5.35 -19.11
N GLY A 402 18.30 5.47 -20.10
CA GLY A 402 17.99 4.31 -20.95
C GLY A 402 19.17 3.84 -21.76
N SER A 403 19.96 4.78 -22.28
CA SER A 403 21.16 4.39 -23.02
C SER A 403 22.18 3.68 -22.13
N LEU A 404 22.39 4.21 -20.91
CA LEU A 404 23.32 3.58 -19.99
C LEU A 404 22.82 2.19 -19.56
N LEU A 405 21.51 2.04 -19.35
CA LEU A 405 20.96 0.72 -19.04
C LEU A 405 21.05 -0.22 -20.22
N GLU A 406 20.98 0.31 -21.45
CA GLU A 406 21.22 -0.50 -22.64
C GLU A 406 22.65 -1.04 -22.65
N LYS A 407 23.62 -0.18 -22.32
CA LYS A 407 25.01 -0.63 -22.22
C LYS A 407 25.18 -1.67 -21.11
N VAL A 408 24.52 -1.46 -19.97
CA VAL A 408 24.57 -2.43 -18.88
C VAL A 408 23.99 -3.77 -19.31
N PHE A 409 22.86 -3.73 -20.02
CA PHE A 409 22.27 -4.95 -20.55
C PHE A 409 23.21 -5.67 -21.52
N GLU A 410 23.94 -4.89 -22.33
CA GLU A 410 24.91 -5.47 -23.25
C GLU A 410 26.04 -6.15 -22.50
N LYS A 411 26.57 -5.51 -21.45
CA LYS A 411 27.75 -6.03 -20.78
C LYS A 411 27.45 -7.20 -19.85
N ASN A 412 26.24 -7.27 -19.28
CA ASN A 412 25.88 -8.28 -18.30
C ASN A 412 24.65 -9.04 -18.80
N PRO A 413 24.84 -10.07 -19.63
CA PRO A 413 23.70 -10.76 -20.24
C PRO A 413 23.11 -11.90 -19.41
N ASP A 414 23.46 -12.04 -18.14
CA ASP A 414 22.98 -13.16 -17.34
C ASP A 414 22.50 -12.78 -15.93
N ASN A 415 22.81 -11.60 -15.43
CA ASN A 415 22.44 -11.23 -14.07
C ASN A 415 21.91 -9.80 -14.02
N PHE A 416 21.05 -9.44 -14.96
CA PHE A 416 20.42 -8.12 -14.95
C PHE A 416 19.05 -8.22 -15.61
N ARG A 417 18.06 -7.56 -15.03
CA ARG A 417 16.69 -7.59 -15.54
C ARG A 417 16.01 -6.27 -15.23
N PHE A 418 14.91 -6.01 -15.94
CA PHE A 418 14.18 -4.76 -15.85
C PHE A 418 12.69 -5.05 -15.69
N PHE A 419 12.03 -4.27 -14.83
CA PHE A 419 10.61 -4.43 -14.56
C PHE A 419 9.92 -3.08 -14.62
N SER A 420 8.71 -3.05 -15.20
CA SER A 420 7.96 -1.82 -15.37
C SER A 420 6.48 -2.15 -15.53
N PRO A 421 5.57 -1.32 -15.00
CA PRO A 421 4.13 -1.58 -15.17
C PRO A 421 3.55 -0.94 -16.44
N ASP A 422 4.02 -1.45 -17.58
CA ASP A 422 3.59 -0.98 -18.91
C ASP A 422 3.79 0.52 -19.07
N GLU A 423 4.95 1.01 -18.62
CA GLU A 423 5.26 2.44 -18.66
C GLU A 423 6.66 2.70 -19.19
N THR A 424 7.20 1.79 -19.99
CA THR A 424 8.57 1.96 -20.47
C THR A 424 8.66 3.04 -21.56
N TYR A 425 7.68 3.07 -22.47
CA TYR A 425 7.68 4.09 -23.51
C TYR A 425 7.29 5.46 -22.95
N SER A 426 6.33 5.49 -22.04
CA SER A 426 5.87 6.75 -21.45
C SER A 426 6.94 7.41 -20.59
N ASN A 427 7.87 6.63 -20.04
CA ASN A 427 8.93 7.16 -19.19
C ASN A 427 10.19 7.50 -19.96
N LYS A 428 10.16 7.42 -21.29
CA LYS A 428 11.31 7.73 -22.16
C LYS A 428 12.51 6.85 -21.83
N LEU A 429 12.26 5.54 -21.69
CA LEU A 429 13.30 4.55 -21.43
C LEU A 429 13.28 3.45 -22.47
N ASP A 430 12.88 3.78 -23.70
CA ASP A 430 12.73 2.79 -24.75
C ASP A 430 14.05 2.43 -25.42
N ALA A 431 15.14 3.17 -25.15
CA ALA A 431 16.43 2.86 -25.74
C ALA A 431 16.92 1.47 -25.34
N ILE A 432 16.52 1.00 -24.16
CA ILE A 432 16.88 -0.34 -23.71
C ILE A 432 16.28 -1.43 -24.57
N PHE A 433 15.32 -1.09 -25.44
CA PHE A 433 14.82 -2.08 -26.39
C PHE A 433 15.78 -2.34 -27.55
N GLU A 434 16.88 -1.59 -27.64
CA GLU A 434 17.90 -1.91 -28.64
C GLU A 434 18.68 -3.16 -28.27
N ALA A 435 18.65 -3.57 -27.01
CA ALA A 435 19.34 -4.77 -26.55
C ALA A 435 18.39 -5.94 -26.31
N THR A 436 17.34 -5.75 -25.52
CA THR A 436 16.46 -6.83 -25.12
C THR A 436 15.01 -6.45 -25.39
N SER A 437 14.17 -7.48 -25.47
CA SER A 437 12.75 -7.35 -25.72
C SER A 437 11.97 -7.52 -24.42
N ARG A 438 10.65 -7.56 -24.52
CA ARG A 438 9.77 -7.79 -23.39
C ARG A 438 9.32 -9.25 -23.36
N SER A 439 9.36 -9.85 -22.17
CA SER A 439 8.99 -11.24 -22.03
C SER A 439 7.50 -11.43 -22.26
N TRP A 440 7.15 -12.40 -23.12
CA TRP A 440 5.76 -12.60 -23.52
C TRP A 440 5.65 -14.01 -24.09
N GLN A 441 4.82 -14.85 -23.46
CA GLN A 441 4.68 -16.24 -23.86
C GLN A 441 3.42 -16.49 -24.69
N ARG A 442 2.65 -15.46 -25.00
CA ARG A 442 1.43 -15.61 -25.78
C ARG A 442 1.68 -15.21 -27.23
N GLU A 443 0.62 -15.19 -28.03
CA GLU A 443 0.73 -14.90 -29.45
C GLU A 443 1.10 -13.43 -29.68
N ILE A 444 1.80 -13.18 -30.79
CA ILE A 444 2.24 -11.85 -31.17
C ILE A 444 1.67 -11.52 -32.54
N LYS A 445 0.96 -10.40 -32.63
CA LYS A 445 0.42 -9.94 -33.90
C LYS A 445 1.50 -9.23 -34.71
N PRO A 446 1.38 -9.20 -36.05
CA PRO A 446 2.43 -8.59 -36.88
C PRO A 446 2.68 -7.11 -36.60
N TRP A 447 1.66 -6.36 -36.20
CA TRP A 447 1.85 -4.93 -35.97
C TRP A 447 2.40 -4.61 -34.59
N GLU A 448 2.57 -5.61 -33.72
CA GLU A 448 3.16 -5.39 -32.41
C GLU A 448 4.67 -5.54 -32.47
N LYS A 449 5.35 -4.83 -31.58
CA LYS A 449 6.81 -4.82 -31.55
C LYS A 449 7.29 -5.03 -30.12
N ASP A 450 8.55 -5.47 -30.01
CA ASP A 450 9.25 -5.64 -28.74
C ASP A 450 8.55 -6.68 -27.85
N LEU A 451 8.29 -7.85 -28.42
CA LEU A 451 7.74 -8.98 -27.68
C LEU A 451 8.52 -10.23 -28.07
N ALA A 452 9.09 -10.91 -27.09
CA ALA A 452 9.86 -12.13 -27.34
C ALA A 452 9.74 -13.05 -26.13
N LYS A 453 9.91 -14.35 -26.39
CA LYS A 453 9.83 -15.34 -25.32
C LYS A 453 10.98 -15.17 -24.32
N ASN A 454 12.19 -14.91 -24.81
CA ASN A 454 13.37 -14.78 -23.97
C ASN A 454 13.67 -13.33 -23.62
N GLY A 455 12.65 -12.49 -23.53
CA GLY A 455 12.86 -11.10 -23.17
C GLY A 455 13.28 -10.96 -21.71
N ARG A 456 14.09 -9.93 -21.46
CA ARG A 456 14.58 -9.64 -20.12
C ARG A 456 13.84 -8.49 -19.47
N VAL A 457 12.70 -8.10 -20.01
CA VAL A 457 11.84 -7.06 -19.43
C VAL A 457 10.48 -7.69 -19.21
N THR A 458 9.98 -7.62 -17.97
CA THR A 458 8.68 -8.15 -17.61
C THR A 458 7.74 -6.99 -17.31
N GLU A 459 6.57 -6.99 -17.94
CA GLU A 459 5.61 -5.90 -17.82
C GLU A 459 4.25 -6.45 -17.41
N ILE A 460 3.73 -5.93 -16.31
CA ILE A 460 2.39 -6.26 -15.82
C ILE A 460 1.89 -5.08 -15.00
N LEU A 461 0.59 -4.83 -15.05
CA LEU A 461 0.03 -3.68 -14.37
C LEU A 461 -0.05 -3.87 -12.85
N SER A 462 0.11 -5.10 -12.36
CA SER A 462 0.11 -5.35 -10.92
C SER A 462 1.48 -4.99 -10.37
N GLU A 463 1.56 -3.92 -9.59
CA GLU A 463 2.83 -3.50 -9.00
C GLU A 463 3.32 -4.49 -7.95
N ASN A 464 2.39 -5.18 -7.26
CA ASN A 464 2.77 -6.16 -6.26
C ASN A 464 3.55 -7.31 -6.87
N CYS A 465 3.11 -7.79 -8.04
CA CYS A 465 3.81 -8.87 -8.72
C CYS A 465 5.21 -8.43 -9.16
N LEU A 466 5.34 -7.19 -9.64
CA LEU A 466 6.65 -6.69 -10.03
C LEU A 466 7.58 -6.58 -8.84
N GLN A 467 7.08 -6.07 -7.71
CA GLN A 467 7.90 -5.98 -6.51
C GLN A 467 8.31 -7.37 -6.01
N GLY A 468 7.39 -8.34 -6.06
CA GLY A 468 7.73 -9.68 -5.66
C GLY A 468 8.78 -10.33 -6.56
N LEU A 469 8.65 -10.14 -7.87
CA LEU A 469 9.64 -10.67 -8.80
C LEU A 469 11.01 -10.04 -8.57
N LEU A 470 11.04 -8.71 -8.37
CA LEU A 470 12.30 -8.04 -8.12
C LEU A 470 12.94 -8.51 -6.82
N GLN A 471 12.15 -8.66 -5.76
CA GLN A 471 12.71 -9.08 -4.48
C GLN A 471 13.18 -10.53 -4.52
N GLY A 472 12.47 -11.40 -5.27
CA GLY A 472 12.95 -12.76 -5.42
C GLY A 472 14.25 -12.84 -6.20
N TYR A 473 14.34 -12.09 -7.31
CA TYR A 473 15.57 -12.08 -8.10
C TYR A 473 16.74 -11.52 -7.30
N ILE A 474 16.51 -10.47 -6.52
CA ILE A 474 17.59 -9.87 -5.74
C ILE A 474 18.01 -10.78 -4.59
N LEU A 475 17.04 -11.38 -3.89
CA LEU A 475 17.36 -12.24 -2.77
C LEU A 475 17.99 -13.56 -3.20
N THR A 476 17.78 -13.99 -4.44
CA THR A 476 18.51 -15.15 -4.93
C THR A 476 19.98 -14.81 -5.15
N GLY A 477 20.29 -13.54 -5.42
CA GLY A 477 21.68 -13.12 -5.53
C GLY A 477 22.03 -12.41 -6.82
N ARG A 478 21.05 -11.79 -7.47
CA ARG A 478 21.30 -11.11 -8.74
C ARG A 478 20.83 -9.66 -8.70
N TYR A 479 20.85 -8.98 -9.85
CA TYR A 479 20.61 -7.55 -9.93
C TYR A 479 19.27 -7.26 -10.62
N GLY A 480 18.75 -6.07 -10.36
CA GLY A 480 17.51 -5.65 -10.98
C GLY A 480 17.18 -4.21 -10.65
N VAL A 481 16.35 -3.62 -11.51
CA VAL A 481 15.90 -2.23 -11.38
C VAL A 481 14.41 -2.19 -11.73
N LEU A 482 13.62 -1.53 -10.90
CA LEU A 482 12.18 -1.38 -11.14
C LEU A 482 11.85 0.09 -11.32
N THR A 483 11.14 0.41 -12.39
CA THR A 483 10.74 1.79 -12.67
C THR A 483 9.22 1.90 -12.62
N SER A 484 8.74 3.11 -12.34
CA SER A 484 7.31 3.37 -12.19
C SER A 484 7.05 4.87 -12.17
N TYR A 485 5.77 5.21 -12.15
CA TYR A 485 5.34 6.57 -11.83
C TYR A 485 5.57 6.85 -10.34
N GLU A 486 5.77 8.13 -10.02
CA GLU A 486 5.98 8.51 -8.63
C GLU A 486 4.71 8.36 -7.81
N ALA A 487 3.55 8.65 -8.40
CA ALA A 487 2.31 8.68 -7.63
C ALA A 487 1.80 7.29 -7.29
N PHE A 488 2.10 6.29 -8.11
CA PHE A 488 1.59 4.95 -7.91
C PHE A 488 2.57 4.05 -7.18
N ALA A 489 3.70 4.59 -6.74
CA ALA A 489 4.64 3.82 -5.92
C ALA A 489 4.07 3.34 -4.58
N PRO A 490 3.35 4.16 -3.75
CA PRO A 490 2.95 3.69 -2.41
C PRO A 490 2.05 2.45 -2.39
N VAL A 491 1.57 2.03 -3.57
CA VAL A 491 0.82 0.78 -3.67
C VAL A 491 1.66 -0.39 -3.19
N ILE A 492 2.97 -0.34 -3.44
CA ILE A 492 3.86 -1.40 -2.95
C ILE A 492 4.68 -0.88 -1.77
N SER A 493 4.12 0.08 -1.04
CA SER A 493 4.82 0.68 0.10
C SER A 493 5.10 -0.36 1.19
N SER A 494 4.04 -0.88 1.80
CA SER A 494 4.17 -1.68 3.02
C SER A 494 4.99 -2.94 2.78
N MET A 495 4.77 -3.61 1.65
CA MET A 495 5.55 -4.80 1.32
C MET A 495 7.04 -4.49 1.27
N MET A 496 7.39 -3.32 0.73
CA MET A 496 8.79 -2.91 0.70
C MET A 496 9.36 -2.84 2.11
N ASP A 497 8.58 -2.33 3.06
CA ASP A 497 9.02 -2.27 4.46
C ASP A 497 9.36 -3.66 4.98
N GLN A 498 8.57 -4.67 4.58
CA GLN A 498 8.87 -6.04 4.98
C GLN A 498 10.26 -6.44 4.54
N TYR A 499 10.61 -6.14 3.29
CA TYR A 499 11.94 -6.44 2.77
C TYR A 499 13.01 -5.79 3.63
N ALA A 500 12.77 -4.55 4.07
CA ALA A 500 13.75 -3.85 4.89
C ALA A 500 14.01 -4.61 6.18
N LYS A 501 12.97 -5.17 6.78
CA LYS A 501 13.15 -5.94 8.01
C LYS A 501 14.08 -7.12 7.77
N PHE A 502 13.89 -7.80 6.63
CA PHE A 502 14.79 -8.89 6.25
C PHE A 502 16.23 -8.43 6.24
N LEU A 503 16.49 -7.26 5.65
CA LEU A 503 17.85 -6.73 5.60
C LEU A 503 18.39 -6.50 7.00
N ALA A 504 17.56 -5.94 7.89
CA ALA A 504 17.99 -5.76 9.26
C ALA A 504 18.27 -7.10 9.93
N GLN A 505 17.41 -8.08 9.68
CA GLN A 505 17.63 -9.40 10.25
C GLN A 505 18.74 -10.15 9.54
N SER A 506 19.25 -9.64 8.43
CA SER A 506 20.45 -10.19 7.82
C SER A 506 21.71 -9.52 8.33
N LYS A 507 21.60 -8.45 9.12
CA LYS A 507 22.78 -7.76 9.60
C LYS A 507 23.46 -8.48 10.76
N GLU A 508 22.73 -9.32 11.48
CA GLU A 508 23.26 -10.04 12.63
C GLU A 508 23.57 -11.51 12.33
N VAL A 509 23.56 -11.90 11.05
CA VAL A 509 23.86 -13.27 10.64
C VAL A 509 25.24 -13.27 9.98
N LYS A 510 26.09 -14.19 10.42
CA LYS A 510 27.49 -14.23 10.00
C LYS A 510 27.74 -15.11 8.78
N TRP A 511 26.69 -15.70 8.20
CA TRP A 511 26.88 -16.61 7.08
C TRP A 511 25.95 -16.30 5.91
N ARG A 512 25.38 -15.08 5.86
CA ARG A 512 24.43 -14.75 4.81
C ARG A 512 25.12 -14.27 3.54
N GLY A 513 25.94 -13.23 3.64
CA GLY A 513 26.67 -12.72 2.50
C GLY A 513 26.06 -11.45 1.94
N ASP A 514 26.72 -10.91 0.92
CA ASP A 514 26.32 -9.66 0.31
C ASP A 514 25.19 -9.88 -0.69
N LEU A 515 24.43 -8.81 -0.93
CA LEU A 515 23.30 -8.83 -1.85
C LEU A 515 23.26 -7.52 -2.63
N ALA A 516 22.62 -7.58 -3.80
CA ALA A 516 22.44 -6.38 -4.61
C ALA A 516 21.39 -5.47 -3.99
N SER A 517 21.49 -4.18 -4.29
CA SER A 517 20.56 -3.20 -3.75
C SER A 517 19.23 -3.24 -4.49
N LEU A 518 18.19 -2.74 -3.83
CA LEU A 518 16.85 -2.65 -4.39
C LEU A 518 16.69 -1.26 -5.00
N ASN A 519 16.64 -1.19 -6.33
CA ASN A 519 16.75 0.07 -7.05
C ASN A 519 15.44 0.44 -7.72
N TYR A 520 14.95 1.64 -7.45
CA TYR A 520 13.72 2.18 -8.01
C TYR A 520 14.03 3.39 -8.86
N ILE A 521 13.34 3.50 -10.00
CA ILE A 521 13.39 4.67 -10.88
C ILE A 521 11.96 5.18 -10.99
N LEU A 522 11.63 6.23 -10.25
CA LEU A 522 10.30 6.82 -10.27
C LEU A 522 10.35 8.11 -11.08
N THR A 523 9.53 8.20 -12.11
CA THR A 523 9.54 9.37 -12.99
C THR A 523 8.11 9.76 -13.33
N SER A 524 7.98 10.72 -14.24
CA SER A 524 6.71 11.37 -14.59
C SER A 524 6.03 11.91 -13.35
N THR A 525 6.70 12.88 -12.72
CA THR A 525 6.25 13.43 -11.46
C THR A 525 5.01 14.30 -11.66
N GLY A 526 4.42 14.72 -10.53
CA GLY A 526 3.18 15.46 -10.57
C GLY A 526 3.30 16.90 -11.03
N TRP A 527 4.53 17.42 -11.12
CA TRP A 527 4.71 18.79 -11.57
C TRP A 527 4.53 18.95 -13.09
N ARG A 528 4.54 17.84 -13.84
CA ARG A 528 4.44 17.90 -15.29
C ARG A 528 3.45 16.87 -15.83
N GLN A 529 2.44 16.53 -15.05
CA GLN A 529 1.39 15.63 -15.52
C GLN A 529 0.43 16.42 -16.40
N ASP A 530 0.54 16.24 -17.71
CA ASP A 530 -0.21 17.06 -18.66
C ASP A 530 -1.53 16.44 -19.07
N HIS A 531 -1.56 15.12 -19.28
CA HIS A 531 -2.78 14.44 -19.68
C HIS A 531 -3.65 14.02 -18.51
N ASN A 532 -3.19 14.20 -17.27
CA ASN A 532 -3.94 13.84 -16.09
C ASN A 532 -3.80 14.94 -15.05
N GLY A 533 -4.75 14.98 -14.12
CA GLY A 533 -4.75 16.03 -13.12
C GLY A 533 -5.22 15.62 -11.74
N PHE A 534 -4.39 15.88 -10.73
CA PHE A 534 -4.65 15.74 -9.29
C PHE A 534 -4.80 14.30 -8.83
N ASN A 535 -4.81 13.32 -9.74
CA ASN A 535 -4.80 11.91 -9.37
C ASN A 535 -3.45 11.26 -9.63
N HIS A 536 -2.50 12.00 -10.17
CA HIS A 536 -1.18 11.48 -10.53
C HIS A 536 -0.07 12.30 -9.88
N GLN A 537 -0.27 12.73 -8.64
CA GLN A 537 0.71 13.54 -7.92
C GLN A 537 0.65 13.16 -6.43
N ASN A 538 1.55 12.27 -6.01
CA ASN A 538 1.58 11.79 -4.63
C ASN A 538 3.02 11.45 -4.27
N PRO A 539 3.79 12.41 -3.76
CA PRO A 539 5.19 12.17 -3.40
C PRO A 539 5.35 11.70 -1.95
N SER A 540 4.79 10.53 -1.64
CA SER A 540 4.83 10.00 -0.30
C SER A 540 5.69 8.74 -0.16
N PHE A 541 6.14 8.15 -1.28
CA PHE A 541 6.95 6.93 -1.22
C PHE A 541 8.32 7.20 -0.62
N ILE A 542 8.91 8.36 -0.95
CA ILE A 542 10.24 8.67 -0.45
C ILE A 542 10.22 8.88 1.07
N ASP A 543 9.09 9.37 1.61
CA ASP A 543 8.98 9.47 3.07
C ASP A 543 8.99 8.10 3.73
N GLU A 544 8.25 7.13 3.16
CA GLU A 544 8.25 5.79 3.69
C GLU A 544 9.62 5.13 3.56
N VAL A 545 10.35 5.44 2.49
CA VAL A 545 11.70 4.90 2.35
C VAL A 545 12.64 5.51 3.39
N LEU A 546 12.55 6.82 3.60
CA LEU A 546 13.40 7.50 4.57
C LEU A 546 13.02 7.23 6.02
N ARG A 547 11.83 6.65 6.27
CA ARG A 547 11.39 6.43 7.64
C ARG A 547 12.22 5.37 8.35
N ARG A 548 12.69 4.37 7.62
CA ARG A 548 13.42 3.26 8.22
C ARG A 548 14.78 3.71 8.73
N GLU A 549 15.26 3.07 9.79
CA GLU A 549 16.40 3.57 10.54
C GLU A 549 17.55 2.58 10.69
N ASN A 550 17.49 1.41 10.08
CA ASN A 550 18.58 0.44 10.21
C ASN A 550 19.62 0.59 9.10
N GLY A 551 20.09 1.82 8.89
CA GLY A 551 21.04 2.09 7.83
C GLY A 551 20.53 1.80 6.44
N ILE A 552 19.23 1.91 6.22
CA ILE A 552 18.59 1.57 4.95
C ILE A 552 17.76 2.75 4.49
N GLY A 553 17.86 3.08 3.20
CA GLY A 553 17.07 4.15 2.63
C GLY A 553 17.87 5.30 2.06
N GLN A 554 17.86 5.43 0.73
CA GLN A 554 18.58 6.49 0.04
C GLN A 554 17.75 7.00 -1.11
N ILE A 555 17.67 8.32 -1.25
CA ILE A 555 16.95 8.98 -2.33
C ILE A 555 17.94 9.82 -3.12
N PHE A 556 17.95 9.64 -4.44
CA PHE A 556 18.83 10.38 -5.33
C PHE A 556 18.01 11.39 -6.12
N LEU A 557 18.49 12.63 -6.16
CA LEU A 557 17.75 13.78 -6.67
C LEU A 557 18.58 14.50 -7.73
N PRO A 558 18.61 13.97 -8.96
CA PRO A 558 19.48 14.56 -9.98
C PRO A 558 19.03 15.94 -10.41
N ALA A 559 19.99 16.73 -10.90
CA ALA A 559 19.72 18.05 -11.43
C ALA A 559 19.58 18.04 -12.95
N ASP A 560 20.36 17.23 -13.64
CA ASP A 560 20.31 17.14 -15.09
C ASP A 560 20.65 15.71 -15.50
N ASP A 561 20.92 15.51 -16.79
CA ASP A 561 21.20 14.18 -17.30
C ASP A 561 22.56 13.66 -16.83
N ASN A 562 23.55 14.55 -16.69
CA ASN A 562 24.86 14.13 -16.18
C ASN A 562 24.74 13.65 -14.74
N SER A 563 24.01 14.39 -13.90
CA SER A 563 23.76 13.94 -12.54
C SER A 563 22.97 12.64 -12.53
N ALA A 564 22.06 12.47 -13.50
CA ALA A 564 21.26 11.25 -13.56
C ALA A 564 22.13 10.03 -13.87
N VAL A 565 23.04 10.15 -14.84
CA VAL A 565 23.87 9.00 -15.19
C VAL A 565 24.90 8.73 -14.08
N ALA A 566 25.42 9.80 -13.45
CA ALA A 566 26.33 9.60 -12.32
C ALA A 566 25.62 8.89 -11.17
N ALA A 567 24.39 9.28 -10.87
CA ALA A 567 23.65 8.65 -9.78
C ALA A 567 23.30 7.20 -10.10
N ILE A 568 22.85 6.93 -11.33
CA ILE A 568 22.51 5.55 -11.69
C ILE A 568 23.76 4.68 -11.78
N SER A 569 24.94 5.27 -11.99
CA SER A 569 26.17 4.52 -11.83
C SER A 569 26.50 4.27 -10.37
N LYS A 570 26.15 5.23 -9.50
CA LYS A 570 26.47 5.09 -8.08
C LYS A 570 25.61 4.01 -7.41
N MET A 571 24.31 3.97 -7.71
CA MET A 571 23.45 3.00 -7.03
C MET A 571 23.75 1.56 -7.45
N LEU A 572 24.31 1.36 -8.64
CA LEU A 572 24.66 0.00 -9.06
C LEU A 572 25.94 -0.51 -8.39
N LYS A 573 26.65 0.33 -7.66
CA LYS A 573 27.85 -0.06 -6.93
C LYS A 573 27.61 -0.18 -5.43
N THR A 574 26.35 -0.17 -4.99
CA THR A 574 26.01 -0.25 -3.58
C THR A 574 25.36 -1.59 -3.29
N ARG A 575 25.62 -2.14 -2.10
CA ARG A 575 25.13 -3.45 -1.71
C ARG A 575 24.36 -3.36 -0.40
N ASN A 576 23.32 -4.20 -0.29
CA ASN A 576 22.52 -4.36 0.92
C ASN A 576 21.87 -3.04 1.33
N ASN A 577 21.08 -2.47 0.43
CA ASN A 577 20.39 -1.21 0.70
C ASN A 577 19.21 -1.07 -0.26
N ILE A 578 18.51 0.05 -0.15
CA ILE A 578 17.39 0.39 -1.01
C ILE A 578 17.57 1.82 -1.49
N ASN A 579 17.55 2.02 -2.81
CA ASN A 579 17.78 3.33 -3.41
C ASN A 579 16.64 3.68 -4.35
N VAL A 580 16.27 4.97 -4.35
CA VAL A 580 15.21 5.50 -5.21
C VAL A 580 15.75 6.70 -5.97
N LEU A 581 15.55 6.73 -7.28
CA LEU A 581 15.94 7.84 -8.14
C LEU A 581 14.70 8.47 -8.74
N VAL A 582 14.52 9.77 -8.49
CA VAL A 582 13.37 10.52 -9.01
C VAL A 582 13.87 11.65 -9.88
N ALA A 583 13.44 11.66 -11.14
CA ALA A 583 13.84 12.70 -12.08
C ALA A 583 12.75 12.88 -13.13
N GLY A 584 12.76 14.06 -13.75
CA GLY A 584 11.78 14.36 -14.78
C GLY A 584 12.16 13.78 -16.14
N LYS A 585 11.23 13.90 -17.09
CA LYS A 585 11.43 13.41 -18.44
C LYS A 585 11.22 14.48 -19.50
N THR A 586 11.00 15.72 -19.11
CA THR A 586 10.82 16.83 -20.03
C THR A 586 12.16 17.45 -20.38
N PRO A 587 12.24 18.15 -21.52
CA PRO A 587 13.46 18.92 -21.81
C PRO A 587 13.74 19.95 -20.72
N GLU A 588 15.01 20.03 -20.33
CA GLU A 588 15.41 20.77 -19.14
C GLU A 588 16.76 21.43 -19.42
N PRO A 589 17.03 22.58 -18.80
CA PRO A 589 18.37 23.17 -18.89
C PRO A 589 19.42 22.30 -18.22
N ARG A 590 20.67 22.49 -18.65
CA ARG A 590 21.82 21.76 -18.14
C ARG A 590 22.72 22.71 -17.38
N TYR A 591 23.19 22.28 -16.21
CA TYR A 591 24.04 23.10 -15.37
C TYR A 591 25.42 22.52 -15.10
N PHE A 592 25.56 21.20 -15.08
CA PHE A 592 26.78 20.55 -14.62
C PHE A 592 27.33 19.62 -15.69
N SER A 593 28.66 19.48 -15.70
CA SER A 593 29.35 18.55 -16.58
C SER A 593 29.53 17.21 -15.87
N LEU A 594 30.32 16.31 -16.47
CA LEU A 594 30.50 14.98 -15.90
C LEU A 594 31.38 15.02 -14.65
N GLU A 595 32.50 15.77 -14.71
CA GLU A 595 33.44 15.76 -13.60
C GLU A 595 32.87 16.47 -12.38
N SER A 596 32.16 17.58 -12.60
CA SER A 596 31.53 18.29 -11.49
C SER A 596 30.47 17.43 -10.82
N ALA A 597 29.65 16.73 -11.62
CA ALA A 597 28.63 15.87 -11.05
C ALA A 597 29.23 14.71 -10.27
N GLN A 598 30.29 14.09 -10.81
CA GLN A 598 30.93 12.99 -10.11
C GLN A 598 31.59 13.45 -8.82
N LYS A 599 32.24 14.62 -8.83
CA LYS A 599 32.85 15.15 -7.62
C LYS A 599 31.79 15.51 -6.59
N GLN A 600 30.65 16.05 -7.04
CA GLN A 600 29.55 16.36 -6.12
C GLN A 600 29.01 15.10 -5.47
N LEU A 601 28.84 14.03 -6.25
CA LEU A 601 28.37 12.77 -5.68
C LEU A 601 29.39 12.17 -4.72
N GLU A 602 30.67 12.27 -5.04
CA GLU A 602 31.70 11.77 -4.15
C GLU A 602 31.86 12.64 -2.90
N ASN A 603 31.37 13.87 -2.93
CA ASN A 603 31.34 14.71 -1.73
C ASN A 603 30.03 14.61 -0.96
N GLY A 604 29.10 13.77 -1.41
CA GLY A 604 27.82 13.57 -0.75
C GLY A 604 26.62 13.88 -1.63
N GLY A 605 26.73 14.90 -2.47
CA GLY A 605 25.61 15.30 -3.31
C GLY A 605 25.14 16.71 -3.01
N ILE A 606 26.05 17.58 -2.58
CA ILE A 606 25.73 18.96 -2.23
C ILE A 606 26.54 19.87 -3.15
N PHE A 607 25.85 20.79 -3.83
CA PHE A 607 26.47 21.78 -4.70
C PHE A 607 26.23 23.17 -4.11
N VAL A 608 27.30 23.94 -3.97
CA VAL A 608 27.25 25.26 -3.35
C VAL A 608 27.81 26.28 -4.35
N PHE A 609 27.09 27.38 -4.53
CA PHE A 609 27.49 28.43 -5.47
C PHE A 609 27.32 29.79 -4.81
N ASP A 610 28.31 30.66 -5.02
CA ASP A 610 28.26 32.05 -4.58
C ASP A 610 28.10 32.92 -5.81
N SER A 611 27.02 33.71 -5.85
CA SER A 611 26.67 34.49 -7.02
C SER A 611 27.27 35.89 -7.02
N TRP A 612 27.55 36.45 -5.83
CA TRP A 612 28.14 37.78 -5.77
C TRP A 612 29.62 37.79 -6.11
N LYS A 613 30.26 36.63 -6.16
CA LYS A 613 31.64 36.50 -6.60
C LYS A 613 31.81 35.49 -7.74
N ASN A 614 30.72 34.81 -8.13
CA ASN A 614 30.73 33.80 -9.19
C ASN A 614 31.75 32.70 -8.89
N GLN A 615 31.52 32.00 -7.78
CA GLN A 615 32.46 31.00 -7.30
C GLN A 615 31.72 29.73 -6.94
N LYS A 616 32.06 28.63 -7.61
CA LYS A 616 31.54 27.32 -7.24
C LYS A 616 32.41 26.70 -6.15
N ILE A 617 31.78 26.15 -5.12
CA ILE A 617 32.47 25.53 -4.01
C ILE A 617 32.11 24.05 -4.01
N THR A 618 33.13 23.20 -4.11
CA THR A 618 32.95 21.75 -4.08
C THR A 618 33.63 21.09 -2.89
N ASP A 619 34.45 21.81 -2.14
CA ASP A 619 35.05 21.32 -0.91
C ASP A 619 34.72 22.29 0.20
N TRP A 620 34.22 21.77 1.33
CA TRP A 620 33.68 22.63 2.37
C TRP A 620 34.76 23.38 3.15
N ASP A 621 36.03 23.05 2.95
CA ASP A 621 37.09 23.86 3.53
C ASP A 621 37.23 25.18 2.77
N SER A 622 37.96 26.10 3.39
CA SER A 622 38.23 27.44 2.83
C SER A 622 36.95 28.24 2.61
N ILE A 623 35.95 28.04 3.46
CA ILE A 623 34.75 28.87 3.46
C ILE A 623 34.97 29.99 4.48
N SER A 624 34.89 31.22 4.01
CA SER A 624 35.27 32.37 4.82
C SER A 624 34.21 32.66 5.88
N GLU A 625 34.67 32.81 7.13
CA GLU A 625 33.78 33.27 8.20
C GLU A 625 33.52 34.76 8.10
N ASP A 626 34.47 35.53 7.58
CA ASP A 626 34.30 36.96 7.43
C ASP A 626 33.36 37.35 6.30
N ASP A 627 33.10 36.43 5.37
CA ASP A 627 32.25 36.70 4.21
C ASP A 627 31.18 35.62 4.16
N GLU A 628 29.94 36.01 4.45
CA GLU A 628 28.83 35.08 4.55
C GLU A 628 27.65 35.59 3.73
N PRO A 629 26.81 34.70 3.20
CA PRO A 629 25.66 35.15 2.40
C PRO A 629 24.62 35.83 3.26
N ASP A 630 23.92 36.79 2.64
CA ASP A 630 22.80 37.44 3.31
C ASP A 630 21.54 36.58 3.32
N LEU A 631 21.42 35.67 2.35
CA LEU A 631 20.23 34.84 2.20
C LEU A 631 20.65 33.55 1.53
N ILE A 632 19.93 32.47 1.82
CA ILE A 632 20.20 31.16 1.25
C ILE A 632 18.95 30.69 0.52
N LEU A 633 19.10 30.38 -0.76
CA LEU A 633 18.07 29.73 -1.57
C LEU A 633 18.51 28.29 -1.81
N ALA A 634 17.68 27.34 -1.38
CA ALA A 634 18.00 25.93 -1.51
C ALA A 634 16.86 25.23 -2.23
N ALA A 635 17.21 24.23 -3.03
CA ALA A 635 16.23 23.51 -3.81
C ALA A 635 16.57 22.03 -3.80
N SER A 636 15.53 21.21 -3.99
CA SER A 636 15.69 19.75 -4.00
C SER A 636 14.71 19.20 -5.02
N GLY A 637 15.22 18.88 -6.21
CA GLY A 637 14.37 18.51 -7.33
C GLY A 637 14.63 19.39 -8.53
N ASP A 638 14.40 18.88 -9.73
CA ASP A 638 14.82 19.59 -10.94
C ASP A 638 13.95 20.83 -11.20
N TYR A 639 12.63 20.67 -11.10
CA TYR A 639 11.74 21.79 -11.40
C TYR A 639 11.87 22.91 -10.38
N VAL A 640 11.97 22.56 -9.09
CA VAL A 640 12.15 23.58 -8.07
C VAL A 640 13.53 24.22 -8.18
N PHE A 641 14.53 23.48 -8.69
CA PHE A 641 15.83 24.09 -8.91
C PHE A 641 15.80 25.06 -10.08
N LYS A 642 15.03 24.75 -11.13
CA LYS A 642 14.85 25.68 -12.23
C LYS A 642 14.16 26.96 -11.75
N GLU A 643 13.12 26.81 -10.94
CA GLU A 643 12.45 27.98 -10.38
C GLU A 643 13.39 28.78 -9.48
N THR A 644 14.22 28.08 -8.70
CA THR A 644 15.15 28.76 -7.80
C THR A 644 16.22 29.53 -8.56
N VAL A 645 16.76 28.95 -9.64
CA VAL A 645 17.79 29.67 -10.39
C VAL A 645 17.17 30.83 -11.18
N ALA A 646 15.93 30.68 -11.65
CA ALA A 646 15.25 31.82 -12.28
C ALA A 646 15.02 32.95 -11.27
N ALA A 647 14.59 32.61 -10.06
CA ALA A 647 14.41 33.62 -9.02
C ALA A 647 15.72 34.28 -8.62
N LEU A 648 16.80 33.49 -8.58
CA LEU A 648 18.12 34.04 -8.29
C LEU A 648 18.57 34.99 -9.39
N GLN A 649 18.28 34.65 -10.65
CA GLN A 649 18.59 35.55 -11.76
C GLN A 649 17.82 36.86 -11.63
N VAL A 650 16.53 36.78 -11.29
CA VAL A 650 15.73 37.99 -11.12
C VAL A 650 16.27 38.84 -9.98
N LEU A 651 16.63 38.21 -8.85
CA LEU A 651 17.15 38.95 -7.71
C LEU A 651 18.51 39.57 -8.00
N LEU A 652 19.34 38.90 -8.79
CA LEU A 652 20.61 39.50 -9.21
C LEU A 652 20.37 40.66 -10.18
N HIS A 653 19.33 40.57 -11.01
CA HIS A 653 19.03 41.65 -11.93
C HIS A 653 18.55 42.90 -11.19
N ASP A 654 17.63 42.72 -10.24
CA ASP A 654 16.93 43.87 -9.69
C ASP A 654 17.75 44.62 -8.65
N VAL A 655 18.07 43.96 -7.53
CA VAL A 655 18.68 44.67 -6.41
C VAL A 655 20.20 44.47 -6.39
N ALA A 656 20.64 43.20 -6.36
CA ALA A 656 22.05 42.80 -6.38
C ALA A 656 22.87 43.41 -5.24
N GLN A 657 22.22 43.91 -4.19
CA GLN A 657 22.92 44.43 -3.02
C GLN A 657 23.10 43.34 -1.96
N VAL A 658 22.12 42.46 -1.82
CA VAL A 658 22.27 41.33 -0.91
C VAL A 658 23.08 40.24 -1.60
N LYS A 659 23.65 39.36 -0.78
CA LYS A 659 24.48 38.25 -1.26
C LYS A 659 23.72 36.95 -1.08
N ILE A 660 23.60 36.18 -2.16
CA ILE A 660 22.79 34.97 -2.19
C ILE A 660 23.69 33.77 -2.45
N ARG A 661 23.55 32.74 -1.64
CA ARG A 661 24.26 31.48 -1.84
C ARG A 661 23.25 30.43 -2.29
N LEU A 662 23.52 29.79 -3.42
CA LEU A 662 22.64 28.78 -3.99
C LEU A 662 23.13 27.40 -3.59
N VAL A 663 22.24 26.59 -3.03
CA VAL A 663 22.57 25.26 -2.54
C VAL A 663 21.63 24.26 -3.19
N TYR A 664 22.18 23.19 -3.76
CA TYR A 664 21.40 22.10 -4.31
C TYR A 664 21.80 20.80 -3.64
N ILE A 665 20.81 19.97 -3.33
CA ILE A 665 21.01 18.68 -2.67
C ILE A 665 20.65 17.58 -3.65
N GLN A 666 21.57 16.64 -3.86
CA GLN A 666 21.37 15.55 -4.81
C GLN A 666 20.99 14.23 -4.16
N ALA A 667 21.27 14.05 -2.87
CA ALA A 667 21.00 12.78 -2.21
C ALA A 667 20.57 13.02 -0.76
N LEU A 668 19.63 12.21 -0.29
CA LEU A 668 19.16 12.23 1.08
C LEU A 668 19.13 10.81 1.63
N CYS A 669 19.50 10.67 2.90
CA CYS A 669 19.54 9.37 3.54
C CYS A 669 18.84 9.45 4.89
N GLY A 670 18.60 8.27 5.48
CA GLY A 670 17.96 8.21 6.77
C GLY A 670 18.78 8.78 7.90
N LYS A 671 20.09 8.81 7.76
CA LYS A 671 20.97 9.34 8.79
C LYS A 671 21.23 10.84 8.66
N GLY A 672 20.76 11.47 7.60
CA GLY A 672 20.93 12.90 7.46
C GLY A 672 21.03 13.31 6.01
N ILE A 673 21.82 14.34 5.76
CA ILE A 673 21.99 14.91 4.43
C ILE A 673 23.14 14.22 3.73
N GLY A 674 22.89 13.70 2.53
CA GLY A 674 23.93 13.08 1.74
C GLY A 674 23.70 11.59 1.53
N THR A 675 24.79 10.82 1.49
CA THR A 675 24.74 9.38 1.36
C THR A 675 25.14 8.72 2.67
N PHE A 676 24.92 7.41 2.75
CA PHE A 676 25.32 6.65 3.93
C PHE A 676 26.83 6.64 4.10
N GLU A 677 27.56 6.48 2.99
CA GLU A 677 29.02 6.45 3.06
C GLU A 677 29.58 7.82 3.44
N ASN A 678 29.00 8.89 2.92
CA ASN A 678 29.44 10.25 3.20
C ASN A 678 28.22 11.09 3.54
N THR A 679 27.94 11.21 4.84
CA THR A 679 26.78 11.95 5.33
C THR A 679 27.27 13.28 5.91
N LEU A 680 26.60 14.36 5.53
CA LEU A 680 26.94 15.69 6.02
C LEU A 680 26.79 15.74 7.54
N SER A 681 27.79 16.29 8.21
CA SER A 681 27.82 16.33 9.66
C SER A 681 27.12 17.57 10.19
N LYS A 682 27.00 17.64 11.52
CA LYS A 682 26.36 18.78 12.15
C LYS A 682 27.26 20.02 12.16
N SER A 683 28.56 19.85 11.93
CA SER A 683 29.47 20.99 11.84
C SER A 683 29.57 21.54 10.42
N ASP A 684 29.42 20.70 9.40
CA ASP A 684 29.44 21.19 8.03
C ASP A 684 28.14 21.91 7.67
N PHE A 685 27.04 21.56 8.34
CA PHE A 685 25.78 22.27 8.12
C PHE A 685 25.90 23.72 8.55
N VAL A 686 26.65 23.98 9.62
CA VAL A 686 26.86 25.35 10.08
C VAL A 686 27.69 26.13 9.07
N LYS A 687 28.64 25.48 8.41
CA LYS A 687 29.45 26.18 7.41
C LYS A 687 28.66 26.43 6.13
N ILE A 688 27.91 25.43 5.66
CA ILE A 688 27.12 25.60 4.44
C ILE A 688 25.95 26.56 4.68
N PHE A 689 25.20 26.33 5.75
CA PHE A 689 24.07 27.17 6.13
C PHE A 689 24.45 28.00 7.34
N THR A 690 24.45 29.32 7.19
CA THR A 690 24.85 30.21 8.26
C THR A 690 23.85 30.11 9.42
N LYS A 691 24.34 30.41 10.63
CA LYS A 691 23.59 30.13 11.85
C LYS A 691 22.27 30.89 11.92
N ASP A 692 22.27 32.17 11.52
CA ASP A 692 21.11 33.01 11.70
C ASP A 692 20.50 33.55 10.41
N LYS A 693 21.12 33.31 9.25
CA LYS A 693 20.55 33.81 8.02
C LYS A 693 19.35 32.97 7.58
N PRO A 694 18.34 33.59 6.97
CA PRO A 694 17.17 32.84 6.52
C PRO A 694 17.51 31.86 5.41
N VAL A 695 16.78 30.75 5.38
CA VAL A 695 16.95 29.70 4.39
C VAL A 695 15.60 29.41 3.76
N ILE A 696 15.41 29.85 2.52
CA ILE A 696 14.20 29.53 1.77
C ILE A 696 14.47 28.25 0.99
N PHE A 697 13.65 27.23 1.22
CA PHE A 697 13.87 25.89 0.69
C PHE A 697 12.67 25.47 -0.14
N ALA A 698 12.94 24.97 -1.34
CA ALA A 698 11.92 24.40 -2.21
C ALA A 698 12.15 22.91 -2.33
N PHE A 699 11.11 22.13 -2.07
CA PHE A 699 11.23 20.67 -2.04
C PHE A 699 10.33 20.05 -3.11
N HIS A 700 10.78 18.92 -3.65
CA HIS A 700 10.00 18.23 -4.67
C HIS A 700 8.77 17.56 -4.08
N GLY A 701 8.85 17.08 -2.85
CA GLY A 701 7.73 16.42 -2.21
C GLY A 701 7.11 17.22 -1.08
N TYR A 702 6.61 16.52 -0.06
CA TYR A 702 5.97 17.18 1.06
C TYR A 702 6.99 17.95 1.91
N ALA A 703 6.50 19.01 2.56
CA ALA A 703 7.38 19.84 3.38
C ALA A 703 7.79 19.14 4.66
N LYS A 704 6.87 18.36 5.26
CA LYS A 704 7.18 17.68 6.51
C LYS A 704 8.20 16.58 6.34
N THR A 705 8.32 16.01 5.13
CA THR A 705 9.37 15.01 4.88
C THR A 705 10.76 15.63 5.07
N LEU A 706 10.96 16.85 4.57
CA LEU A 706 12.22 17.54 4.81
C LEU A 706 12.30 18.09 6.23
N LYS A 707 11.16 18.45 6.82
CA LYS A 707 11.15 18.96 8.20
C LYS A 707 11.63 17.92 9.19
N SER A 708 11.24 16.65 8.98
CA SER A 708 11.67 15.58 9.87
C SER A 708 13.18 15.40 9.83
N ILE A 709 13.78 15.51 8.64
CA ILE A 709 15.23 15.39 8.50
C ILE A 709 15.92 16.60 9.10
N LEU A 710 15.39 17.80 8.87
CA LEU A 710 16.02 19.03 9.34
C LEU A 710 15.75 19.32 10.80
N PHE A 711 14.94 18.50 11.47
CA PHE A 711 14.73 18.64 12.91
C PHE A 711 16.05 18.53 13.68
N ASP A 712 16.95 17.66 13.24
CA ASP A 712 18.17 17.36 13.98
C ASP A 712 19.33 18.29 13.66
N TYR A 713 19.12 19.29 12.79
CA TYR A 713 20.20 20.17 12.38
C TYR A 713 20.10 21.50 13.13
N GLU A 714 20.96 22.44 12.75
CA GLU A 714 21.13 23.67 13.51
C GLU A 714 20.04 24.68 13.18
N ASN A 715 19.37 25.18 14.23
CA ASN A 715 18.38 26.26 14.19
C ASN A 715 17.28 26.02 13.16
N PRO A 716 16.36 25.08 13.41
CA PRO A 716 15.30 24.80 12.42
C PRO A 716 14.19 25.85 12.40
N ALA A 717 14.25 26.88 13.23
CA ALA A 717 13.19 27.88 13.26
C ALA A 717 13.25 28.82 12.05
N ARG A 718 14.44 29.18 11.61
CA ARG A 718 14.60 30.15 10.53
C ARG A 718 14.46 29.55 9.14
N ILE A 719 14.33 28.22 9.03
CA ILE A 719 14.29 27.55 7.74
C ILE A 719 12.84 27.48 7.28
N GLN A 720 12.52 28.22 6.22
CA GLN A 720 11.20 28.13 5.61
C GLN A 720 11.24 27.08 4.50
N ILE A 721 10.29 26.16 4.52
CA ILE A 721 10.24 25.03 3.59
C ILE A 721 8.91 25.05 2.88
N ASN A 722 8.95 24.99 1.54
CA ASN A 722 7.74 24.93 0.72
C ASN A 722 7.84 23.74 -0.22
N GLY A 723 6.75 22.96 -0.29
CA GLY A 723 6.74 21.75 -1.08
C GLY A 723 5.49 21.65 -1.94
N TYR A 724 4.99 20.43 -2.08
CA TYR A 724 3.89 20.15 -3.00
C TYR A 724 2.57 20.74 -2.49
N GLU A 725 2.30 20.60 -1.19
CA GLU A 725 1.17 21.22 -0.49
C GLU A 725 -0.20 20.73 -0.96
N GLU A 726 -0.25 19.73 -1.85
CA GLU A 726 -1.48 19.04 -2.26
C GLU A 726 -2.49 19.99 -2.89
N LYS A 727 -2.09 20.64 -3.98
CA LYS A 727 -2.96 21.50 -4.76
C LYS A 727 -2.62 21.38 -6.23
N GLY A 728 -3.61 21.66 -7.08
CA GLY A 728 -3.38 21.67 -8.51
C GLY A 728 -4.43 20.93 -9.32
N SER A 729 -4.38 21.11 -10.65
CA SER A 729 -5.29 20.45 -11.57
C SER A 729 -4.65 20.46 -12.95
N THR A 730 -5.43 20.11 -13.97
CA THR A 730 -4.95 20.11 -15.35
C THR A 730 -4.79 21.56 -15.81
N THR A 731 -3.54 22.02 -15.88
CA THR A 731 -3.24 23.40 -16.24
C THR A 731 -1.81 23.47 -16.76
N THR A 732 -1.32 24.68 -16.97
CA THR A 732 0.04 24.91 -17.44
C THR A 732 1.04 24.64 -16.32
N PRO A 733 2.29 24.29 -16.69
CA PRO A 733 3.31 24.06 -15.65
C PRO A 733 3.57 25.26 -14.74
N PHE A 734 3.54 26.48 -15.28
CA PHE A 734 3.76 27.65 -14.43
C PHE A 734 2.61 27.84 -13.45
N ASP A 735 1.38 27.59 -13.88
CA ASP A 735 0.24 27.62 -12.97
C ASP A 735 0.36 26.55 -11.91
N MET A 736 0.84 25.36 -12.29
CA MET A 736 1.05 24.28 -11.34
C MET A 736 2.09 24.65 -10.29
N LEU A 737 3.15 25.34 -10.70
CA LEU A 737 4.16 25.80 -9.75
C LEU A 737 3.63 26.93 -8.88
N ALA A 738 2.83 27.83 -9.43
CA ALA A 738 2.35 28.98 -8.69
C ALA A 738 1.25 28.62 -7.70
N ARG A 739 0.48 27.56 -7.98
CA ARG A 739 -0.60 27.16 -7.08
C ARG A 739 -0.07 26.70 -5.73
N ASN A 740 1.12 26.09 -5.70
CA ASN A 740 1.71 25.59 -4.48
C ASN A 740 2.79 26.52 -3.93
N LYS A 741 2.81 27.77 -4.39
CA LYS A 741 3.70 28.82 -3.88
C LYS A 741 5.17 28.44 -4.01
N VAL A 742 5.53 27.81 -5.14
CA VAL A 742 6.91 27.45 -5.38
C VAL A 742 7.35 27.92 -6.77
N SER A 743 6.69 28.96 -7.28
CA SER A 743 7.13 29.60 -8.51
C SER A 743 8.24 30.61 -8.21
N ARG A 744 8.83 31.17 -9.27
CA ARG A 744 9.97 32.05 -9.09
C ARG A 744 9.57 33.36 -8.42
N TYR A 745 8.39 33.89 -8.75
CA TYR A 745 7.99 35.20 -8.24
C TYR A 745 7.67 35.14 -6.75
N ASP A 746 6.96 34.10 -6.31
CA ASP A 746 6.69 33.98 -4.87
C ASP A 746 7.96 33.66 -4.09
N ILE A 747 8.91 32.95 -4.71
CA ILE A 747 10.19 32.70 -4.06
C ILE A 747 10.94 34.02 -3.87
N THR A 748 10.93 34.89 -4.89
CA THR A 748 11.57 36.19 -4.74
C THR A 748 10.86 37.05 -3.69
N VAL A 749 9.53 36.96 -3.63
CA VAL A 749 8.78 37.70 -2.62
C VAL A 749 9.16 37.22 -1.22
N ARG A 750 9.25 35.90 -1.03
CA ARG A 750 9.65 35.34 0.26
C ARG A 750 11.07 35.75 0.64
N ALA A 751 11.98 35.75 -0.35
CA ALA A 751 13.35 36.15 -0.08
C ALA A 751 13.46 37.63 0.28
N LEU A 752 12.65 38.46 -0.39
CA LEU A 752 12.66 39.90 -0.09
C LEU A 752 12.07 40.17 1.29
N LYS A 753 11.02 39.44 1.67
CA LYS A 753 10.40 39.66 2.98
C LYS A 753 11.25 39.08 4.10
N SER A 754 12.03 38.03 3.82
CA SER A 754 12.82 37.38 4.85
C SER A 754 14.09 38.15 5.20
N VAL A 755 14.53 39.07 4.36
CA VAL A 755 15.80 39.77 4.52
C VAL A 755 15.51 41.23 4.83
N SER A 756 16.15 41.74 5.88
CA SER A 756 16.05 43.13 6.34
C SER A 756 14.61 43.40 6.76
N GLU A 757 14.17 44.66 6.65
CA GLU A 757 12.80 45.01 7.03
C GLU A 757 11.78 44.38 6.08
N GLY A 758 12.11 44.31 4.79
CA GLY A 758 11.20 43.72 3.83
C GLY A 758 10.22 44.70 3.24
N ASP A 759 9.02 44.76 3.81
CA ASP A 759 7.94 45.60 3.28
C ASP A 759 8.27 47.09 3.35
N LYS A 760 9.22 47.48 4.19
CA LYS A 760 9.54 48.90 4.34
C LYS A 760 10.24 49.44 3.10
N VAL A 761 11.14 48.66 2.50
CA VAL A 761 11.99 49.17 1.42
C VAL A 761 11.75 48.40 0.13
N PHE A 762 11.34 47.13 0.24
CA PHE A 762 11.18 46.27 -0.93
C PHE A 762 9.72 45.99 -1.25
N GLY A 763 8.80 46.84 -0.78
CA GLY A 763 7.39 46.59 -1.02
C GLY A 763 7.00 46.72 -2.49
N SER A 764 7.48 47.75 -3.16
CA SER A 764 7.09 48.00 -4.55
C SER A 764 7.58 46.89 -5.47
N LEU A 765 8.75 46.32 -5.16
CA LEU A 765 9.23 45.16 -5.91
C LEU A 765 8.30 43.97 -5.71
N VAL A 766 7.77 43.79 -4.49
CA VAL A 766 6.82 42.72 -4.22
C VAL A 766 5.55 42.91 -5.04
N LYS A 767 5.04 44.15 -5.09
CA LYS A 767 3.85 44.42 -5.92
C LYS A 767 4.12 44.17 -7.39
N GLU A 768 5.31 44.57 -7.88
CA GLU A 768 5.66 44.34 -9.27
C GLU A 768 5.75 42.85 -9.59
N TYR A 769 6.35 42.07 -8.69
CA TYR A 769 6.47 40.64 -8.92
C TYR A 769 5.11 39.95 -8.88
N ARG A 770 4.24 40.39 -7.97
CA ARG A 770 2.89 39.83 -7.92
C ARG A 770 2.11 40.18 -9.17
N LYS A 771 2.29 41.40 -9.69
CA LYS A 771 1.66 41.78 -10.95
C LYS A 771 2.18 40.95 -12.12
N ARG A 772 3.48 40.68 -12.13
CA ARG A 772 4.06 39.83 -13.18
C ARG A 772 3.48 38.43 -13.13
N GLN A 773 3.36 37.87 -11.92
CA GLN A 773 2.76 36.54 -11.77
C GLN A 773 1.30 36.55 -12.20
N ASP A 774 0.57 37.61 -11.84
CA ASP A 774 -0.83 37.72 -12.25
C ASP A 774 -0.97 37.79 -13.76
N ASP A 775 -0.10 38.56 -14.42
CA ASP A 775 -0.13 38.66 -15.87
C ASP A 775 0.20 37.31 -16.52
N ALA A 776 1.17 36.59 -15.98
CA ALA A 776 1.51 35.28 -16.51
C ALA A 776 0.35 34.31 -16.36
N LEU A 777 -0.31 34.32 -15.20
CA LEU A 777 -1.46 33.44 -14.99
C LEU A 777 -2.62 33.82 -15.90
N ARG A 778 -2.84 35.12 -16.13
CA ARG A 778 -3.88 35.55 -17.05
C ARG A 778 -3.59 35.09 -18.48
N PHE A 779 -2.33 35.21 -18.91
CA PHE A 779 -1.95 34.74 -20.24
C PHE A 779 -2.16 33.23 -20.37
N ALA A 780 -1.78 32.48 -19.33
CA ALA A 780 -1.97 31.02 -19.36
C ALA A 780 -3.45 30.66 -19.40
N GLN A 781 -4.28 31.40 -18.66
CA GLN A 781 -5.71 31.15 -18.66
C GLN A 781 -6.33 31.46 -20.02
N GLU A 782 -5.94 32.57 -20.64
CA GLU A 782 -6.57 33.00 -21.88
C GLU A 782 -6.10 32.19 -23.08
N ASN A 783 -4.82 31.84 -23.14
CA ASN A 783 -4.24 31.27 -24.35
C ASN A 783 -3.97 29.77 -24.28
N SER A 784 -4.12 29.15 -23.11
CA SER A 784 -3.84 27.74 -22.86
C SER A 784 -2.39 27.35 -23.12
N VAL A 785 -1.49 28.33 -23.26
CA VAL A 785 -0.06 28.09 -23.38
C VAL A 785 0.64 29.10 -22.48
N ASP A 786 1.87 28.78 -22.12
CA ASP A 786 2.62 29.64 -21.22
C ASP A 786 3.10 30.89 -21.95
N ALA A 787 3.37 31.93 -21.17
CA ALA A 787 3.78 33.21 -21.73
C ALA A 787 5.17 33.09 -22.39
N PRO A 788 5.41 33.84 -23.47
CA PRO A 788 6.73 33.79 -24.11
C PRO A 788 7.87 34.28 -23.24
N GLU A 789 7.58 35.09 -22.21
CA GLU A 789 8.63 35.53 -21.30
C GLU A 789 9.22 34.36 -20.52
N ILE A 790 8.40 33.38 -20.15
CA ILE A 790 8.87 32.23 -19.38
C ILE A 790 9.37 31.13 -20.30
N GLU A 791 8.68 30.91 -21.42
CA GLU A 791 9.05 29.81 -22.33
C GLU A 791 10.42 30.05 -22.98
N ASN A 792 10.80 31.30 -23.18
CA ASN A 792 12.08 31.65 -23.79
C ASN A 792 13.03 32.27 -22.78
N TRP A 793 12.99 31.77 -21.55
CA TRP A 793 13.86 32.29 -20.49
C TRP A 793 15.30 31.88 -20.73
N ASP A 794 16.22 32.75 -20.34
CA ASP A 794 17.66 32.50 -20.42
C ASP A 794 18.16 32.14 -19.03
N TYR A 795 18.59 30.88 -18.86
CA TYR A 795 18.95 30.38 -17.54
C TYR A 795 20.45 30.53 -17.30
N LEU A 796 20.88 30.14 -16.10
CA LEU A 796 22.27 30.23 -15.69
C LEU A 796 23.03 28.96 -16.07
N ARG A 797 24.34 29.08 -16.15
CA ARG A 797 25.22 27.96 -16.44
C ARG A 797 26.37 27.96 -15.45
N PHE A 798 26.85 26.75 -15.12
CA PHE A 798 27.92 26.59 -14.15
C PHE A 798 29.16 25.89 -14.70
N PHE A 799 29.05 25.16 -15.79
CA PHE A 799 30.22 24.50 -16.37
C PHE A 799 30.77 25.31 -17.54
N SER B 15 -38.39 -1.65 -31.59
CA SER B 15 -37.05 -2.21 -31.60
C SER B 15 -36.15 -1.48 -32.60
N GLY B 16 -36.59 -1.44 -33.86
CA GLY B 16 -35.82 -0.74 -34.87
C GLY B 16 -35.75 0.75 -34.64
N GLN B 17 -36.88 1.35 -34.23
CA GLN B 17 -36.88 2.76 -33.87
C GLN B 17 -35.98 3.01 -32.67
N ASN B 18 -36.06 2.13 -31.66
CA ASN B 18 -35.16 2.24 -30.52
C ASN B 18 -33.70 2.07 -30.94
N LEU B 19 -33.43 1.13 -31.84
CA LEU B 19 -32.07 0.89 -32.31
C LEU B 19 -31.50 2.12 -33.02
N GLU B 20 -32.29 2.73 -33.90
CA GLU B 20 -31.79 3.89 -34.63
C GLU B 20 -31.68 5.12 -33.72
N ASN B 21 -32.54 5.24 -32.71
CA ASN B 21 -32.37 6.30 -31.72
C ASN B 21 -31.09 6.12 -30.92
N ILE B 22 -30.79 4.87 -30.54
CA ILE B 22 -29.53 4.58 -29.85
C ILE B 22 -28.35 4.94 -30.74
N LYS B 23 -28.41 4.56 -32.02
CA LYS B 23 -27.32 4.85 -32.95
C LYS B 23 -27.10 6.35 -33.10
N LYS B 24 -28.18 7.12 -33.19
CA LYS B 24 -28.07 8.58 -33.26
C LYS B 24 -27.44 9.13 -31.98
N PHE B 25 -27.83 8.58 -30.82
CA PHE B 25 -27.26 9.03 -29.56
C PHE B 25 -25.75 8.78 -29.51
N ILE B 26 -25.30 7.60 -29.95
CA ILE B 26 -23.87 7.30 -29.94
C ILE B 26 -23.12 8.16 -30.96
N ARG B 27 -23.73 8.43 -32.12
CA ARG B 27 -23.09 9.31 -33.09
C ARG B 27 -22.89 10.71 -32.51
N ALA B 28 -23.92 11.24 -31.84
CA ALA B 28 -23.79 12.55 -31.20
C ALA B 28 -22.72 12.52 -30.10
N ALA B 29 -22.69 11.45 -29.31
CA ALA B 29 -21.70 11.35 -28.24
C ALA B 29 -20.28 11.32 -28.78
N ASN B 30 -20.06 10.56 -29.86
CA ASN B 30 -18.75 10.52 -30.49
C ASN B 30 -18.37 11.87 -31.06
N TYR B 31 -19.32 12.57 -31.68
CA TYR B 31 -19.03 13.88 -32.26
C TYR B 31 -18.61 14.87 -31.18
N LEU B 32 -19.38 14.96 -30.09
CA LEU B 32 -18.98 15.87 -29.01
C LEU B 32 -17.70 15.43 -28.31
N THR B 33 -17.40 14.12 -28.27
CA THR B 33 -16.13 13.68 -27.68
C THR B 33 -14.96 14.17 -28.52
N VAL B 34 -15.02 13.99 -29.84
CA VAL B 34 -13.94 14.45 -30.71
C VAL B 34 -13.85 15.97 -30.68
N SER B 35 -14.98 16.66 -30.64
CA SER B 35 -14.98 18.12 -30.58
C SER B 35 -14.36 18.61 -29.28
N GLN B 36 -14.60 17.91 -28.17
CA GLN B 36 -13.95 18.25 -26.91
C GLN B 36 -12.45 18.03 -27.00
N ILE B 37 -12.03 16.92 -27.63
CA ILE B 37 -10.61 16.58 -27.66
C ILE B 37 -9.83 17.58 -28.52
N PHE B 38 -10.35 17.90 -29.71
CA PHE B 38 -9.55 18.61 -30.71
C PHE B 38 -9.90 20.10 -30.84
N LEU B 39 -11.15 20.41 -31.12
CA LEU B 39 -11.48 21.72 -31.68
C LEU B 39 -11.40 22.85 -30.65
N GLN B 40 -10.95 24.01 -31.13
CA GLN B 40 -10.98 25.26 -30.40
C GLN B 40 -11.99 26.25 -30.95
N ASP B 41 -12.34 26.12 -32.23
CA ASP B 41 -13.33 26.97 -32.88
C ASP B 41 -13.97 26.17 -34.01
N ASN B 42 -15.04 26.72 -34.56
CA ASN B 42 -15.80 26.09 -35.66
C ASN B 42 -16.28 24.69 -35.27
N PHE B 43 -16.98 24.62 -34.14
CA PHE B 43 -17.40 23.34 -33.57
C PHE B 43 -18.44 22.65 -34.44
N LEU B 44 -19.24 23.41 -35.19
CA LEU B 44 -20.28 22.84 -36.02
C LEU B 44 -19.82 22.52 -37.43
N LEU B 45 -18.55 22.84 -37.76
CA LEU B 45 -17.96 22.57 -39.08
C LEU B 45 -18.76 23.21 -40.20
N GLU B 46 -19.20 24.45 -39.99
CA GLU B 46 -19.91 25.19 -41.04
C GLU B 46 -19.00 25.46 -42.24
N ARG B 47 -17.75 25.86 -41.98
CA ARG B 47 -16.75 26.12 -42.98
C ARG B 47 -15.67 25.04 -42.94
N PRO B 48 -14.91 24.86 -44.03
CA PRO B 48 -13.82 23.86 -44.01
C PRO B 48 -12.80 24.16 -42.93
N LEU B 49 -12.28 23.08 -42.34
CA LEU B 49 -11.39 23.19 -41.19
C LEU B 49 -10.04 23.78 -41.61
N THR B 50 -9.53 24.69 -40.79
CA THR B 50 -8.23 25.32 -41.01
C THR B 50 -7.32 25.00 -39.83
N PHE B 51 -6.12 25.59 -39.85
CA PHE B 51 -5.14 25.37 -38.79
C PHE B 51 -5.40 26.22 -37.55
N GLU B 52 -6.27 27.22 -37.63
CA GLU B 52 -6.52 28.12 -36.51
C GLU B 52 -7.63 27.63 -35.59
N ASP B 53 -8.33 26.54 -35.95
CA ASP B 53 -9.41 26.00 -35.13
C ASP B 53 -8.99 24.72 -34.41
N ILE B 54 -7.71 24.59 -34.09
CA ILE B 54 -7.18 23.44 -33.36
C ILE B 54 -6.55 23.95 -32.07
N LYS B 55 -6.74 23.19 -30.99
CA LYS B 55 -6.20 23.58 -29.70
C LYS B 55 -4.68 23.56 -29.76
N PRO B 56 -4.00 24.52 -29.10
CA PRO B 56 -2.53 24.53 -29.12
C PRO B 56 -1.90 23.29 -28.51
N ARG B 57 -2.52 22.72 -27.48
CA ARG B 57 -2.03 21.49 -26.85
C ARG B 57 -3.15 20.47 -26.91
N LEU B 58 -2.86 19.31 -27.51
CA LEU B 58 -3.86 18.25 -27.69
C LEU B 58 -3.71 17.27 -26.52
N LEU B 59 -4.56 17.43 -25.51
CA LEU B 59 -4.57 16.57 -24.35
C LEU B 59 -5.85 15.74 -24.32
N GLY B 60 -5.77 14.57 -23.71
CA GLY B 60 -6.92 13.70 -23.56
C GLY B 60 -6.65 12.31 -24.09
N HIS B 61 -7.68 11.47 -23.98
CA HIS B 61 -7.62 10.09 -24.41
C HIS B 61 -8.84 9.76 -25.27
N TRP B 62 -8.70 8.76 -26.13
CA TRP B 62 -9.73 8.42 -27.10
C TRP B 62 -10.11 6.95 -27.14
N GLY B 63 -9.21 6.03 -26.77
CA GLY B 63 -9.40 4.62 -27.10
C GLY B 63 -10.60 3.98 -26.41
N SER B 64 -10.89 4.38 -25.17
CA SER B 64 -11.96 3.76 -24.39
C SER B 64 -13.30 4.49 -24.52
N CYS B 65 -13.34 5.62 -25.21
CA CYS B 65 -14.57 6.42 -25.29
C CYS B 65 -15.73 5.72 -26.00
N PRO B 66 -15.56 5.06 -27.17
CA PRO B 66 -16.74 4.45 -27.82
C PRO B 66 -17.45 3.40 -26.97
N GLY B 67 -16.71 2.60 -26.20
CA GLY B 67 -17.37 1.63 -25.32
C GLY B 67 -18.19 2.30 -24.24
N VAL B 68 -17.67 3.39 -23.68
CA VAL B 68 -18.43 4.18 -22.70
C VAL B 68 -19.72 4.70 -23.33
N ASN B 69 -19.63 5.20 -24.57
CA ASN B 69 -20.83 5.73 -25.23
C ASN B 69 -21.86 4.64 -25.48
N TRP B 70 -21.40 3.46 -25.94
CA TRP B 70 -22.32 2.35 -26.19
C TRP B 70 -23.03 1.93 -24.89
N VAL B 71 -22.26 1.80 -23.81
CA VAL B 71 -22.82 1.35 -22.55
C VAL B 71 -23.82 2.37 -22.01
N TYR B 72 -23.47 3.67 -22.08
CA TYR B 72 -24.37 4.70 -21.57
C TYR B 72 -25.67 4.76 -22.38
N ALA B 73 -25.59 4.67 -23.71
CA ALA B 73 -26.79 4.72 -24.53
C ALA B 73 -27.69 3.51 -24.25
N HIS B 74 -27.10 2.32 -24.14
CA HIS B 74 -27.91 1.14 -23.86
C HIS B 74 -28.49 1.18 -22.46
N LEU B 75 -27.76 1.76 -21.50
CA LEU B 75 -28.30 1.92 -20.14
C LEU B 75 -29.49 2.87 -20.13
N LEU B 76 -29.41 3.97 -20.86
CA LEU B 76 -30.54 4.90 -20.93
C LEU B 76 -31.75 4.23 -21.59
N ASN B 77 -31.53 3.46 -22.66
CA ASN B 77 -32.63 2.76 -23.29
C ASN B 77 -33.28 1.74 -22.35
N ILE B 78 -32.45 0.98 -21.62
CA ILE B 78 -32.99 -0.02 -20.70
C ILE B 78 -33.70 0.64 -19.53
N GLN B 79 -33.25 1.83 -19.10
CA GLN B 79 -33.94 2.55 -18.05
C GLN B 79 -35.31 3.02 -18.51
N LYS B 80 -35.40 3.53 -19.75
CA LYS B 80 -36.70 3.94 -20.27
C LYS B 80 -37.63 2.74 -20.40
N GLN B 81 -37.11 1.60 -20.87
CA GLN B 81 -37.95 0.41 -20.99
C GLN B 81 -38.39 -0.13 -19.63
N LEU B 82 -37.53 -0.01 -18.62
CA LEU B 82 -37.93 -0.39 -17.26
C LEU B 82 -39.02 0.53 -16.73
N GLU B 83 -38.90 1.84 -16.97
CA GLU B 83 -39.91 2.78 -16.51
C GLU B 83 -41.22 2.66 -17.26
N PHE B 84 -41.20 2.07 -18.47
CA PHE B 84 -42.46 1.81 -19.17
C PHE B 84 -43.30 0.78 -18.41
N ALA B 85 -42.67 -0.25 -17.85
CA ALA B 85 -43.37 -1.33 -17.17
C ALA B 85 -43.61 -1.07 -15.70
N LYS B 86 -43.27 0.14 -15.21
CA LYS B 86 -43.46 0.55 -13.82
C LYS B 86 -42.74 -0.39 -12.85
N SER B 87 -41.42 -0.41 -12.96
CA SER B 87 -40.55 -1.14 -12.05
C SER B 87 -39.78 -0.16 -11.17
N GLY B 88 -39.50 -0.58 -9.95
CA GLY B 88 -38.84 0.28 -9.00
C GLY B 88 -37.33 0.35 -9.10
N LEU B 89 -36.73 -0.39 -10.03
CA LEU B 89 -35.28 -0.42 -10.13
C LEU B 89 -34.75 0.88 -10.74
N LYS B 90 -33.71 1.43 -10.12
CA LYS B 90 -33.06 2.64 -10.57
C LYS B 90 -31.59 2.32 -10.87
N ALA B 91 -31.14 2.69 -12.06
CA ALA B 91 -29.81 2.35 -12.53
C ALA B 91 -28.85 3.52 -12.38
N ALA B 92 -27.58 3.19 -12.12
CA ALA B 92 -26.52 4.19 -11.98
C ALA B 92 -25.29 3.69 -12.72
N PHE B 93 -24.41 4.63 -13.07
CA PHE B 93 -23.24 4.34 -13.89
C PHE B 93 -21.96 4.68 -13.13
N MET B 94 -20.98 3.80 -13.21
CA MET B 94 -19.68 3.99 -12.59
C MET B 94 -18.58 3.81 -13.64
N LEU B 95 -17.66 4.76 -13.70
CA LEU B 95 -16.60 4.80 -14.72
C LEU B 95 -15.27 4.47 -14.06
N GLY B 96 -14.79 3.24 -14.27
CA GLY B 96 -13.49 2.83 -13.84
C GLY B 96 -12.34 3.52 -14.56
N PRO B 97 -12.32 3.45 -15.91
CA PRO B 97 -11.31 4.21 -16.67
C PRO B 97 -11.56 5.71 -16.62
N GLY B 98 -11.09 6.36 -15.56
CA GLY B 98 -11.32 7.78 -15.37
C GLY B 98 -10.69 8.67 -16.43
N HIS B 99 -9.74 8.14 -17.21
CA HIS B 99 -9.16 8.90 -18.31
C HIS B 99 -10.11 9.05 -19.49
N ALA B 100 -11.23 8.32 -19.51
CA ALA B 100 -12.27 8.46 -20.53
C ALA B 100 -13.35 9.45 -20.12
N PHE B 101 -12.98 10.47 -19.35
CA PHE B 101 -13.95 11.44 -18.83
C PHE B 101 -14.74 12.20 -19.90
N PRO B 102 -14.15 12.74 -20.99
CA PRO B 102 -14.96 13.58 -21.90
C PRO B 102 -16.16 12.88 -22.52
N ALA B 103 -16.04 11.60 -22.86
CA ALA B 103 -17.17 10.88 -23.45
C ALA B 103 -18.34 10.83 -22.48
N LEU B 104 -18.07 10.51 -21.21
CA LEU B 104 -19.10 10.57 -20.19
C LEU B 104 -19.71 11.96 -20.10
N GLN B 105 -18.87 13.00 -20.25
CA GLN B 105 -19.36 14.37 -20.26
C GLN B 105 -20.36 14.58 -21.38
N ALA B 106 -20.09 14.01 -22.56
CA ALA B 106 -21.05 14.08 -23.66
C ALA B 106 -22.36 13.41 -23.27
N ASN B 107 -22.27 12.27 -22.58
CA ASN B 107 -23.48 11.58 -22.14
C ASN B 107 -24.21 12.36 -21.06
N LEU B 108 -23.55 13.30 -20.41
CA LEU B 108 -24.22 14.18 -19.46
C LEU B 108 -24.68 15.48 -20.09
N PHE B 109 -24.53 15.63 -21.41
CA PHE B 109 -24.95 16.84 -22.10
C PHE B 109 -26.30 16.68 -22.81
N MET B 110 -26.50 15.58 -23.53
CA MET B 110 -27.78 15.35 -24.20
C MET B 110 -28.90 15.16 -23.19
N GLU B 111 -28.64 14.41 -22.12
CA GLU B 111 -29.50 14.49 -20.95
C GLU B 111 -29.13 15.76 -20.18
N GLU B 112 -30.14 16.36 -19.54
CA GLU B 112 -29.99 17.69 -18.97
C GLU B 112 -29.45 17.67 -17.55
N THR B 113 -28.70 16.63 -17.18
CA THR B 113 -28.12 16.54 -15.84
C THR B 113 -27.13 17.66 -15.59
N LEU B 114 -26.27 17.95 -16.57
CA LEU B 114 -25.30 19.02 -16.41
C LEU B 114 -25.94 20.40 -16.41
N SER B 115 -27.11 20.54 -17.03
CA SER B 115 -27.79 21.82 -17.05
C SER B 115 -28.40 22.16 -15.70
N LYS B 116 -28.72 21.14 -14.89
CA LYS B 116 -29.25 21.41 -13.55
C LYS B 116 -28.21 22.03 -12.65
N VAL B 117 -26.93 21.74 -12.88
CA VAL B 117 -25.85 22.27 -12.05
C VAL B 117 -25.27 23.55 -12.64
N ASP B 118 -24.98 23.55 -13.94
CA ASP B 118 -24.38 24.70 -14.61
C ASP B 118 -25.37 25.26 -15.62
N LYS B 119 -25.61 26.58 -15.54
CA LYS B 119 -26.56 27.21 -16.44
C LYS B 119 -25.99 27.35 -17.85
N LYS B 120 -24.67 27.51 -17.97
CA LYS B 120 -24.04 27.67 -19.27
C LYS B 120 -23.99 26.38 -20.08
N ALA B 121 -24.27 25.23 -19.45
CA ALA B 121 -24.24 23.95 -20.13
C ALA B 121 -25.61 23.54 -20.68
N THR B 122 -26.43 24.52 -21.06
CA THR B 122 -27.73 24.23 -21.65
C THR B 122 -27.56 23.55 -23.01
N ARG B 123 -28.49 22.66 -23.33
CA ARG B 123 -28.38 21.86 -24.54
C ARG B 123 -28.67 22.68 -25.80
N ASN B 124 -27.71 23.53 -26.18
CA ASN B 124 -27.83 24.31 -27.41
C ASN B 124 -26.42 24.53 -27.96
N ALA B 125 -26.33 25.43 -28.96
CA ALA B 125 -25.05 25.69 -29.60
C ALA B 125 -24.07 26.35 -28.63
N GLN B 126 -24.55 27.27 -27.80
CA GLN B 126 -23.69 27.88 -26.79
C GLN B 126 -23.19 26.85 -25.80
N GLY B 127 -24.05 25.90 -25.42
CA GLY B 127 -23.61 24.83 -24.53
C GLY B 127 -22.59 23.92 -25.18
N ILE B 128 -22.76 23.63 -26.47
CA ILE B 128 -21.78 22.81 -27.20
C ILE B 128 -20.43 23.51 -27.23
N GLU B 129 -20.44 24.81 -27.52
CA GLU B 129 -19.18 25.58 -27.52
C GLU B 129 -18.57 25.61 -26.14
N TYR B 130 -19.39 25.77 -25.10
CA TYR B 130 -18.89 25.82 -23.73
C TYR B 130 -18.25 24.51 -23.29
N ILE B 131 -18.87 23.38 -23.65
CA ILE B 131 -18.32 22.09 -23.22
C ILE B 131 -17.14 21.68 -24.09
N SER B 132 -17.07 22.15 -25.34
CA SER B 132 -15.96 21.76 -26.20
C SER B 132 -14.72 22.61 -25.96
N LYS B 133 -14.90 23.93 -25.77
CA LYS B 133 -13.76 24.81 -25.60
C LYS B 133 -13.06 24.59 -24.27
N ASN B 134 -13.83 24.35 -23.20
CA ASN B 134 -13.28 24.33 -21.85
C ASN B 134 -12.78 22.98 -21.40
N PHE B 135 -12.79 21.96 -22.27
CA PHE B 135 -12.22 20.67 -21.89
C PHE B 135 -10.71 20.76 -21.87
N SER B 136 -10.12 20.38 -20.73
CA SER B 136 -8.68 20.40 -20.47
C SER B 136 -8.08 21.80 -20.54
N TRP B 137 -8.90 22.84 -20.62
CA TRP B 137 -8.44 24.21 -20.59
C TRP B 137 -8.08 24.62 -19.16
N PRO B 138 -7.10 25.51 -19.00
CA PRO B 138 -6.83 26.05 -17.66
C PRO B 138 -8.00 26.85 -17.12
N GLY B 139 -8.65 26.34 -16.08
CA GLY B 139 -9.84 26.95 -15.54
C GLY B 139 -11.15 26.33 -15.99
N GLY B 140 -11.10 25.35 -16.89
CA GLY B 140 -12.28 24.67 -17.39
C GLY B 140 -12.46 23.30 -16.76
N PHE B 141 -13.08 22.41 -17.52
CA PHE B 141 -13.31 21.05 -17.04
C PHE B 141 -11.98 20.29 -16.99
N PRO B 142 -11.75 19.50 -15.95
CA PRO B 142 -10.52 18.70 -15.89
C PRO B 142 -10.55 17.56 -16.90
N SER B 143 -9.38 16.98 -17.14
CA SER B 143 -9.25 15.88 -18.10
C SER B 143 -9.70 14.55 -17.54
N SER B 144 -9.91 14.45 -16.23
CA SER B 144 -10.32 13.20 -15.58
C SER B 144 -11.56 13.45 -14.75
N ALA B 145 -12.17 12.35 -14.29
CA ALA B 145 -13.35 12.44 -13.47
C ALA B 145 -13.04 13.06 -12.11
N SER B 146 -14.00 13.79 -11.57
CA SER B 146 -13.80 14.59 -10.38
C SER B 146 -15.14 14.76 -9.68
N PRO B 147 -15.13 15.21 -8.42
CA PRO B 147 -16.41 15.53 -7.75
C PRO B 147 -17.19 16.65 -8.42
N PHE B 148 -16.57 17.44 -9.29
CA PHE B 148 -17.29 18.47 -10.03
C PHE B 148 -18.32 17.89 -10.99
N THR B 149 -18.20 16.62 -11.34
CA THR B 149 -19.13 15.94 -12.23
C THR B 149 -20.29 15.35 -11.43
N PRO B 150 -21.53 15.65 -11.79
CA PRO B 150 -22.67 15.08 -11.06
C PRO B 150 -22.76 13.56 -11.23
N GLY B 151 -23.20 12.91 -10.16
CA GLY B 151 -23.36 11.46 -10.18
C GLY B 151 -22.08 10.67 -10.09
N VAL B 152 -20.97 11.31 -9.67
CA VAL B 152 -19.67 10.68 -9.64
C VAL B 152 -19.23 10.53 -8.19
N ILE B 153 -18.88 9.32 -7.79
CA ILE B 153 -18.31 9.05 -6.47
C ILE B 153 -16.92 8.44 -6.54
N LEU B 154 -16.47 8.00 -7.71
CA LEU B 154 -15.16 7.40 -7.88
C LEU B 154 -14.40 8.16 -8.96
N GLU B 155 -13.21 8.65 -8.61
CA GLU B 155 -12.42 9.43 -9.57
C GLU B 155 -11.88 8.53 -10.68
N GLY B 156 -11.39 7.34 -10.33
CA GLY B 156 -10.82 6.44 -11.30
C GLY B 156 -9.38 6.70 -11.68
N GLY B 157 -8.68 7.54 -10.91
CA GLY B 157 -7.27 7.80 -11.17
C GLY B 157 -6.42 6.57 -10.96
N GLU B 158 -6.34 6.10 -9.71
CA GLU B 158 -5.67 4.83 -9.42
C GLU B 158 -6.62 3.69 -9.77
N LEU B 159 -6.23 2.88 -10.74
CA LEU B 159 -7.10 1.82 -11.23
C LEU B 159 -7.19 0.68 -10.22
N GLY B 160 -8.33 -0.02 -10.24
CA GLY B 160 -8.53 -1.21 -9.44
C GLY B 160 -9.54 -1.07 -8.32
N TYR B 161 -10.00 0.14 -8.01
CA TYR B 161 -10.92 0.36 -6.88
C TYR B 161 -12.35 0.60 -7.34
N SER B 162 -12.80 -0.10 -8.38
CA SER B 162 -14.13 0.12 -8.94
C SER B 162 -15.17 -0.88 -8.45
N LEU B 163 -14.81 -2.15 -8.32
CA LEU B 163 -15.79 -3.17 -7.91
C LEU B 163 -16.11 -3.07 -6.43
N SER B 164 -15.09 -2.88 -5.59
CA SER B 164 -15.31 -2.82 -4.15
C SER B 164 -16.10 -1.59 -3.74
N THR B 165 -15.85 -0.45 -4.39
CA THR B 165 -16.62 0.75 -4.11
C THR B 165 -18.08 0.58 -4.51
N ALA B 166 -18.33 -0.09 -5.64
CA ALA B 166 -19.71 -0.36 -6.05
C ALA B 166 -20.40 -1.28 -5.05
N PHE B 167 -19.70 -2.31 -4.58
CA PHE B 167 -20.29 -3.21 -3.58
C PHE B 167 -20.54 -2.49 -2.26
N GLY B 168 -19.68 -1.54 -1.89
CA GLY B 168 -19.94 -0.75 -0.70
C GLY B 168 -21.12 0.19 -0.85
N ALA B 169 -21.26 0.81 -2.02
CA ALA B 169 -22.35 1.74 -2.26
C ALA B 169 -23.68 1.04 -2.50
N ILE B 170 -23.66 -0.26 -2.80
CA ILE B 170 -24.89 -0.95 -3.16
C ILE B 170 -25.65 -1.47 -1.93
N LEU B 171 -25.05 -1.41 -0.74
CA LEU B 171 -25.66 -1.97 0.45
C LEU B 171 -26.84 -1.12 0.92
N ASP B 172 -27.85 -1.81 1.46
CA ASP B 172 -29.06 -1.19 2.03
C ASP B 172 -29.83 -0.36 1.01
N ASN B 173 -29.67 -0.68 -0.27
CA ASN B 173 -30.37 -0.01 -1.37
C ASN B 173 -30.96 -1.09 -2.26
N PRO B 174 -32.12 -1.64 -1.88
CA PRO B 174 -32.65 -2.81 -2.62
C PRO B 174 -33.04 -2.53 -4.05
N ASN B 175 -33.26 -1.27 -4.44
CA ASN B 175 -33.71 -0.93 -5.77
C ASN B 175 -32.65 -0.20 -6.59
N LEU B 176 -31.40 -0.21 -6.16
CA LEU B 176 -30.31 0.43 -6.89
C LEU B 176 -29.50 -0.62 -7.63
N VAL B 177 -29.34 -0.43 -8.94
CA VAL B 177 -28.52 -1.30 -9.77
C VAL B 177 -27.37 -0.44 -10.31
N MET B 178 -26.15 -0.74 -9.89
CA MET B 178 -24.98 0.03 -10.28
C MET B 178 -24.21 -0.74 -11.34
N THR B 179 -24.10 -0.15 -12.53
CA THR B 179 -23.33 -0.74 -13.62
C THR B 179 -21.99 -0.05 -13.68
N THR B 180 -20.92 -0.81 -13.46
CA THR B 180 -19.57 -0.29 -13.42
C THR B 180 -18.76 -0.80 -14.60
N LEU B 181 -17.93 0.06 -15.17
CA LEU B 181 -17.09 -0.29 -16.30
C LEU B 181 -15.66 -0.51 -15.84
N ILE B 182 -15.12 -1.69 -16.15
CA ILE B 182 -13.77 -2.08 -15.75
C ILE B 182 -12.95 -2.36 -16.99
N GLY B 183 -11.77 -1.74 -17.08
CA GLY B 183 -10.88 -2.01 -18.19
C GLY B 183 -10.14 -3.32 -18.01
N ASP B 184 -9.76 -3.92 -19.15
CA ASP B 184 -9.09 -5.21 -19.11
C ASP B 184 -7.69 -5.11 -18.53
N GLY B 185 -6.98 -4.01 -18.80
CA GLY B 185 -5.70 -3.78 -18.13
C GLY B 185 -5.88 -3.54 -16.64
N GLU B 186 -6.91 -2.80 -16.27
CA GLU B 186 -7.21 -2.55 -14.86
C GLU B 186 -7.57 -3.85 -14.14
N ALA B 187 -8.14 -4.82 -14.85
CA ALA B 187 -8.52 -6.10 -14.25
C ALA B 187 -7.30 -6.92 -13.81
N GLU B 188 -6.10 -6.58 -14.29
CA GLU B 188 -4.90 -7.27 -13.86
C GLU B 188 -4.44 -6.86 -12.46
N THR B 189 -4.98 -5.77 -11.93
CA THR B 189 -4.65 -5.34 -10.57
C THR B 189 -5.22 -6.34 -9.57
N GLY B 190 -4.51 -6.50 -8.44
CA GLY B 190 -4.93 -7.47 -7.45
C GLY B 190 -6.20 -7.10 -6.73
N SER B 191 -6.54 -5.80 -6.68
CA SER B 191 -7.76 -5.36 -6.02
C SER B 191 -9.00 -5.90 -6.72
N ILE B 192 -9.01 -5.85 -8.06
CA ILE B 192 -10.14 -6.36 -8.83
C ILE B 192 -10.25 -7.87 -8.67
N ALA B 193 -9.12 -8.58 -8.74
CA ALA B 193 -9.12 -10.03 -8.60
C ALA B 193 -9.56 -10.46 -7.21
N ALA B 194 -9.27 -9.66 -6.18
CA ALA B 194 -9.77 -9.95 -4.85
C ALA B 194 -11.26 -9.64 -4.74
N ALA B 195 -11.70 -8.54 -5.33
CA ALA B 195 -13.09 -8.11 -5.25
C ALA B 195 -14.03 -8.94 -6.11
N TRP B 196 -13.51 -9.78 -7.01
CA TRP B 196 -14.38 -10.67 -7.77
C TRP B 196 -15.14 -11.65 -6.89
N HIS B 197 -14.66 -11.91 -5.68
CA HIS B 197 -15.27 -12.88 -4.77
C HIS B 197 -16.22 -12.23 -3.76
N LEU B 198 -16.49 -10.94 -3.89
CA LEU B 198 -17.30 -10.22 -2.91
C LEU B 198 -18.78 -10.59 -2.96
N SER B 199 -19.22 -11.33 -3.98
CA SER B 199 -20.62 -11.73 -4.06
C SER B 199 -20.97 -12.83 -3.08
N LYS B 200 -19.99 -13.44 -2.42
CA LYS B 200 -20.21 -14.50 -1.45
C LYS B 200 -20.49 -13.99 -0.05
N LEU B 201 -20.48 -12.67 0.17
CA LEU B 201 -20.68 -12.10 1.48
C LEU B 201 -21.85 -11.12 1.57
N ILE B 202 -22.43 -10.71 0.44
CA ILE B 202 -23.48 -9.70 0.41
C ILE B 202 -24.70 -10.28 -0.28
N ASP B 203 -25.85 -10.19 0.37
CA ASP B 203 -27.10 -10.68 -0.19
C ASP B 203 -27.70 -9.64 -1.15
N PRO B 204 -28.00 -10.00 -2.38
CA PRO B 204 -28.58 -9.05 -3.34
C PRO B 204 -30.09 -8.96 -3.34
N VAL B 205 -30.78 -9.63 -2.42
CA VAL B 205 -32.23 -9.51 -2.32
C VAL B 205 -32.62 -8.37 -1.40
N LYS B 206 -32.03 -8.31 -0.20
CA LYS B 206 -32.26 -7.17 0.69
C LYS B 206 -31.36 -5.99 0.37
N ASN B 207 -30.43 -6.14 -0.58
CA ASN B 207 -29.63 -5.03 -1.07
C ASN B 207 -29.75 -4.97 -2.59
N GLY B 208 -28.93 -4.14 -3.23
CA GLY B 208 -28.96 -4.00 -4.68
C GLY B 208 -28.08 -5.02 -5.37
N VAL B 209 -27.86 -4.77 -6.66
CA VAL B 209 -27.05 -5.64 -7.52
C VAL B 209 -25.95 -4.82 -8.16
N VAL B 210 -24.71 -5.25 -7.98
CA VAL B 210 -23.57 -4.63 -8.66
C VAL B 210 -23.41 -5.28 -10.02
N LEU B 211 -23.32 -4.45 -11.07
CA LEU B 211 -23.24 -4.95 -12.43
C LEU B 211 -21.87 -4.62 -13.03
N PRO B 212 -20.96 -5.59 -13.14
CA PRO B 212 -19.66 -5.31 -13.74
C PRO B 212 -19.64 -5.54 -15.24
N VAL B 213 -19.04 -4.61 -15.98
CA VAL B 213 -18.85 -4.74 -17.42
C VAL B 213 -17.36 -4.62 -17.72
N LEU B 214 -16.82 -5.60 -18.43
CA LEU B 214 -15.40 -5.61 -18.79
C LEU B 214 -15.24 -5.00 -20.18
N HIS B 215 -14.42 -3.95 -20.27
CA HIS B 215 -14.25 -3.24 -21.53
C HIS B 215 -13.58 -4.11 -22.57
N LEU B 216 -12.44 -4.70 -22.22
CA LEU B 216 -11.71 -5.67 -23.06
C LEU B 216 -11.44 -5.12 -24.46
N ASN B 217 -10.80 -3.95 -24.51
CA ASN B 217 -10.36 -3.43 -25.80
C ASN B 217 -9.13 -4.17 -26.31
N GLY B 218 -8.40 -4.85 -25.44
CA GLY B 218 -7.30 -5.70 -25.83
C GLY B 218 -5.93 -5.12 -25.61
N TYR B 219 -5.82 -3.82 -25.31
CA TYR B 219 -4.51 -3.17 -25.24
C TYR B 219 -4.42 -2.26 -24.04
N LYS B 220 -3.24 -2.26 -23.41
CA LYS B 220 -2.85 -1.28 -22.40
C LYS B 220 -2.34 -0.01 -23.07
N ILE B 221 -1.62 0.82 -22.30
CA ILE B 221 -1.02 2.02 -22.86
C ILE B 221 -0.10 1.68 -24.04
N SER B 222 0.78 0.71 -23.85
CA SER B 222 1.81 0.41 -24.85
C SER B 222 2.00 -1.09 -25.02
N GLY B 223 0.90 -1.83 -25.10
CA GLY B 223 1.00 -3.26 -25.34
C GLY B 223 -0.29 -4.00 -25.08
N PRO B 224 -0.32 -5.29 -25.40
CA PRO B 224 -1.52 -6.09 -25.17
C PRO B 224 -1.71 -6.40 -23.70
N THR B 225 -2.91 -6.89 -23.38
CA THR B 225 -3.30 -7.22 -22.02
C THR B 225 -3.30 -8.72 -21.80
N ILE B 226 -3.21 -9.11 -20.53
CA ILE B 226 -3.27 -10.53 -20.18
C ILE B 226 -4.65 -11.10 -20.51
N PHE B 227 -5.71 -10.39 -20.12
CA PHE B 227 -7.06 -10.87 -20.38
C PHE B 227 -7.40 -10.86 -21.87
N GLY B 228 -6.79 -9.95 -22.64
CA GLY B 228 -6.99 -9.97 -24.07
C GLY B 228 -6.33 -11.15 -24.76
N SER B 229 -5.29 -11.72 -24.16
CA SER B 229 -4.64 -12.89 -24.72
C SER B 229 -5.45 -14.16 -24.50
N MET B 230 -6.21 -14.23 -23.41
CA MET B 230 -7.04 -15.40 -23.13
C MET B 230 -8.16 -15.53 -24.15
N SER B 231 -8.51 -16.77 -24.46
CA SER B 231 -9.60 -17.04 -25.37
C SER B 231 -10.94 -16.88 -24.65
N ASP B 232 -12.03 -17.12 -25.38
CA ASP B 232 -13.36 -17.04 -24.78
C ASP B 232 -13.56 -18.15 -23.75
N PHE B 233 -13.04 -19.35 -24.04
CA PHE B 233 -13.23 -20.50 -23.15
C PHE B 233 -12.56 -20.27 -21.80
N GLU B 234 -11.34 -19.74 -21.81
CA GLU B 234 -10.62 -19.46 -20.58
C GLU B 234 -11.31 -18.38 -19.75
N LEU B 235 -11.79 -17.33 -20.41
CA LEU B 235 -12.51 -16.27 -19.70
C LEU B 235 -13.80 -16.80 -19.10
N ILE B 236 -14.52 -17.64 -19.84
CA ILE B 236 -15.77 -18.22 -19.34
C ILE B 236 -15.49 -19.07 -18.09
N GLN B 237 -14.45 -19.91 -18.15
CA GLN B 237 -14.10 -20.71 -16.98
C GLN B 237 -13.67 -19.84 -15.80
N PHE B 238 -12.85 -18.83 -16.05
CA PHE B 238 -12.34 -18.00 -14.97
C PHE B 238 -13.45 -17.22 -14.27
N PHE B 239 -14.42 -16.71 -15.03
CA PHE B 239 -15.48 -15.93 -14.43
C PHE B 239 -16.65 -16.78 -13.94
N HIS B 240 -16.78 -18.02 -14.42
CA HIS B 240 -17.75 -18.93 -13.84
C HIS B 240 -17.25 -19.52 -12.53
N GLY B 241 -15.94 -19.74 -12.41
CA GLY B 241 -15.38 -20.28 -11.18
C GLY B 241 -15.36 -19.30 -10.04
N ALA B 242 -15.48 -18.00 -10.32
CA ALA B 242 -15.50 -16.98 -9.29
C ALA B 242 -16.91 -16.66 -8.80
N GLY B 243 -17.94 -17.27 -9.39
CA GLY B 243 -19.30 -17.06 -8.94
C GLY B 243 -20.04 -15.98 -9.69
N TRP B 244 -19.99 -16.01 -11.02
CA TRP B 244 -20.68 -15.05 -11.86
C TRP B 244 -21.28 -15.79 -13.05
N GLU B 245 -22.01 -15.04 -13.88
CA GLU B 245 -22.65 -15.58 -15.08
C GLU B 245 -22.24 -14.71 -16.26
N PRO B 246 -21.09 -14.98 -16.87
CA PRO B 246 -20.58 -14.11 -17.93
C PRO B 246 -21.22 -14.38 -19.28
N LYS B 247 -21.29 -13.31 -20.07
CA LYS B 247 -21.74 -13.36 -21.46
C LYS B 247 -20.77 -12.57 -22.33
N ILE B 248 -20.54 -13.05 -23.55
CA ILE B 248 -19.51 -12.51 -24.43
C ILE B 248 -20.16 -11.98 -25.69
N VAL B 249 -19.87 -10.72 -26.02
CA VAL B 249 -20.26 -10.11 -27.30
C VAL B 249 -19.03 -9.44 -27.89
N ASP B 250 -18.81 -9.64 -29.18
CA ASP B 250 -17.61 -9.14 -29.85
C ASP B 250 -18.00 -8.23 -31.01
N GLU B 251 -17.18 -7.20 -31.24
CA GLU B 251 -17.40 -6.29 -32.35
C GLU B 251 -17.24 -6.95 -33.70
N TYR B 252 -16.56 -8.10 -33.76
CA TYR B 252 -16.42 -8.87 -35.00
C TYR B 252 -17.65 -9.73 -35.22
N SER B 253 -18.79 -9.06 -35.39
CA SER B 253 -20.08 -9.70 -35.57
C SER B 253 -20.89 -8.91 -36.58
N ALA B 254 -22.12 -9.37 -36.84
CA ALA B 254 -22.95 -8.73 -37.85
C ALA B 254 -23.42 -7.35 -37.39
N GLU B 255 -23.91 -7.25 -36.16
CA GLU B 255 -24.38 -5.96 -35.63
C GLU B 255 -24.08 -5.94 -34.14
N ASP B 256 -23.17 -5.04 -33.74
CA ASP B 256 -22.76 -4.97 -32.34
C ASP B 256 -23.87 -4.44 -31.45
N PHE B 257 -24.64 -3.47 -31.95
CA PHE B 257 -25.60 -2.77 -31.10
C PHE B 257 -26.81 -3.65 -30.77
N ASP B 258 -27.27 -4.45 -31.73
CA ASP B 258 -28.37 -5.36 -31.46
C ASP B 258 -27.96 -6.42 -30.44
N LEU B 259 -26.75 -6.96 -30.57
CA LEU B 259 -26.26 -7.95 -29.60
C LEU B 259 -26.11 -7.33 -28.22
N GLU B 260 -25.59 -6.10 -28.14
CA GLU B 260 -25.45 -5.42 -26.85
C GLU B 260 -26.81 -5.15 -26.22
N LEU B 261 -27.79 -4.75 -27.02
CA LEU B 261 -29.13 -4.50 -26.50
C LEU B 261 -29.77 -5.79 -25.99
N SER B 262 -29.60 -6.89 -26.74
CA SER B 262 -30.13 -8.18 -26.29
C SER B 262 -29.47 -8.62 -24.99
N ASN B 263 -28.16 -8.42 -24.88
CA ASN B 263 -27.44 -8.80 -23.67
C ASN B 263 -27.93 -8.00 -22.46
N ALA B 264 -28.07 -6.68 -22.62
CA ALA B 264 -28.54 -5.85 -21.52
C ALA B 264 -29.99 -6.18 -21.14
N PHE B 265 -30.83 -6.45 -22.14
CA PHE B 265 -32.23 -6.80 -21.87
C PHE B 265 -32.33 -8.11 -21.11
N SER B 266 -31.55 -9.12 -21.51
CA SER B 266 -31.57 -10.40 -20.81
C SER B 266 -30.99 -10.27 -19.40
N ASN B 267 -29.97 -9.44 -19.25
CA ASN B 267 -29.36 -9.23 -17.93
C ASN B 267 -30.38 -8.58 -16.99
N ALA B 268 -31.10 -7.56 -17.48
CA ALA B 268 -32.13 -6.94 -16.67
C ALA B 268 -33.28 -7.89 -16.37
N PHE B 269 -33.62 -8.77 -17.31
CA PHE B 269 -34.67 -9.76 -17.07
C PHE B 269 -34.26 -10.73 -15.96
N ARG B 270 -33.02 -11.20 -15.98
CA ARG B 270 -32.53 -12.05 -14.89
C ARG B 270 -32.53 -11.30 -13.56
N ASP B 271 -32.12 -10.03 -13.57
CA ASP B 271 -32.10 -9.25 -12.32
C ASP B 271 -33.49 -9.09 -11.74
N ILE B 272 -34.48 -8.76 -12.58
CA ILE B 272 -35.83 -8.58 -12.05
C ILE B 272 -36.45 -9.92 -11.67
N SER B 273 -36.08 -11.01 -12.34
CA SER B 273 -36.61 -12.31 -11.97
C SER B 273 -35.97 -12.85 -10.69
N ARG B 274 -34.78 -12.37 -10.34
CA ARG B 274 -34.12 -12.86 -9.14
C ARG B 274 -34.33 -11.96 -7.93
N ILE B 275 -34.61 -10.66 -8.12
CA ILE B 275 -34.69 -9.75 -6.99
C ILE B 275 -36.06 -9.68 -6.33
N LYS B 276 -37.12 -10.07 -7.02
CA LYS B 276 -38.46 -9.91 -6.48
C LYS B 276 -39.20 -11.22 -6.27
N PHE B 277 -38.62 -12.37 -6.63
CA PHE B 277 -39.29 -13.63 -6.42
C PHE B 277 -38.89 -14.30 -5.11
N GLY B 278 -37.60 -14.27 -4.78
CA GLY B 278 -37.13 -14.83 -3.53
C GLY B 278 -37.25 -16.32 -3.40
N ARG B 279 -37.43 -17.04 -4.51
CA ARG B 279 -37.61 -18.48 -4.45
C ARG B 279 -36.31 -19.19 -4.06
N ASN B 280 -35.17 -18.70 -4.56
CA ASN B 280 -33.90 -19.34 -4.30
C ASN B 280 -33.42 -19.01 -2.89
N SER B 281 -33.01 -20.04 -2.16
CA SER B 281 -32.47 -19.89 -0.82
C SER B 281 -30.97 -20.18 -0.74
N LYS B 282 -30.39 -20.80 -1.75
CA LYS B 282 -28.97 -21.11 -1.79
C LYS B 282 -28.19 -19.92 -2.34
N PHE B 283 -26.93 -20.14 -2.68
CA PHE B 283 -26.09 -19.08 -3.23
C PHE B 283 -26.60 -18.63 -4.60
N ILE B 284 -26.38 -17.35 -4.89
CA ILE B 284 -26.86 -16.71 -6.10
C ILE B 284 -25.73 -16.53 -7.11
N ARG B 285 -26.11 -16.25 -8.36
CA ARG B 285 -25.17 -16.06 -9.46
C ARG B 285 -25.50 -14.76 -10.17
N LEU B 286 -24.77 -13.70 -9.84
CA LEU B 286 -24.99 -12.41 -10.47
C LEU B 286 -24.40 -12.41 -11.88
N PRO B 287 -25.15 -12.03 -12.90
CA PRO B 287 -24.60 -11.97 -14.26
C PRO B 287 -23.67 -10.79 -14.45
N MET B 288 -22.78 -10.93 -15.44
CA MET B 288 -21.88 -9.87 -15.84
C MET B 288 -21.74 -9.88 -17.35
N ILE B 289 -21.26 -8.76 -17.90
CA ILE B 289 -21.19 -8.56 -19.34
C ILE B 289 -19.72 -8.41 -19.72
N ILE B 290 -19.27 -9.25 -20.66
CA ILE B 290 -17.96 -9.14 -21.28
C ILE B 290 -18.15 -8.75 -22.73
N MET B 291 -17.65 -7.59 -23.11
CA MET B 291 -17.74 -7.11 -24.49
C MET B 291 -16.34 -6.93 -25.06
N ARG B 292 -16.21 -7.22 -26.35
CA ARG B 292 -14.92 -7.15 -27.04
C ARG B 292 -15.04 -6.22 -28.23
N SER B 293 -14.13 -5.25 -28.32
CA SER B 293 -14.17 -4.26 -29.38
C SER B 293 -12.76 -3.77 -29.68
N LYS B 294 -12.60 -3.21 -30.88
CA LYS B 294 -11.33 -2.60 -31.25
C LYS B 294 -11.11 -1.31 -30.46
N LYS B 295 -9.89 -1.11 -29.99
CA LYS B 295 -9.57 0.09 -29.24
C LYS B 295 -9.58 1.30 -30.16
N GLY B 296 -10.28 2.35 -29.74
CA GLY B 296 -10.43 3.54 -30.56
C GLY B 296 -11.24 3.32 -31.81
N SER B 297 -12.37 2.62 -31.70
CA SER B 297 -13.17 2.29 -32.86
C SER B 297 -13.80 3.53 -33.48
N SER B 298 -14.11 3.44 -34.78
CA SER B 298 -14.68 4.54 -35.57
C SER B 298 -13.78 5.78 -35.53
N GLY B 299 -12.48 5.56 -35.59
CA GLY B 299 -11.52 6.66 -35.60
C GLY B 299 -10.57 6.59 -36.78
N VAL B 300 -9.38 7.16 -36.61
CA VAL B 300 -8.35 7.08 -37.66
C VAL B 300 -7.86 5.64 -37.77
N LYS B 301 -7.84 5.11 -38.99
CA LYS B 301 -7.43 3.73 -39.19
C LYS B 301 -5.91 3.60 -39.26
N GLU B 302 -5.27 4.42 -40.09
CA GLU B 302 -3.83 4.36 -40.26
C GLU B 302 -3.26 5.78 -40.29
N ASN B 303 -2.00 5.90 -39.90
CA ASN B 303 -1.30 7.18 -39.93
C ASN B 303 0.19 6.91 -39.99
N ASN B 304 0.85 7.43 -41.02
CA ASN B 304 2.29 7.26 -41.25
C ASN B 304 2.69 5.78 -41.34
N GLY B 305 1.80 4.96 -41.90
CA GLY B 305 2.08 3.55 -42.08
C GLY B 305 1.85 2.69 -40.86
N GLN B 306 1.45 3.27 -39.73
CA GLN B 306 1.22 2.53 -38.51
C GLN B 306 -0.27 2.22 -38.35
N LYS B 307 -0.57 1.33 -37.41
CA LYS B 307 -1.94 0.95 -37.08
C LYS B 307 -2.41 1.74 -35.87
N ILE B 308 -3.58 2.36 -35.99
CA ILE B 308 -4.17 3.16 -34.91
C ILE B 308 -5.40 2.48 -34.32
N GLU B 309 -6.43 2.26 -35.14
CA GLU B 309 -7.61 1.55 -34.66
C GLU B 309 -7.30 0.07 -34.49
N GLY B 310 -7.71 -0.49 -33.36
CA GLY B 310 -7.35 -1.85 -33.04
C GLY B 310 -5.93 -2.04 -32.56
N ASN B 311 -5.32 -0.98 -32.04
CA ASN B 311 -3.93 -1.03 -31.61
C ASN B 311 -3.76 -0.08 -30.43
N SER B 312 -2.69 -0.31 -29.66
CA SER B 312 -2.43 0.46 -28.45
C SER B 312 -2.02 1.90 -28.74
N LEU B 313 -1.76 2.25 -30.00
CA LEU B 313 -1.38 3.62 -30.34
C LEU B 313 -2.56 4.59 -30.31
N ALA B 314 -3.79 4.09 -30.13
CA ALA B 314 -4.97 4.92 -30.03
C ALA B 314 -5.29 5.32 -28.60
N HIS B 315 -4.38 5.05 -27.66
CA HIS B 315 -4.61 5.38 -26.25
C HIS B 315 -4.71 6.89 -26.04
N GLN B 316 -3.64 7.62 -26.39
CA GLN B 316 -3.63 9.07 -26.32
C GLN B 316 -4.17 9.64 -27.64
N VAL B 317 -3.92 10.92 -27.87
CA VAL B 317 -4.35 11.61 -29.09
C VAL B 317 -3.72 10.94 -30.31
N PRO B 318 -4.53 10.47 -31.27
CA PRO B 318 -3.97 9.73 -32.40
C PRO B 318 -3.39 10.61 -33.51
N LEU B 319 -3.63 11.92 -33.49
CA LEU B 319 -3.08 12.85 -34.47
C LEU B 319 -2.41 13.98 -33.68
N LEU B 320 -1.14 13.77 -33.32
CA LEU B 320 -0.45 14.69 -32.42
C LEU B 320 0.00 15.97 -33.12
N LYS B 321 0.03 16.00 -34.44
CA LYS B 321 0.53 17.15 -35.19
C LYS B 321 -0.51 17.63 -36.20
N ALA B 322 -1.76 17.73 -35.76
CA ALA B 322 -2.84 18.18 -36.64
C ALA B 322 -2.83 19.69 -36.87
N LYS B 323 -2.08 20.45 -36.07
CA LYS B 323 -2.01 21.90 -36.23
C LYS B 323 -0.91 22.33 -37.22
N THR B 324 -0.05 21.42 -37.65
CA THR B 324 1.05 21.76 -38.54
C THR B 324 1.13 20.91 -39.80
N ASP B 325 0.51 19.74 -39.84
CA ASP B 325 0.57 18.86 -40.98
C ASP B 325 -0.77 18.88 -41.70
N LYS B 326 -0.74 19.09 -43.01
CA LYS B 326 -1.97 19.24 -43.78
C LYS B 326 -2.75 17.92 -43.87
N ASN B 327 -2.04 16.80 -44.06
CA ASN B 327 -2.71 15.51 -44.18
C ASN B 327 -3.37 15.10 -42.88
N GLU B 328 -2.74 15.42 -41.74
CA GLU B 328 -3.35 15.14 -40.45
C GLU B 328 -4.62 15.97 -40.25
N LEU B 329 -4.60 17.24 -40.67
CA LEU B 329 -5.80 18.07 -40.59
C LEU B 329 -6.91 17.54 -41.48
N GLU B 330 -6.55 17.08 -42.68
CA GLU B 330 -7.56 16.48 -43.57
C GLU B 330 -8.14 15.20 -42.98
N LYS B 331 -7.29 14.39 -42.35
CA LYS B 331 -7.76 13.18 -41.69
C LYS B 331 -8.71 13.50 -40.55
N LEU B 332 -8.37 14.53 -39.75
CA LEU B 332 -9.25 14.94 -38.66
C LEU B 332 -10.59 15.45 -39.18
N GLU B 333 -10.56 16.25 -40.25
CA GLU B 333 -11.80 16.77 -40.81
C GLU B 333 -12.67 15.65 -41.37
N ASN B 334 -12.07 14.69 -42.06
CA ASN B 334 -12.83 13.55 -42.58
C ASN B 334 -13.39 12.71 -41.45
N TRP B 335 -12.61 12.52 -40.38
CA TRP B 335 -13.07 11.75 -39.23
C TRP B 335 -14.27 12.42 -38.57
N MET B 336 -14.23 13.74 -38.43
CA MET B 336 -15.38 14.42 -37.81
C MET B 336 -16.58 14.44 -38.74
N LYS B 337 -16.36 14.60 -40.04
CA LYS B 337 -17.47 14.59 -40.98
C LYS B 337 -18.03 13.19 -41.21
N SER B 338 -17.34 12.15 -40.74
CA SER B 338 -17.93 10.81 -40.78
C SER B 338 -19.18 10.72 -39.90
N TYR B 339 -19.20 11.46 -38.79
CA TYR B 339 -20.40 11.59 -37.97
C TYR B 339 -21.25 12.72 -38.56
N LYS B 340 -22.37 12.35 -39.18
CA LYS B 340 -23.21 13.33 -39.88
C LYS B 340 -24.03 14.09 -38.84
N PHE B 341 -23.45 15.16 -38.31
CA PHE B 341 -24.09 15.97 -37.29
C PHE B 341 -25.25 16.80 -37.83
N ASP B 342 -25.39 16.92 -39.15
CA ASP B 342 -26.48 17.71 -39.72
C ASP B 342 -27.81 16.98 -39.61
N GLU B 343 -27.79 15.66 -39.52
CA GLU B 343 -29.03 14.89 -39.40
C GLU B 343 -29.53 14.78 -37.96
N LEU B 344 -28.75 15.23 -36.99
CA LEU B 344 -29.14 15.17 -35.59
C LEU B 344 -29.30 16.55 -34.94
N PHE B 345 -28.90 17.61 -35.62
CA PHE B 345 -28.90 18.95 -35.04
C PHE B 345 -29.52 19.92 -36.04
N ASP B 346 -30.17 20.96 -35.50
CA ASP B 346 -30.69 22.05 -36.31
C ASP B 346 -29.73 23.23 -36.20
N TYR B 347 -29.10 23.58 -37.32
CA TYR B 347 -28.04 24.58 -37.29
C TYR B 347 -28.60 26.00 -37.14
N GLU B 348 -29.80 26.25 -37.65
CA GLU B 348 -30.41 27.58 -37.52
C GLU B 348 -31.12 27.76 -36.19
N ARG B 349 -31.80 26.72 -35.70
CA ARG B 349 -32.44 26.80 -34.40
C ARG B 349 -31.43 26.67 -33.26
N GLY B 350 -30.37 25.91 -33.46
CA GLY B 350 -29.37 25.71 -32.43
C GLY B 350 -29.71 24.65 -31.41
N GLU B 351 -30.72 23.82 -31.65
CA GLU B 351 -31.13 22.78 -30.73
C GLU B 351 -31.15 21.44 -31.45
N PHE B 352 -31.25 20.37 -30.66
CA PHE B 352 -31.39 19.03 -31.21
C PHE B 352 -32.76 18.86 -31.85
N LYS B 353 -32.90 17.80 -32.64
CA LYS B 353 -34.15 17.52 -33.32
C LYS B 353 -35.13 16.85 -32.35
N TRP B 354 -36.25 16.37 -32.88
CA TRP B 354 -37.31 15.78 -32.05
C TRP B 354 -36.95 14.38 -31.55
N TRP B 355 -36.08 13.67 -32.27
CA TRP B 355 -35.79 12.26 -31.96
C TRP B 355 -35.28 12.08 -30.54
N ILE B 356 -34.49 13.02 -30.05
CA ILE B 356 -33.92 12.90 -28.71
C ILE B 356 -35.02 12.95 -27.65
N ASN B 357 -36.08 13.73 -27.90
CA ASN B 357 -37.20 13.77 -26.97
C ASN B 357 -37.97 12.46 -26.97
N ASP B 358 -37.83 11.65 -28.01
CA ASP B 358 -38.40 10.31 -28.03
C ASP B 358 -37.47 9.27 -27.42
N PHE B 359 -36.22 9.63 -27.12
CA PHE B 359 -35.26 8.66 -26.61
C PHE B 359 -35.07 8.76 -25.10
N LEU B 360 -34.84 9.96 -24.59
CA LEU B 360 -34.58 10.13 -23.16
C LEU B 360 -35.83 9.80 -22.35
N PRO B 361 -35.68 9.10 -21.22
CA PRO B 361 -36.86 8.82 -20.38
C PRO B 361 -37.33 10.03 -19.60
N GLU B 362 -38.30 9.84 -18.72
CA GLU B 362 -38.85 10.94 -17.95
C GLU B 362 -37.82 11.45 -16.95
N ASN B 363 -38.04 12.67 -16.47
CA ASN B 363 -37.12 13.30 -15.53
C ASN B 363 -37.09 12.55 -14.22
N SER B 364 -35.90 12.52 -13.60
CA SER B 364 -35.56 11.85 -12.35
C SER B 364 -35.52 10.33 -12.50
N SER B 365 -35.98 9.82 -13.64
CA SER B 365 -35.73 8.44 -14.06
C SER B 365 -34.57 8.37 -15.03
N ARG B 366 -33.43 8.95 -14.67
CA ARG B 366 -32.29 9.04 -15.55
C ARG B 366 -31.03 8.63 -14.80
N ILE B 367 -30.03 8.20 -15.57
CA ILE B 367 -28.84 7.58 -14.99
C ILE B 367 -28.04 8.58 -14.17
N GLY B 368 -27.93 9.82 -14.66
CA GLY B 368 -27.10 10.81 -14.00
C GLY B 368 -27.70 11.47 -12.79
N ARG B 369 -28.96 11.18 -12.47
CA ARG B 369 -29.67 11.80 -11.35
C ARG B 369 -30.36 10.74 -10.50
N ASN B 370 -29.62 9.69 -10.15
CA ASN B 370 -30.16 8.63 -9.31
C ASN B 370 -30.29 9.12 -7.87
N ARG B 371 -31.44 8.83 -7.25
CA ARG B 371 -31.69 9.26 -5.88
C ARG B 371 -30.95 8.41 -4.86
N PHE B 372 -30.79 7.11 -5.13
CA PHE B 372 -30.13 6.22 -4.17
C PHE B 372 -28.64 6.51 -4.03
N VAL B 373 -28.03 7.16 -5.01
CA VAL B 373 -26.59 7.38 -4.99
C VAL B 373 -26.22 8.70 -4.30
N ASP B 374 -27.05 9.73 -4.43
CA ASP B 374 -26.72 11.06 -3.91
C ASP B 374 -26.60 11.06 -2.39
N ALA B 375 -25.58 11.75 -1.89
CA ALA B 375 -25.43 11.92 -0.45
C ALA B 375 -26.57 12.75 0.12
N ASN B 376 -27.00 13.77 -0.60
CA ASN B 376 -28.23 14.47 -0.26
C ASN B 376 -29.43 13.54 -0.46
N LEU B 377 -30.51 13.83 0.27
CA LEU B 377 -31.73 13.05 0.33
C LEU B 377 -31.53 11.63 0.88
N ASN B 378 -30.34 11.33 1.41
CA ASN B 378 -30.06 10.04 2.01
C ASN B 378 -29.30 10.13 3.32
N PHE B 379 -28.71 11.27 3.67
CA PHE B 379 -27.90 11.39 4.87
C PHE B 379 -28.78 11.69 6.08
N LYS B 380 -28.58 10.94 7.16
CA LYS B 380 -29.29 11.14 8.41
C LYS B 380 -28.30 11.14 9.56
N GLU B 381 -28.62 11.90 10.60
CA GLU B 381 -27.74 11.99 11.76
C GLU B 381 -27.78 10.68 12.56
N LEU B 382 -26.66 10.36 13.18
CA LEU B 382 -26.52 9.15 13.97
C LEU B 382 -26.93 9.41 15.42
N LYS B 383 -27.68 8.47 15.99
CA LYS B 383 -28.15 8.57 17.36
C LYS B 383 -27.13 7.96 18.31
N LEU B 384 -26.57 8.78 19.19
CA LEU B 384 -25.52 8.33 20.10
C LEU B 384 -26.13 7.87 21.41
N PRO B 385 -25.91 6.63 21.84
CA PRO B 385 -26.39 6.19 23.15
C PRO B 385 -25.61 6.85 24.27
N GLU B 386 -26.18 6.80 25.47
CA GLU B 386 -25.55 7.38 26.64
C GLU B 386 -24.27 6.63 27.01
N ILE B 387 -23.23 7.39 27.35
CA ILE B 387 -21.93 6.81 27.66
C ILE B 387 -21.93 6.30 29.10
N THR B 388 -21.26 5.16 29.30
CA THR B 388 -21.16 4.54 30.62
C THR B 388 -19.71 4.26 30.93
N GLU B 389 -19.37 4.36 32.21
CA GLU B 389 -17.99 4.16 32.67
C GLU B 389 -17.65 2.67 32.72
N GLY B 390 -16.37 2.39 32.92
CA GLY B 390 -15.89 1.04 33.08
C GLY B 390 -15.74 0.69 34.56
N PHE B 391 -15.87 -0.60 34.85
CA PHE B 391 -15.84 -1.10 36.22
C PHE B 391 -14.72 -2.13 36.35
N GLY B 392 -13.95 -2.03 37.43
CA GLY B 392 -12.86 -2.93 37.70
C GLY B 392 -11.55 -2.19 37.92
N GLU B 393 -10.56 -2.95 38.39
CA GLU B 393 -9.24 -2.38 38.61
C GLU B 393 -8.53 -2.16 37.28
N LYS B 394 -8.27 -3.23 36.54
CA LYS B 394 -7.61 -3.13 35.25
C LYS B 394 -8.59 -2.66 34.18
N SER B 395 -8.10 -1.81 33.28
CA SER B 395 -8.93 -1.22 32.23
C SER B 395 -8.76 -2.00 30.93
N LEU B 396 -9.89 -2.31 30.29
CA LEU B 396 -9.91 -3.00 29.00
C LEU B 396 -10.64 -2.10 28.01
N ALA B 397 -9.87 -1.37 27.19
CA ALA B 397 -10.46 -0.37 26.29
C ALA B 397 -11.27 -1.01 25.18
N MET B 398 -10.80 -2.14 24.64
CA MET B 398 -11.47 -2.74 23.49
C MET B 398 -12.83 -3.31 23.87
N ASN B 399 -12.95 -3.87 25.08
CA ASN B 399 -14.25 -4.39 25.52
C ASN B 399 -15.27 -3.26 25.70
N ALA B 400 -14.85 -2.13 26.27
CA ALA B 400 -15.74 -0.99 26.42
C ALA B 400 -16.13 -0.42 25.06
N VAL B 401 -15.18 -0.36 24.12
CA VAL B 401 -15.47 0.12 22.77
C VAL B 401 -16.47 -0.82 22.10
N GLY B 402 -16.30 -2.13 22.29
CA GLY B 402 -17.25 -3.09 21.74
C GLY B 402 -18.64 -2.96 22.33
N SER B 403 -18.73 -2.70 23.64
CA SER B 403 -20.03 -2.48 24.27
C SER B 403 -20.70 -1.22 23.73
N LEU B 404 -19.94 -0.14 23.57
CA LEU B 404 -20.52 1.09 23.03
C LEU B 404 -20.96 0.91 21.59
N LEU B 405 -20.17 0.17 20.79
CA LEU B 405 -20.59 -0.11 19.43
C LEU B 405 -21.79 -1.04 19.37
N GLU B 406 -21.93 -1.92 20.37
CA GLU B 406 -23.15 -2.73 20.49
C GLU B 406 -24.36 -1.85 20.73
N LYS B 407 -24.23 -0.87 21.61
CA LYS B 407 -25.33 0.08 21.83
C LYS B 407 -25.64 0.90 20.58
N VAL B 408 -24.59 1.32 19.85
CA VAL B 408 -24.79 2.06 18.61
C VAL B 408 -25.52 1.20 17.57
N PHE B 409 -25.13 -0.07 17.47
CA PHE B 409 -25.82 -1.00 16.57
C PHE B 409 -27.28 -1.17 16.97
N GLU B 410 -27.55 -1.19 18.28
CA GLU B 410 -28.92 -1.29 18.75
C GLU B 410 -29.74 -0.06 18.35
N LYS B 411 -29.16 1.14 18.49
CA LYS B 411 -29.92 2.37 18.29
C LYS B 411 -30.08 2.76 16.82
N ASN B 412 -29.17 2.31 15.93
CA ASN B 412 -29.18 2.71 14.52
C ASN B 412 -29.18 1.45 13.66
N PRO B 413 -30.35 0.85 13.44
CA PRO B 413 -30.42 -0.42 12.72
C PRO B 413 -30.44 -0.31 11.20
N ASP B 414 -30.17 0.86 10.62
CA ASP B 414 -30.26 1.01 9.18
C ASP B 414 -29.09 1.76 8.54
N ASN B 415 -28.27 2.47 9.29
CA ASN B 415 -27.19 3.27 8.70
C ASN B 415 -25.90 3.11 9.48
N PHE B 416 -25.56 1.88 9.84
CA PHE B 416 -24.30 1.60 10.54
C PHE B 416 -23.85 0.20 10.20
N ARG B 417 -22.55 0.03 9.97
CA ARG B 417 -21.98 -1.25 9.59
C ARG B 417 -20.55 -1.34 10.11
N PHE B 418 -20.04 -2.57 10.17
CA PHE B 418 -18.72 -2.86 10.72
C PHE B 418 -17.94 -3.73 9.75
N PHE B 419 -16.64 -3.46 9.61
CA PHE B 419 -15.77 -4.21 8.72
C PHE B 419 -14.48 -4.56 9.44
N SER B 420 -14.02 -5.80 9.24
CA SER B 420 -12.81 -6.29 9.90
C SER B 420 -12.21 -7.43 9.09
N PRO B 421 -10.88 -7.55 9.03
CA PRO B 421 -10.26 -8.66 8.28
C PRO B 421 -10.06 -9.91 9.13
N ASP B 422 -11.19 -10.50 9.55
CA ASP B 422 -11.21 -11.72 10.38
C ASP B 422 -10.40 -11.55 11.66
N GLU B 423 -10.61 -10.42 12.34
CA GLU B 423 -9.81 -10.09 13.51
C GLU B 423 -10.62 -9.54 14.67
N THR B 424 -11.97 -9.58 14.61
CA THR B 424 -12.75 -8.96 15.67
C THR B 424 -12.71 -9.76 16.97
N TYR B 425 -12.53 -11.08 16.88
CA TYR B 425 -12.37 -11.88 18.09
C TYR B 425 -11.01 -11.62 18.74
N SER B 426 -9.96 -11.54 17.93
CA SER B 426 -8.62 -11.30 18.45
C SER B 426 -8.43 -9.87 18.94
N ASN B 427 -9.27 -8.94 18.51
CA ASN B 427 -9.15 -7.55 18.90
C ASN B 427 -10.01 -7.19 20.10
N LYS B 428 -10.62 -8.20 20.75
CA LYS B 428 -11.50 -8.02 21.91
C LYS B 428 -12.67 -7.08 21.59
N LEU B 429 -13.31 -7.33 20.46
CA LEU B 429 -14.46 -6.54 20.01
C LEU B 429 -15.64 -7.45 19.68
N ASP B 430 -15.76 -8.59 20.38
CA ASP B 430 -16.82 -9.55 20.09
C ASP B 430 -18.14 -9.22 20.77
N ALA B 431 -18.17 -8.22 21.64
CA ALA B 431 -19.42 -7.84 22.31
C ALA B 431 -20.46 -7.35 21.31
N ILE B 432 -20.01 -6.78 20.19
CA ILE B 432 -20.91 -6.35 19.13
C ILE B 432 -21.63 -7.53 18.48
N PHE B 433 -21.21 -8.76 18.76
CA PHE B 433 -21.95 -9.93 18.30
C PHE B 433 -23.24 -10.16 19.07
N GLU B 434 -23.46 -9.42 20.15
CA GLU B 434 -24.75 -9.50 20.84
C GLU B 434 -25.87 -8.83 20.06
N ALA B 435 -25.53 -7.96 19.11
CA ALA B 435 -26.52 -7.28 18.26
C ALA B 435 -26.66 -7.93 16.89
N THR B 436 -25.55 -8.10 16.17
CA THR B 436 -25.59 -8.59 14.80
C THR B 436 -24.50 -9.64 14.61
N SER B 437 -24.71 -10.49 13.60
CA SER B 437 -23.77 -11.54 13.23
C SER B 437 -22.90 -11.05 12.07
N ARG B 438 -22.13 -11.96 11.49
CA ARG B 438 -21.30 -11.67 10.34
C ARG B 438 -22.02 -12.09 9.06
N SER B 439 -21.93 -11.24 8.03
CA SER B 439 -22.59 -11.52 6.77
C SER B 439 -21.94 -12.71 6.08
N TRP B 440 -22.75 -13.67 5.65
CA TRP B 440 -22.24 -14.91 5.08
C TRP B 440 -23.35 -15.56 4.28
N GLN B 441 -23.14 -15.72 2.98
CA GLN B 441 -24.15 -16.27 2.08
C GLN B 441 -23.95 -17.73 1.76
N ARG B 442 -22.98 -18.39 2.40
CA ARG B 442 -22.67 -19.79 2.15
C ARG B 442 -23.18 -20.64 3.30
N GLU B 443 -22.86 -21.94 3.23
CA GLU B 443 -23.34 -22.89 4.23
C GLU B 443 -22.69 -22.63 5.59
N ILE B 444 -23.43 -22.95 6.64
CA ILE B 444 -22.99 -22.76 8.02
C ILE B 444 -23.01 -24.11 8.71
N LYS B 445 -21.88 -24.49 9.31
CA LYS B 445 -21.77 -25.74 10.04
C LYS B 445 -22.40 -25.59 11.43
N PRO B 446 -22.86 -26.70 12.03
CA PRO B 446 -23.47 -26.61 13.37
C PRO B 446 -22.55 -26.07 14.44
N TRP B 447 -21.25 -26.31 14.35
CA TRP B 447 -20.30 -25.81 15.33
C TRP B 447 -19.83 -24.39 15.05
N GLU B 448 -20.24 -23.80 13.93
CA GLU B 448 -19.89 -22.42 13.60
C GLU B 448 -20.91 -21.46 14.21
N LYS B 449 -20.44 -20.28 14.58
CA LYS B 449 -21.26 -19.29 15.25
C LYS B 449 -21.04 -17.92 14.63
N ASP B 450 -21.99 -17.03 14.89
CA ASP B 450 -21.96 -15.62 14.42
C ASP B 450 -21.87 -15.53 12.91
N LEU B 451 -22.72 -16.31 12.23
CA LEU B 451 -22.85 -16.26 10.78
C LEU B 451 -24.33 -16.15 10.42
N ALA B 452 -24.68 -15.13 9.64
CA ALA B 452 -26.06 -14.93 9.22
C ALA B 452 -26.08 -14.26 7.86
N LYS B 453 -27.16 -14.49 7.11
CA LYS B 453 -27.29 -13.88 5.79
C LYS B 453 -27.44 -12.37 5.89
N ASN B 454 -28.22 -11.90 6.86
CA ASN B 454 -28.46 -10.47 7.04
C ASN B 454 -27.52 -9.84 8.07
N GLY B 455 -26.31 -10.37 8.20
CA GLY B 455 -25.37 -9.80 9.14
C GLY B 455 -24.87 -8.45 8.70
N ARG B 456 -24.55 -7.61 9.69
CA ARG B 456 -24.07 -6.26 9.45
C ARG B 456 -22.56 -6.15 9.62
N VAL B 457 -21.86 -7.27 9.69
CA VAL B 457 -20.40 -7.30 9.76
C VAL B 457 -19.89 -8.12 8.58
N THR B 458 -18.99 -7.53 7.81
CA THR B 458 -18.39 -8.18 6.65
C THR B 458 -16.92 -8.47 6.94
N GLU B 459 -16.50 -9.71 6.70
CA GLU B 459 -15.15 -10.16 7.02
C GLU B 459 -14.54 -10.85 5.82
N ILE B 460 -13.38 -10.35 5.38
CA ILE B 460 -12.54 -11.02 4.40
C ILE B 460 -11.11 -10.51 4.61
N LEU B 461 -10.14 -11.32 4.22
CA LEU B 461 -8.74 -11.01 4.51
C LEU B 461 -8.18 -9.93 3.59
N SER B 462 -8.89 -9.55 2.53
CA SER B 462 -8.42 -8.49 1.63
C SER B 462 -8.74 -7.14 2.25
N GLU B 463 -7.71 -6.40 2.66
CA GLU B 463 -7.92 -5.08 3.24
C GLU B 463 -8.40 -4.09 2.19
N ASN B 464 -7.99 -4.27 0.94
CA ASN B 464 -8.43 -3.38 -0.14
C ASN B 464 -9.94 -3.47 -0.34
N CYS B 465 -10.49 -4.68 -0.26
CA CYS B 465 -11.94 -4.86 -0.39
C CYS B 465 -12.67 -4.20 0.77
N LEU B 466 -12.12 -4.31 1.98
CA LEU B 466 -12.73 -3.65 3.14
C LEU B 466 -12.73 -2.14 2.98
N GLN B 467 -11.60 -1.57 2.53
CA GLN B 467 -11.55 -0.12 2.32
C GLN B 467 -12.50 0.33 1.23
N GLY B 468 -12.60 -0.44 0.14
CA GLY B 468 -13.54 -0.12 -0.91
C GLY B 468 -14.98 -0.17 -0.46
N LEU B 469 -15.33 -1.20 0.33
CA LEU B 469 -16.69 -1.30 0.86
C LEU B 469 -17.00 -0.14 1.80
N LEU B 470 -16.05 0.21 2.67
CA LEU B 470 -16.26 1.32 3.59
C LEU B 470 -16.43 2.64 2.86
N GLN B 471 -15.60 2.90 1.84
CA GLN B 471 -15.72 4.17 1.12
C GLN B 471 -16.98 4.20 0.26
N GLY B 472 -17.41 3.06 -0.28
CA GLY B 472 -18.66 3.03 -1.02
C GLY B 472 -19.87 3.28 -0.13
N TYR B 473 -19.87 2.68 1.07
CA TYR B 473 -20.95 2.94 2.01
C TYR B 473 -20.96 4.39 2.47
N ILE B 474 -19.78 4.96 2.75
CA ILE B 474 -19.73 6.30 3.30
C ILE B 474 -20.10 7.35 2.25
N LEU B 475 -19.62 7.18 1.01
CA LEU B 475 -19.87 8.19 -0.02
C LEU B 475 -21.33 8.25 -0.47
N THR B 476 -22.14 7.26 -0.13
CA THR B 476 -23.57 7.31 -0.40
C THR B 476 -24.37 7.91 0.74
N GLY B 477 -23.70 8.34 1.81
CA GLY B 477 -24.37 9.06 2.89
C GLY B 477 -24.74 8.20 4.08
N ARG B 478 -23.85 7.31 4.50
CA ARG B 478 -24.10 6.44 5.64
C ARG B 478 -22.83 6.38 6.49
N TYR B 479 -22.85 5.53 7.53
CA TYR B 479 -21.79 5.48 8.53
C TYR B 479 -21.10 4.14 8.51
N GLY B 480 -19.88 4.11 9.04
CA GLY B 480 -19.13 2.87 9.10
C GLY B 480 -17.82 3.08 9.84
N VAL B 481 -17.31 1.98 10.39
CA VAL B 481 -16.04 1.94 11.12
C VAL B 481 -15.28 0.70 10.69
N LEU B 482 -14.00 0.85 10.35
CA LEU B 482 -13.15 -0.26 9.96
C LEU B 482 -12.06 -0.46 10.99
N THR B 483 -11.91 -1.70 11.48
CA THR B 483 -10.89 -2.02 12.46
C THR B 483 -9.90 -3.01 11.87
N SER B 484 -8.68 -2.99 12.39
CA SER B 484 -7.59 -3.82 11.87
C SER B 484 -6.42 -3.79 12.86
N TYR B 485 -5.40 -4.58 12.54
CA TYR B 485 -4.11 -4.49 13.20
C TYR B 485 -3.39 -3.22 12.76
N GLU B 486 -2.48 -2.75 13.61
CA GLU B 486 -1.70 -1.56 13.27
C GLU B 486 -0.67 -1.85 12.19
N ALA B 487 -0.13 -3.07 12.17
CA ALA B 487 0.97 -3.40 11.27
C ALA B 487 0.53 -3.53 9.82
N PHE B 488 -0.67 -4.06 9.58
CA PHE B 488 -1.14 -4.33 8.23
C PHE B 488 -2.02 -3.21 7.68
N ALA B 489 -2.15 -2.10 8.41
CA ALA B 489 -2.85 -0.94 7.88
C ALA B 489 -2.20 -0.32 6.64
N PRO B 490 -0.87 -0.13 6.56
CA PRO B 490 -0.32 0.57 5.37
C PRO B 490 -0.60 -0.09 4.02
N VAL B 491 -1.10 -1.33 4.02
CA VAL B 491 -1.50 -2.02 2.80
C VAL B 491 -2.55 -1.20 2.06
N ILE B 492 -3.38 -0.47 2.81
CA ILE B 492 -4.40 0.37 2.18
C ILE B 492 -4.07 1.85 2.36
N SER B 493 -2.78 2.18 2.43
CA SER B 493 -2.37 3.58 2.56
C SER B 493 -2.77 4.39 1.33
N SER B 494 -2.23 4.05 0.17
CA SER B 494 -2.30 4.93 -1.00
C SER B 494 -3.74 5.16 -1.45
N MET B 495 -4.55 4.10 -1.46
CA MET B 495 -5.95 4.23 -1.83
C MET B 495 -6.67 5.19 -0.90
N MET B 496 -6.36 5.12 0.40
CA MET B 496 -6.91 6.07 1.36
C MET B 496 -6.57 7.50 0.96
N ASP B 497 -5.33 7.72 0.53
CA ASP B 497 -4.93 9.06 0.07
C ASP B 497 -5.82 9.53 -1.06
N GLN B 498 -6.18 8.63 -1.99
CA GLN B 498 -7.08 8.99 -3.08
C GLN B 498 -8.39 9.52 -2.53
N TYR B 499 -8.95 8.83 -1.52
CA TYR B 499 -10.19 9.29 -0.90
C TYR B 499 -10.04 10.70 -0.36
N ALA B 500 -8.89 10.99 0.27
CA ALA B 500 -8.67 12.31 0.84
C ALA B 500 -8.73 13.37 -0.24
N LYS B 501 -8.16 13.07 -1.42
CA LYS B 501 -8.19 14.01 -2.53
C LYS B 501 -9.63 14.35 -2.91
N PHE B 502 -10.49 13.32 -2.95
CA PHE B 502 -11.91 13.52 -3.22
C PHE B 502 -12.49 14.56 -2.26
N LEU B 503 -12.20 14.40 -0.97
CA LEU B 503 -12.74 15.32 0.02
C LEU B 503 -12.28 16.74 -0.25
N ALA B 504 -11.01 16.91 -0.64
CA ALA B 504 -10.49 18.23 -0.92
C ALA B 504 -11.26 18.88 -2.06
N GLN B 505 -11.55 18.12 -3.12
CA GLN B 505 -12.32 18.67 -4.22
C GLN B 505 -13.75 18.97 -3.77
N SER B 506 -14.29 18.12 -2.90
CA SER B 506 -15.62 18.37 -2.36
C SER B 506 -15.67 19.61 -1.48
N LYS B 507 -14.51 20.14 -1.07
CA LYS B 507 -14.51 21.38 -0.33
C LYS B 507 -14.86 22.58 -1.21
N GLU B 508 -14.63 22.46 -2.53
CA GLU B 508 -14.86 23.57 -3.44
C GLU B 508 -16.15 23.44 -4.25
N VAL B 509 -16.96 22.42 -3.99
CA VAL B 509 -18.22 22.22 -4.70
C VAL B 509 -19.36 22.64 -3.78
N LYS B 510 -20.18 23.59 -4.25
CA LYS B 510 -21.20 24.20 -3.40
C LYS B 510 -22.46 23.35 -3.27
N TRP B 511 -22.72 22.45 -4.21
CA TRP B 511 -23.94 21.64 -4.17
C TRP B 511 -23.71 20.25 -3.61
N ARG B 512 -22.52 19.98 -3.04
CA ARG B 512 -22.24 18.71 -2.42
C ARG B 512 -22.52 18.81 -0.92
N GLY B 513 -23.26 17.83 -0.40
CA GLY B 513 -23.68 17.84 0.99
C GLY B 513 -22.66 17.23 1.93
N ASP B 514 -23.06 17.11 3.18
CA ASP B 514 -22.19 16.57 4.22
C ASP B 514 -22.06 15.06 4.09
N LEU B 515 -20.97 14.54 4.67
CA LEU B 515 -20.69 13.11 4.65
C LEU B 515 -20.14 12.68 6.00
N ALA B 516 -20.33 11.40 6.32
CA ALA B 516 -19.79 10.85 7.55
C ALA B 516 -18.28 10.66 7.44
N SER B 517 -17.61 10.71 8.59
CA SER B 517 -16.16 10.59 8.61
C SER B 517 -15.72 9.15 8.36
N LEU B 518 -14.48 9.01 7.90
CA LEU B 518 -13.87 7.70 7.66
C LEU B 518 -13.12 7.30 8.92
N ASN B 519 -13.64 6.29 9.63
CA ASN B 519 -13.17 5.96 10.98
C ASN B 519 -12.43 4.63 10.98
N TYR B 520 -11.22 4.65 11.53
CA TYR B 520 -10.37 3.47 11.66
C TYR B 520 -10.13 3.19 13.14
N ILE B 521 -10.11 1.90 13.49
CA ILE B 521 -9.71 1.44 14.81
C ILE B 521 -8.60 0.41 14.61
N LEU B 522 -7.37 0.81 14.91
CA LEU B 522 -6.21 -0.06 14.76
C LEU B 522 -5.72 -0.47 16.14
N THR B 523 -5.70 -1.76 16.40
CA THR B 523 -5.33 -2.24 17.73
C THR B 523 -4.41 -3.46 17.58
N SER B 524 -4.05 -4.06 18.71
CA SER B 524 -3.01 -5.07 18.80
C SER B 524 -1.69 -4.53 18.23
N THR B 525 -1.19 -3.50 18.91
CA THR B 525 0.00 -2.79 18.47
C THR B 525 1.23 -3.66 18.66
N GLY B 526 2.36 -3.14 18.18
CA GLY B 526 3.59 -3.91 18.15
C GLY B 526 4.27 -4.09 19.49
N TRP B 527 3.87 -3.32 20.51
CA TRP B 527 4.49 -3.44 21.81
C TRP B 527 4.02 -4.68 22.58
N ARG B 528 2.94 -5.33 22.12
CA ARG B 528 2.38 -6.47 22.84
C ARG B 528 2.01 -7.59 21.87
N GLN B 529 2.87 -7.85 20.88
CA GLN B 529 2.66 -8.95 19.95
C GLN B 529 3.33 -10.19 20.54
N ASP B 530 2.57 -10.91 21.37
CA ASP B 530 3.13 -12.04 22.10
C ASP B 530 3.31 -13.26 21.21
N HIS B 531 2.36 -13.53 20.32
CA HIS B 531 2.40 -14.72 19.48
C HIS B 531 3.09 -14.49 18.15
N ASN B 532 3.59 -13.29 17.89
CA ASN B 532 4.21 -12.95 16.61
C ASN B 532 5.51 -12.19 16.86
N GLY B 533 6.31 -12.05 15.82
CA GLY B 533 7.64 -11.51 15.96
C GLY B 533 7.87 -10.14 15.34
N PHE B 534 8.89 -10.04 14.49
CA PHE B 534 9.32 -8.75 13.97
C PHE B 534 8.37 -8.21 12.91
N ASN B 535 7.68 -9.09 12.18
CA ASN B 535 6.86 -8.67 11.06
C ASN B 535 5.58 -7.95 11.47
N HIS B 536 5.24 -7.92 12.76
CA HIS B 536 3.99 -7.35 13.23
C HIS B 536 4.19 -6.04 13.97
N GLN B 537 5.23 -5.29 13.63
CA GLN B 537 5.48 -3.97 14.20
C GLN B 537 5.75 -2.98 13.07
N ASN B 538 4.79 -2.11 12.78
CA ASN B 538 4.92 -1.12 11.71
C ASN B 538 3.95 0.02 11.96
N PRO B 539 4.35 1.02 12.75
CA PRO B 539 3.48 2.18 13.03
C PRO B 539 3.68 3.32 12.04
N SER B 540 3.37 3.06 10.77
CA SER B 540 3.56 4.05 9.71
C SER B 540 2.27 4.55 9.08
N PHE B 541 1.13 3.96 9.41
CA PHE B 541 -0.13 4.40 8.82
C PHE B 541 -0.55 5.77 9.32
N ILE B 542 -0.29 6.06 10.59
CA ILE B 542 -0.65 7.37 11.14
C ILE B 542 0.20 8.47 10.53
N ASP B 543 1.42 8.15 10.12
CA ASP B 543 2.24 9.12 9.40
C ASP B 543 1.64 9.42 8.03
N GLU B 544 1.15 8.39 7.34
CA GLU B 544 0.50 8.60 6.04
C GLU B 544 -0.77 9.42 6.18
N VAL B 545 -1.55 9.16 7.24
CA VAL B 545 -2.78 9.92 7.45
C VAL B 545 -2.47 11.37 7.81
N LEU B 546 -1.45 11.59 8.64
CA LEU B 546 -1.13 12.93 9.11
C LEU B 546 -0.53 13.84 8.05
N ARG B 547 -0.17 13.30 6.88
CA ARG B 547 0.50 14.09 5.86
C ARG B 547 -0.44 14.89 4.98
N ARG B 548 -1.75 14.65 5.07
CA ARG B 548 -2.70 15.45 4.31
C ARG B 548 -2.77 16.88 4.88
N GLU B 549 -2.87 17.85 3.99
CA GLU B 549 -2.77 19.26 4.36
C GLU B 549 -4.00 20.07 3.94
N ASN B 550 -5.16 19.42 3.84
CA ASN B 550 -6.40 20.08 3.48
C ASN B 550 -7.42 19.99 4.60
N GLY B 551 -6.94 20.11 5.85
CA GLY B 551 -7.81 19.94 7.00
C GLY B 551 -8.37 18.54 7.14
N ILE B 552 -7.60 17.53 6.76
CA ILE B 552 -8.03 16.14 6.80
C ILE B 552 -6.96 15.33 7.52
N GLY B 553 -7.39 14.49 8.47
CA GLY B 553 -6.47 13.62 9.18
C GLY B 553 -6.40 13.89 10.67
N GLN B 554 -6.89 12.93 11.46
CA GLN B 554 -6.89 13.05 12.92
C GLN B 554 -6.56 11.70 13.53
N ILE B 555 -5.68 11.71 14.53
CA ILE B 555 -5.27 10.51 15.25
C ILE B 555 -5.67 10.67 16.71
N PHE B 556 -6.38 9.68 17.24
CA PHE B 556 -6.82 9.68 18.64
C PHE B 556 -6.02 8.65 19.42
N LEU B 557 -5.51 9.08 20.58
CA LEU B 557 -4.53 8.32 21.36
C LEU B 557 -5.05 8.18 22.78
N PRO B 558 -5.95 7.23 23.04
CA PRO B 558 -6.54 7.10 24.37
C PRO B 558 -5.54 6.62 25.41
N ALA B 559 -5.84 6.93 26.66
CA ALA B 559 -5.03 6.48 27.79
C ALA B 559 -5.63 5.29 28.51
N ASP B 560 -6.94 5.12 28.49
CA ASP B 560 -7.61 4.00 29.14
C ASP B 560 -8.97 3.79 28.47
N ASP B 561 -9.83 2.99 29.10
CA ASP B 561 -11.11 2.62 28.49
C ASP B 561 -12.06 3.80 28.42
N ASN B 562 -12.08 4.64 29.47
CA ASN B 562 -12.94 5.83 29.45
C ASN B 562 -12.51 6.80 28.37
N SER B 563 -11.19 6.98 28.21
CA SER B 563 -10.68 7.78 27.11
C SER B 563 -11.06 7.18 25.76
N ALA B 564 -11.04 5.84 25.67
CA ALA B 564 -11.40 5.17 24.42
C ALA B 564 -12.85 5.43 24.06
N VAL B 565 -13.77 5.30 25.03
CA VAL B 565 -15.18 5.50 24.71
C VAL B 565 -15.49 6.97 24.45
N ALA B 566 -14.82 7.88 25.18
CA ALA B 566 -15.00 9.31 24.90
C ALA B 566 -14.52 9.66 23.49
N ALA B 567 -13.36 9.12 23.10
CA ALA B 567 -12.84 9.39 21.75
C ALA B 567 -13.74 8.79 20.68
N ILE B 568 -14.21 7.55 20.87
CA ILE B 568 -15.07 6.93 19.86
C ILE B 568 -16.43 7.60 19.82
N SER B 569 -16.85 8.27 20.91
CA SER B 569 -18.03 9.11 20.83
C SER B 569 -17.75 10.40 20.07
N LYS B 570 -16.53 10.92 20.19
CA LYS B 570 -16.19 12.17 19.49
C LYS B 570 -16.10 11.96 17.98
N MET B 571 -15.45 10.88 17.53
CA MET B 571 -15.28 10.70 16.08
C MET B 571 -16.59 10.37 15.37
N LEU B 572 -17.60 9.90 16.08
CA LEU B 572 -18.89 9.68 15.44
C LEU B 572 -19.71 10.95 15.28
N LYS B 573 -19.25 12.07 15.86
CA LYS B 573 -19.91 13.36 15.72
C LYS B 573 -19.19 14.30 14.77
N THR B 574 -18.23 13.80 14.00
CA THR B 574 -17.45 14.60 13.07
C THR B 574 -17.83 14.23 11.65
N ARG B 575 -17.79 15.23 10.76
CA ARG B 575 -18.20 15.06 9.38
C ARG B 575 -17.10 15.52 8.43
N ASN B 576 -16.97 14.81 7.29
CA ASN B 576 -16.04 15.15 6.22
C ASN B 576 -14.59 15.20 6.70
N ASN B 577 -14.14 14.06 7.23
CA ASN B 577 -12.78 13.95 7.74
C ASN B 577 -12.37 12.48 7.79
N ILE B 578 -11.15 12.24 8.25
CA ILE B 578 -10.61 10.88 8.43
C ILE B 578 -10.02 10.82 9.82
N ASN B 579 -10.46 9.84 10.62
CA ASN B 579 -10.03 9.68 12.00
C ASN B 579 -9.50 8.27 12.22
N VAL B 580 -8.43 8.18 13.02
CA VAL B 580 -7.79 6.91 13.37
C VAL B 580 -7.68 6.83 14.89
N LEU B 581 -8.12 5.71 15.45
CA LEU B 581 -8.04 5.44 16.88
C LEU B 581 -7.14 4.24 17.12
N VAL B 582 -6.10 4.42 17.93
CA VAL B 582 -5.13 3.37 18.21
C VAL B 582 -5.03 3.19 19.72
N ALA B 583 -5.30 1.97 20.20
CA ALA B 583 -5.26 1.67 21.62
C ALA B 583 -4.94 0.19 21.79
N GLY B 584 -4.48 -0.15 23.00
CA GLY B 584 -4.14 -1.51 23.33
C GLY B 584 -5.36 -2.35 23.69
N LYS B 585 -5.10 -3.65 23.88
CA LYS B 585 -6.15 -4.60 24.24
C LYS B 585 -5.78 -5.45 25.46
N THR B 586 -4.76 -5.05 26.20
CA THR B 586 -4.29 -5.77 27.37
C THR B 586 -4.79 -5.11 28.65
N PRO B 587 -4.90 -5.86 29.75
CA PRO B 587 -5.25 -5.25 31.04
C PRO B 587 -4.25 -4.17 31.43
N GLU B 588 -4.74 -2.95 31.57
CA GLU B 588 -3.91 -1.77 31.80
C GLU B 588 -4.45 -1.01 33.00
N PRO B 589 -3.58 -0.39 33.80
CA PRO B 589 -4.05 0.41 34.94
C PRO B 589 -4.89 1.59 34.50
N ARG B 590 -5.85 1.95 35.34
CA ARG B 590 -6.70 3.11 35.10
C ARG B 590 -6.00 4.38 35.55
N TYR B 591 -6.58 5.51 35.18
CA TYR B 591 -5.90 6.80 35.26
C TYR B 591 -6.94 7.87 35.56
N PHE B 592 -6.59 9.13 35.25
CA PHE B 592 -7.44 10.30 35.47
C PHE B 592 -8.86 10.15 34.94
N SER B 593 -9.08 9.26 33.96
CA SER B 593 -10.33 9.23 33.22
C SER B 593 -11.45 8.63 34.07
N LEU B 594 -12.41 9.48 34.47
CA LEU B 594 -13.62 9.03 35.15
C LEU B 594 -14.87 9.39 34.35
N GLU B 595 -14.73 9.53 33.03
CA GLU B 595 -15.76 9.89 32.04
C GLU B 595 -16.21 11.34 32.18
N SER B 596 -15.72 12.08 33.17
CA SER B 596 -15.99 13.51 33.30
C SER B 596 -14.73 14.34 33.07
N ALA B 597 -13.66 14.05 33.82
CA ALA B 597 -12.39 14.72 33.59
C ALA B 597 -11.84 14.38 32.21
N GLN B 598 -12.05 13.13 31.75
CA GLN B 598 -11.62 12.76 30.40
C GLN B 598 -12.36 13.58 29.35
N LYS B 599 -13.67 13.74 29.50
CA LYS B 599 -14.44 14.52 28.53
C LYS B 599 -14.06 15.99 28.58
N GLN B 600 -13.72 16.52 29.77
CA GLN B 600 -13.20 17.88 29.84
C GLN B 600 -11.83 17.99 29.17
N LEU B 601 -11.01 16.94 29.27
CA LEU B 601 -9.72 16.92 28.59
C LEU B 601 -9.88 16.86 27.08
N GLU B 602 -10.97 16.25 26.60
CA GLU B 602 -11.20 16.12 25.17
C GLU B 602 -11.36 17.46 24.46
N ASN B 603 -11.69 18.52 25.21
CA ASN B 603 -11.69 19.88 24.66
C ASN B 603 -10.26 20.43 24.71
N GLY B 604 -9.42 19.88 23.84
CA GLY B 604 -8.02 20.22 23.79
C GLY B 604 -7.13 19.00 23.62
N GLY B 605 -7.54 17.88 24.22
CA GLY B 605 -6.85 16.62 24.02
C GLY B 605 -5.51 16.49 24.70
N ILE B 606 -5.24 17.30 25.72
CA ILE B 606 -3.95 17.27 26.41
C ILE B 606 -4.18 17.38 27.91
N PHE B 607 -3.52 16.52 28.67
CA PHE B 607 -3.61 16.50 30.13
C PHE B 607 -2.28 16.95 30.71
N VAL B 608 -2.34 17.85 31.70
CA VAL B 608 -1.17 18.42 32.34
C VAL B 608 -1.28 18.22 33.84
N PHE B 609 -0.21 17.71 34.46
CA PHE B 609 -0.19 17.43 35.89
C PHE B 609 1.12 17.91 36.49
N ASP B 610 1.04 18.49 37.68
CA ASP B 610 2.20 18.91 38.45
C ASP B 610 2.35 17.97 39.64
N SER B 611 3.52 17.34 39.76
CA SER B 611 3.74 16.32 40.76
C SER B 611 4.30 16.85 42.06
N TRP B 612 5.00 17.98 42.03
CA TRP B 612 5.57 18.53 43.27
C TRP B 612 4.52 19.19 44.15
N LYS B 613 3.31 19.40 43.64
CA LYS B 613 2.20 19.88 44.47
C LYS B 613 0.92 19.07 44.26
N ASN B 614 0.95 18.03 43.42
CA ASN B 614 -0.19 17.16 43.15
C ASN B 614 -1.40 17.96 42.66
N GLN B 615 -1.21 18.59 41.49
CA GLN B 615 -2.22 19.51 40.97
C GLN B 615 -2.45 19.23 39.50
N LYS B 616 -3.69 18.89 39.16
CA LYS B 616 -4.08 18.75 37.76
C LYS B 616 -4.41 20.13 37.18
N ILE B 617 -4.16 20.28 35.88
CA ILE B 617 -4.45 21.54 35.18
C ILE B 617 -5.30 21.22 33.96
N THR B 618 -6.43 21.93 33.83
CA THR B 618 -7.30 21.80 32.67
C THR B 618 -7.45 23.09 31.87
N ASP B 619 -7.19 24.24 32.46
CA ASP B 619 -7.21 25.52 31.77
C ASP B 619 -5.80 26.08 31.70
N TRP B 620 -5.35 26.41 30.50
CA TRP B 620 -3.95 26.78 30.28
C TRP B 620 -3.64 28.21 30.74
N ASP B 621 -4.64 29.02 31.02
CA ASP B 621 -4.40 30.38 31.49
C ASP B 621 -4.18 30.45 33.00
N SER B 622 -4.29 29.32 33.70
CA SER B 622 -4.02 29.27 35.14
C SER B 622 -2.60 28.81 35.46
N ILE B 623 -1.76 28.60 34.45
CA ILE B 623 -0.40 28.13 34.67
C ILE B 623 0.44 29.31 35.17
N SER B 624 1.08 29.13 36.32
CA SER B 624 1.87 30.19 36.92
C SER B 624 3.18 30.37 36.16
N GLU B 625 3.49 31.62 35.81
CA GLU B 625 4.77 31.94 35.18
C GLU B 625 5.89 32.12 36.18
N ASP B 626 5.57 32.30 37.47
CA ASP B 626 6.61 32.45 38.48
C ASP B 626 7.27 31.11 38.80
N ASP B 627 6.48 30.04 38.87
CA ASP B 627 6.98 28.71 39.19
C ASP B 627 6.89 27.83 37.96
N GLU B 628 7.98 27.17 37.62
CA GLU B 628 8.11 26.40 36.39
C GLU B 628 8.68 25.02 36.70
N PRO B 629 8.32 24.00 35.91
CA PRO B 629 8.91 22.67 36.12
C PRO B 629 10.38 22.65 35.75
N ASP B 630 11.12 21.77 36.42
CA ASP B 630 12.54 21.59 36.10
C ASP B 630 12.74 20.77 34.83
N LEU B 631 11.85 19.81 34.58
CA LEU B 631 11.90 19.03 33.35
C LEU B 631 10.48 18.58 33.03
N ILE B 632 10.27 18.19 31.78
CA ILE B 632 8.98 17.72 31.31
C ILE B 632 9.12 16.29 30.81
N LEU B 633 8.31 15.40 31.36
CA LEU B 633 8.14 14.05 30.81
C LEU B 633 6.82 14.01 30.05
N ALA B 634 6.89 13.68 28.77
CA ALA B 634 5.72 13.63 27.92
C ALA B 634 5.64 12.28 27.24
N ALA B 635 4.42 11.78 27.08
CA ALA B 635 4.21 10.50 26.41
C ALA B 635 2.99 10.60 25.52
N SER B 636 2.97 9.73 24.52
CA SER B 636 1.85 9.70 23.56
C SER B 636 1.58 8.24 23.24
N GLY B 637 0.61 7.65 23.93
CA GLY B 637 0.36 6.22 23.83
C GLY B 637 0.34 5.56 25.19
N ASP B 638 -0.54 4.58 25.38
CA ASP B 638 -0.77 4.03 26.72
C ASP B 638 0.41 3.17 27.19
N TYR B 639 0.94 2.32 26.29
CA TYR B 639 2.00 1.39 26.67
C TYR B 639 3.26 2.11 27.10
N VAL B 640 3.47 3.35 26.62
CA VAL B 640 4.61 4.14 27.04
C VAL B 640 4.21 5.15 28.11
N PHE B 641 2.93 5.50 28.22
CA PHE B 641 2.46 6.29 29.35
C PHE B 641 2.67 5.53 30.66
N LYS B 642 2.47 4.20 30.63
CA LYS B 642 2.78 3.38 31.79
C LYS B 642 4.24 3.52 32.21
N GLU B 643 5.15 3.42 31.23
CA GLU B 643 6.58 3.51 31.52
C GLU B 643 6.94 4.89 32.05
N THR B 644 6.35 5.95 31.50
CA THR B 644 6.73 7.28 31.96
C THR B 644 6.13 7.61 33.32
N VAL B 645 4.96 7.07 33.67
CA VAL B 645 4.47 7.31 35.02
C VAL B 645 5.25 6.47 36.03
N ALA B 646 5.70 5.28 35.64
CA ALA B 646 6.58 4.52 36.52
C ALA B 646 7.91 5.24 36.74
N ALA B 647 8.46 5.82 35.67
CA ALA B 647 9.69 6.60 35.81
C ALA B 647 9.47 7.84 36.67
N LEU B 648 8.31 8.48 36.54
CA LEU B 648 7.97 9.60 37.41
C LEU B 648 7.87 9.17 38.86
N GLN B 649 7.30 8.00 39.12
CA GLN B 649 7.24 7.47 40.48
C GLN B 649 8.63 7.23 41.05
N VAL B 650 9.53 6.63 40.24
CA VAL B 650 10.89 6.37 40.70
C VAL B 650 11.63 7.68 40.98
N LEU B 651 11.46 8.67 40.09
CA LEU B 651 12.13 9.96 40.27
C LEU B 651 11.60 10.69 41.50
N LEU B 652 10.29 10.62 41.74
CA LEU B 652 9.73 11.21 42.96
C LEU B 652 10.21 10.50 44.21
N HIS B 653 10.40 9.19 44.13
CA HIS B 653 10.93 8.44 45.26
C HIS B 653 12.37 8.85 45.58
N ASP B 654 13.22 8.94 44.55
CA ASP B 654 14.65 9.10 44.80
C ASP B 654 15.03 10.54 45.11
N VAL B 655 14.81 11.45 44.16
CA VAL B 655 15.25 12.84 44.29
C VAL B 655 14.01 13.74 44.31
N ALA B 656 13.89 14.55 45.36
CA ALA B 656 12.70 15.36 45.57
C ALA B 656 12.91 16.84 45.31
N GLN B 657 14.14 17.29 45.09
CA GLN B 657 14.39 18.70 44.88
C GLN B 657 14.08 19.16 43.45
N VAL B 658 13.85 18.24 42.53
CA VAL B 658 13.49 18.57 41.16
C VAL B 658 11.98 18.53 41.01
N LYS B 659 11.45 19.32 40.08
CA LYS B 659 10.03 19.43 39.82
C LYS B 659 9.74 18.92 38.42
N ILE B 660 8.80 17.98 38.33
CA ILE B 660 8.48 17.30 37.07
C ILE B 660 7.02 17.57 36.72
N ARG B 661 6.78 17.97 35.49
CA ARG B 661 5.43 18.14 34.96
C ARG B 661 5.13 17.04 33.96
N LEU B 662 4.04 16.31 34.17
CA LEU B 662 3.65 15.22 33.31
C LEU B 662 2.61 15.70 32.31
N VAL B 663 2.87 15.44 31.02
CA VAL B 663 2.00 15.88 29.94
C VAL B 663 1.64 14.66 29.11
N TYR B 664 0.35 14.48 28.84
CA TYR B 664 -0.13 13.42 27.97
C TYR B 664 -0.95 14.03 26.84
N ILE B 665 -0.76 13.51 25.62
CA ILE B 665 -1.44 14.00 24.43
C ILE B 665 -2.41 12.93 23.96
N GLN B 666 -3.68 13.30 23.80
CA GLN B 666 -4.72 12.36 23.40
C GLN B 666 -5.06 12.41 21.92
N ALA B 667 -4.78 13.53 21.25
CA ALA B 667 -5.15 13.67 19.85
C ALA B 667 -4.11 14.50 19.11
N LEU B 668 -3.89 14.13 17.85
CA LEU B 668 -2.99 14.86 16.95
C LEU B 668 -3.69 15.09 15.62
N CYS B 669 -3.40 16.23 15.00
CA CYS B 669 -3.99 16.59 13.71
C CYS B 669 -2.91 17.15 12.80
N GLY B 670 -3.28 17.31 11.52
CA GLY B 670 -2.34 17.83 10.55
C GLY B 670 -1.98 19.29 10.76
N LYS B 671 -2.82 20.05 11.45
CA LYS B 671 -2.56 21.45 11.71
C LYS B 671 -1.77 21.70 13.00
N GLY B 672 -1.54 20.66 13.80
CA GLY B 672 -0.75 20.83 15.00
C GLY B 672 -1.20 19.86 16.08
N ILE B 673 -1.08 20.31 17.33
CA ILE B 673 -1.39 19.49 18.49
C ILE B 673 -2.87 19.67 18.84
N GLY B 674 -3.59 18.55 18.95
CA GLY B 674 -4.98 18.59 19.34
C GLY B 674 -5.92 18.14 18.24
N THR B 675 -7.11 18.72 18.20
CA THR B 675 -8.10 18.42 17.16
C THR B 675 -8.20 19.60 16.20
N PHE B 676 -8.90 19.37 15.09
CA PHE B 676 -9.11 20.43 14.11
C PHE B 676 -9.96 21.55 14.68
N GLU B 677 -10.99 21.19 15.45
CA GLU B 677 -11.88 22.21 16.04
C GLU B 677 -11.15 23.02 17.10
N ASN B 678 -10.31 22.37 17.91
CA ASN B 678 -9.55 23.04 18.96
C ASN B 678 -8.10 22.56 18.85
N THR B 679 -7.28 23.34 18.16
CA THR B 679 -5.88 23.03 17.95
C THR B 679 -5.02 23.92 18.85
N LEU B 680 -4.07 23.31 19.56
CA LEU B 680 -3.19 24.06 20.44
C LEU B 680 -2.38 25.09 19.66
N SER B 681 -2.33 26.31 20.18
CA SER B 681 -1.67 27.41 19.50
C SER B 681 -0.19 27.48 19.85
N LYS B 682 0.52 28.37 19.17
CA LYS B 682 1.94 28.54 19.43
C LYS B 682 2.22 29.28 20.73
N SER B 683 1.23 29.97 21.28
CA SER B 683 1.40 30.65 22.56
C SER B 683 1.10 29.74 23.74
N ASP B 684 0.18 28.79 23.59
CA ASP B 684 -0.11 27.85 24.67
C ASP B 684 1.00 26.82 24.81
N PHE B 685 1.70 26.51 23.72
CA PHE B 685 2.85 25.59 23.80
C PHE B 685 3.95 26.16 24.68
N VAL B 686 4.13 27.48 24.67
CA VAL B 686 5.13 28.12 25.52
C VAL B 686 4.75 27.99 26.99
N LYS B 687 3.45 28.08 27.30
CA LYS B 687 3.02 27.95 28.69
C LYS B 687 3.08 26.52 29.17
N ILE B 688 2.64 25.56 28.34
CA ILE B 688 2.66 24.15 28.73
C ILE B 688 4.09 23.63 28.77
N PHE B 689 4.87 23.88 27.71
CA PHE B 689 6.27 23.49 27.62
C PHE B 689 7.11 24.75 27.79
N THR B 690 7.90 24.80 28.87
CA THR B 690 8.71 25.98 29.15
C THR B 690 9.77 26.16 28.07
N LYS B 691 10.22 27.42 27.92
CA LYS B 691 11.04 27.79 26.76
C LYS B 691 12.37 27.05 26.71
N ASP B 692 13.02 26.88 27.86
CA ASP B 692 14.38 26.34 27.88
C ASP B 692 14.51 25.04 28.66
N LYS B 693 13.46 24.56 29.31
CA LYS B 693 13.57 23.33 30.06
C LYS B 693 13.55 22.13 29.12
N PRO B 694 14.30 21.07 29.45
CA PRO B 694 14.31 19.87 28.60
C PRO B 694 12.96 19.19 28.58
N VAL B 695 12.65 18.57 27.44
CA VAL B 695 11.40 17.85 27.24
C VAL B 695 11.76 16.45 26.75
N ILE B 696 11.61 15.45 27.62
CA ILE B 696 11.81 14.06 27.23
C ILE B 696 10.45 13.55 26.76
N PHE B 697 10.34 13.31 25.46
CA PHE B 697 9.09 12.91 24.83
C PHE B 697 9.22 11.46 24.37
N ALA B 698 8.19 10.67 24.65
CA ALA B 698 8.16 9.27 24.28
C ALA B 698 6.90 9.01 23.46
N PHE B 699 7.08 8.43 22.28
CA PHE B 699 6.03 8.32 21.28
C PHE B 699 5.71 6.86 21.01
N HIS B 700 4.46 6.60 20.61
CA HIS B 700 4.04 5.24 20.32
C HIS B 700 4.62 4.74 19.00
N GLY B 701 4.75 5.62 18.01
CA GLY B 701 5.28 5.24 16.72
C GLY B 701 6.67 5.77 16.45
N TYR B 702 6.95 6.14 15.20
CA TYR B 702 8.26 6.62 14.80
C TYR B 702 8.54 7.99 15.40
N ALA B 703 9.82 8.29 15.61
CA ALA B 703 10.20 9.56 16.20
C ALA B 703 10.05 10.72 15.20
N LYS B 704 10.33 10.46 13.92
CA LYS B 704 10.25 11.51 12.92
C LYS B 704 8.84 11.96 12.63
N THR B 705 7.85 11.09 12.89
CA THR B 705 6.45 11.50 12.74
C THR B 705 6.11 12.62 13.71
N LEU B 706 6.59 12.53 14.96
CA LEU B 706 6.42 13.62 15.91
C LEU B 706 7.37 14.77 15.63
N LYS B 707 8.56 14.48 15.08
CA LYS B 707 9.51 15.53 14.75
C LYS B 707 8.95 16.48 13.70
N SER B 708 8.27 15.94 12.69
CA SER B 708 7.68 16.78 11.65
C SER B 708 6.62 17.72 12.21
N ILE B 709 5.81 17.24 13.16
CA ILE B 709 4.81 18.08 13.79
C ILE B 709 5.44 19.12 14.70
N LEU B 710 6.46 18.73 15.46
CA LEU B 710 7.10 19.63 16.41
C LEU B 710 8.11 20.56 15.78
N PHE B 711 8.35 20.42 14.46
CA PHE B 711 9.19 21.38 13.75
C PHE B 711 8.65 22.80 13.87
N ASP B 712 7.34 22.96 13.80
CA ASP B 712 6.71 24.28 13.73
C ASP B 712 6.51 24.93 15.10
N TYR B 713 6.88 24.26 16.19
CA TYR B 713 6.66 24.79 17.53
C TYR B 713 7.94 25.42 18.06
N GLU B 714 7.87 25.89 19.31
CA GLU B 714 8.92 26.72 19.87
C GLU B 714 10.08 25.88 20.37
N ASN B 715 11.29 26.22 19.90
CA ASN B 715 12.58 25.67 20.32
C ASN B 715 12.61 24.14 20.24
N PRO B 716 12.63 23.56 19.04
CA PRO B 716 12.62 22.10 18.93
C PRO B 716 13.97 21.43 19.14
N ALA B 717 15.01 22.20 19.50
CA ALA B 717 16.33 21.61 19.72
C ALA B 717 16.42 20.87 21.04
N ARG B 718 15.71 21.34 22.07
CA ARG B 718 15.80 20.79 23.41
C ARG B 718 14.88 19.59 23.63
N ILE B 719 14.10 19.20 22.64
CA ILE B 719 13.13 18.12 22.78
C ILE B 719 13.78 16.81 22.35
N GLN B 720 13.93 15.88 23.30
CA GLN B 720 14.49 14.57 23.02
C GLN B 720 13.34 13.59 22.80
N ILE B 721 13.14 13.19 21.55
CA ILE B 721 12.03 12.34 21.16
C ILE B 721 12.55 10.92 20.98
N ASN B 722 11.92 9.97 21.67
CA ASN B 722 12.23 8.56 21.54
C ASN B 722 10.96 7.78 21.27
N GLY B 723 11.05 6.82 20.35
CA GLY B 723 9.90 6.01 19.98
C GLY B 723 10.35 4.66 19.48
N TYR B 724 9.54 4.06 18.62
CA TYR B 724 9.88 2.77 18.03
C TYR B 724 11.09 2.93 17.10
N GLU B 725 12.07 2.05 17.27
CA GLU B 725 13.34 2.15 16.55
C GLU B 725 13.60 0.96 15.65
N GLU B 726 12.54 0.24 15.26
CA GLU B 726 12.63 -0.95 14.38
C GLU B 726 13.56 -2.00 14.97
N LYS B 727 13.38 -2.30 16.25
CA LYS B 727 14.15 -3.33 16.95
C LYS B 727 13.21 -4.12 17.85
N GLY B 728 13.34 -5.43 17.83
CA GLY B 728 12.55 -6.27 18.70
C GLY B 728 12.45 -7.69 18.18
N SER B 729 11.91 -8.56 19.02
CA SER B 729 11.72 -9.96 18.70
C SER B 729 10.67 -10.53 19.65
N THR B 730 10.45 -11.84 19.55
CA THR B 730 9.51 -12.54 20.43
C THR B 730 10.13 -12.63 21.82
N THR B 731 9.68 -11.77 22.74
CA THR B 731 10.25 -11.69 24.07
C THR B 731 9.21 -11.08 25.01
N THR B 732 9.64 -10.77 26.23
CA THR B 732 8.77 -10.17 27.22
C THR B 732 8.46 -8.71 26.87
N PRO B 733 7.33 -8.19 27.33
CA PRO B 733 7.02 -6.76 27.07
C PRO B 733 8.06 -5.79 27.60
N PHE B 734 8.65 -6.08 28.76
CA PHE B 734 9.68 -5.18 29.29
C PHE B 734 10.93 -5.20 28.42
N ASP B 735 11.29 -6.37 27.89
CA ASP B 735 12.41 -6.45 26.96
C ASP B 735 12.13 -5.68 25.68
N MET B 736 10.89 -5.75 25.18
CA MET B 736 10.50 -4.98 24.01
C MET B 736 10.59 -3.48 24.28
N LEU B 737 10.20 -3.05 25.48
CA LEU B 737 10.30 -1.63 25.83
C LEU B 737 11.75 -1.20 25.99
N ALA B 738 12.60 -2.06 26.56
CA ALA B 738 13.99 -1.71 26.80
C ALA B 738 14.84 -1.75 25.54
N ARG B 739 14.44 -2.56 24.55
CA ARG B 739 15.21 -2.64 23.30
C ARG B 739 15.18 -1.32 22.55
N ASN B 740 14.04 -0.64 22.56
CA ASN B 740 13.88 0.64 21.88
C ASN B 740 14.17 1.84 22.78
N LYS B 741 14.77 1.60 23.96
CA LYS B 741 15.18 2.65 24.90
C LYS B 741 14.01 3.53 25.34
N VAL B 742 12.86 2.91 25.58
CA VAL B 742 11.68 3.63 26.04
C VAL B 742 11.11 2.97 27.29
N SER B 743 11.97 2.25 28.01
CA SER B 743 11.58 1.70 29.30
C SER B 743 11.65 2.77 30.38
N ARG B 744 11.17 2.44 31.58
CA ARG B 744 11.14 3.40 32.67
C ARG B 744 12.55 3.78 33.12
N TYR B 745 13.45 2.81 33.18
CA TYR B 745 14.83 3.10 33.58
C TYR B 745 15.55 3.92 32.52
N ASP B 746 15.30 3.66 31.24
CA ASP B 746 15.86 4.48 30.19
C ASP B 746 15.36 5.91 30.28
N ILE B 747 14.06 6.09 30.56
CA ILE B 747 13.47 7.42 30.66
C ILE B 747 14.08 8.18 31.83
N THR B 748 14.21 7.54 33.00
CA THR B 748 14.75 8.27 34.14
C THR B 748 16.24 8.52 34.00
N VAL B 749 16.97 7.63 33.33
CA VAL B 749 18.38 7.89 33.03
C VAL B 749 18.52 9.09 32.11
N ARG B 750 17.68 9.16 31.07
CA ARG B 750 17.70 10.29 30.15
C ARG B 750 17.35 11.60 30.87
N ALA B 751 16.36 11.56 31.76
CA ALA B 751 15.98 12.74 32.51
C ALA B 751 17.10 13.20 33.44
N LEU B 752 17.76 12.25 34.11
CA LEU B 752 18.86 12.59 35.00
C LEU B 752 20.03 13.18 34.22
N LYS B 753 20.32 12.64 33.03
CA LYS B 753 21.37 13.21 32.20
C LYS B 753 21.00 14.60 31.69
N SER B 754 19.72 14.82 31.38
CA SER B 754 19.30 16.13 30.88
C SER B 754 19.39 17.20 31.96
N VAL B 755 18.90 16.88 33.17
CA VAL B 755 18.85 17.89 34.23
C VAL B 755 20.25 18.22 34.75
N SER B 756 21.09 17.19 34.92
CA SER B 756 22.38 17.38 35.60
C SER B 756 23.32 18.22 34.75
N GLU B 757 23.90 19.25 35.37
CA GLU B 757 24.93 20.03 34.70
C GLU B 757 26.19 19.21 34.47
N GLY B 758 26.56 18.39 35.46
CA GLY B 758 27.68 17.48 35.33
C GLY B 758 27.28 16.05 35.59
N ASP B 759 28.06 15.10 35.09
CA ASP B 759 27.73 13.68 35.23
C ASP B 759 28.16 13.09 36.56
N LYS B 760 28.83 13.87 37.42
CA LYS B 760 29.32 13.37 38.69
C LYS B 760 28.37 13.64 39.85
N VAL B 761 27.18 14.18 39.59
CA VAL B 761 26.25 14.46 40.67
C VAL B 761 25.20 13.35 40.82
N PHE B 762 24.85 12.65 39.74
CA PHE B 762 23.85 11.59 39.78
C PHE B 762 24.40 10.30 39.18
N GLY B 763 25.71 10.08 39.29
CA GLY B 763 26.30 8.88 38.73
C GLY B 763 25.85 7.61 39.43
N SER B 764 25.72 7.66 40.75
CA SER B 764 25.26 6.50 41.49
C SER B 764 23.84 6.11 41.10
N LEU B 765 22.98 7.11 40.86
CA LEU B 765 21.59 6.82 40.49
C LEU B 765 21.49 6.16 39.12
N VAL B 766 22.21 6.68 38.13
CA VAL B 766 22.15 6.09 36.79
C VAL B 766 22.79 4.70 36.81
N LYS B 767 23.86 4.52 37.59
CA LYS B 767 24.43 3.18 37.74
C LYS B 767 23.43 2.20 38.36
N GLU B 768 22.70 2.65 39.39
CA GLU B 768 21.70 1.81 40.03
C GLU B 768 20.58 1.45 39.07
N TYR B 769 20.12 2.42 38.27
CA TYR B 769 19.03 2.15 37.34
C TYR B 769 19.47 1.22 36.21
N ARG B 770 20.71 1.38 35.74
CA ARG B 770 21.24 0.45 34.74
C ARG B 770 21.36 -0.96 35.32
N LYS B 771 21.80 -1.07 36.57
CA LYS B 771 21.87 -2.38 37.21
C LYS B 771 20.49 -3.00 37.38
N ARG B 772 19.49 -2.18 37.74
CA ARG B 772 18.13 -2.68 37.88
C ARG B 772 17.57 -3.18 36.54
N GLN B 773 17.81 -2.42 35.47
CA GLN B 773 17.38 -2.86 34.14
C GLN B 773 18.08 -4.13 33.72
N ASP B 774 19.39 -4.24 34.01
CA ASP B 774 20.13 -5.45 33.69
C ASP B 774 19.59 -6.65 34.45
N ASP B 775 19.27 -6.47 35.73
CA ASP B 775 18.71 -7.56 36.53
C ASP B 775 17.34 -7.98 36.00
N ALA B 776 16.51 -7.01 35.62
CA ALA B 776 15.19 -7.34 35.07
C ALA B 776 15.31 -8.10 33.75
N LEU B 777 16.23 -7.66 32.88
CA LEU B 777 16.42 -8.36 31.61
C LEU B 777 16.98 -9.76 31.83
N ARG B 778 17.88 -9.93 32.80
CA ARG B 778 18.41 -11.25 33.11
C ARG B 778 17.32 -12.17 33.65
N PHE B 779 16.45 -11.65 34.51
CA PHE B 779 15.34 -12.45 35.02
C PHE B 779 14.39 -12.86 33.88
N ALA B 780 14.10 -11.93 32.97
CA ALA B 780 13.24 -12.24 31.83
C ALA B 780 13.88 -13.30 30.93
N GLN B 781 15.20 -13.19 30.72
CA GLN B 781 15.90 -14.18 29.90
C GLN B 781 15.89 -15.56 30.55
N GLU B 782 16.13 -15.62 31.86
CA GLU B 782 16.25 -16.92 32.52
C GLU B 782 14.91 -17.59 32.74
N ASN B 783 13.85 -16.81 33.02
CA ASN B 783 12.59 -17.39 33.46
C ASN B 783 11.48 -17.32 32.41
N SER B 784 11.67 -16.58 31.32
CA SER B 784 10.65 -16.35 30.29
C SER B 784 9.39 -15.71 30.85
N VAL B 785 9.54 -14.96 31.94
CA VAL B 785 8.43 -14.31 32.62
C VAL B 785 8.98 -13.06 33.29
N ASP B 786 8.21 -11.97 33.24
CA ASP B 786 8.69 -10.69 33.77
C ASP B 786 8.87 -10.78 35.28
N ALA B 787 9.78 -9.93 35.78
CA ALA B 787 10.13 -9.94 37.20
C ALA B 787 8.93 -9.50 38.05
N PRO B 788 8.79 -10.06 39.26
CA PRO B 788 7.67 -9.66 40.13
C PRO B 788 7.69 -8.20 40.55
N GLU B 789 8.86 -7.53 40.49
CA GLU B 789 8.91 -6.11 40.80
C GLU B 789 8.14 -5.31 39.75
N ILE B 790 8.19 -5.73 38.50
CA ILE B 790 7.50 -5.02 37.41
C ILE B 790 6.05 -5.48 37.29
N GLU B 791 5.80 -6.77 37.49
CA GLU B 791 4.44 -7.30 37.31
C GLU B 791 3.49 -6.82 38.41
N ASN B 792 4.01 -6.57 39.61
CA ASN B 792 3.20 -6.14 40.75
C ASN B 792 3.49 -4.68 41.11
N TRP B 793 3.74 -3.85 40.11
CA TRP B 793 4.02 -2.45 40.35
C TRP B 793 2.77 -1.71 40.80
N ASP B 794 2.96 -0.71 41.65
CA ASP B 794 1.88 0.14 42.16
C ASP B 794 1.99 1.51 41.53
N TYR B 795 0.93 1.93 40.84
CA TYR B 795 0.92 3.19 40.12
C TYR B 795 0.15 4.25 40.91
N LEU B 796 0.11 5.46 40.37
CA LEU B 796 -0.66 6.55 40.94
C LEU B 796 -1.83 6.89 40.03
N ARG B 797 -2.85 7.50 40.61
CA ARG B 797 -4.09 7.81 39.92
C ARG B 797 -4.44 9.28 40.10
N PHE B 798 -5.17 9.81 39.11
CA PHE B 798 -5.77 11.14 39.20
C PHE B 798 -7.29 11.05 39.20
N PHE B 799 -7.83 9.94 39.69
CA PHE B 799 -9.26 9.67 39.68
C PHE B 799 -10.04 10.65 40.54
N1' HTL C . -3.62 -9.73 7.51
C2' HTL C . -2.51 -9.95 6.78
C2A HTL C . -2.34 -9.28 5.41
N3' HTL C . -1.54 -10.76 7.26
C4' HTL C . -1.67 -11.35 8.43
N4' HTL C . -0.62 -12.21 8.92
C5' HTL C . -2.79 -11.13 9.17
C6' HTL C . -3.76 -10.31 8.69
C35 HTL C . -2.98 -11.79 10.54
N3 HTL C . -3.07 -13.24 10.41
C2 HTL C . -2.13 -14.20 10.85
S1 HTL C . -2.67 -15.60 10.48
C5 HTL C . -3.99 -15.41 9.78
C4 HTL C . -4.26 -14.00 9.72
C4A HTL C . -5.50 -13.37 9.10
C5A HTL C . -4.89 -16.51 9.23
C5B HTL C . -4.14 -17.24 8.13
O5G HTL C . -5.05 -17.81 7.24
P1 HTL C . -4.67 -19.29 6.64
O11 HTL C . -3.64 -20.01 7.71
O12 HTL C . -5.92 -20.11 6.46
O13 HTL C . -3.98 -19.13 5.31
P2 HTL C . -3.64 -21.62 8.10
O21 HTL C . -5.05 -22.12 8.27
O22 HTL C . -2.96 -22.40 7.02
O23 HTL C . -2.90 -21.79 9.40
C1' HTL C . -0.80 -13.94 11.57
O2' HTL C . -0.11 -13.04 11.24
C3' HTL C . -0.39 -14.84 12.74
N1' HTL D . -1.07 1.99 -12.85
C2' HTL D . -2.21 2.15 -12.14
C2A HTL D . -2.46 1.31 -10.90
N3' HTL D . -3.13 3.07 -12.54
C4' HTL D . -2.92 3.80 -13.62
N4' HTL D . -3.92 4.77 -14.01
C5' HTL D . -1.78 3.64 -14.34
C6' HTL D . -0.86 2.72 -13.94
C35 HTL D . -1.50 4.47 -15.59
N3 HTL D . -2.48 4.22 -16.63
C2 HTL D . -3.47 5.13 -17.11
S1 HTL D . -4.30 4.42 -18.19
C5 HTL D . -3.74 3.01 -18.34
C4 HTL D . -2.66 2.87 -17.41
C4A HTL D . -1.82 1.61 -17.21
C5A HTL D . -4.25 1.94 -19.29
C5B HTL D . -5.37 1.18 -18.62
O5G HTL D . -5.53 -0.06 -19.25
P1 HTL D . -7.03 -0.41 -19.84
O11 HTL D . -7.85 0.99 -20.06
O12 HTL D . -6.91 -1.15 -21.15
O13 HTL D . -7.75 -1.28 -18.83
P2 HTL D . -8.30 1.57 -21.53
O21 HTL D . -7.17 1.39 -22.51
O22 HTL D . -9.51 0.80 -22.01
O23 HTL D . -8.64 3.03 -21.42
C1' HTL D . -3.68 6.57 -16.65
O2' HTL D . -3.67 6.84 -15.49
C3' HTL D . -3.91 7.67 -17.69
#